data_2PFS
# 
_entry.id   2PFS 
# 
_audit_conform.dict_name       mmcif_pdbx.dic 
_audit_conform.dict_version    5.398 
_audit_conform.dict_location   http://mmcif.pdb.org/dictionaries/ascii/mmcif_pdbx.dic 
# 
loop_
_database_2.database_id 
_database_2.database_code 
_database_2.pdbx_database_accession 
_database_2.pdbx_DOI 
PDB   2PFS         pdb_00002pfs 10.2210/pdb2pfs/pdb 
RCSB  RCSB042328   ?            ?                   
WWPDB D_1000042328 ?            ?                   
# 
loop_
_pdbx_audit_revision_history.ordinal 
_pdbx_audit_revision_history.data_content_type 
_pdbx_audit_revision_history.major_revision 
_pdbx_audit_revision_history.minor_revision 
_pdbx_audit_revision_history.revision_date 
1 'Structure model' 1 0 2007-05-08 
2 'Structure model' 1 1 2008-05-01 
3 'Structure model' 1 2 2011-07-13 
4 'Structure model' 1 3 2011-09-14 
5 'Structure model' 1 4 2013-04-17 
6 'Structure model' 1 5 2013-06-26 
7 'Structure model' 1 6 2022-04-13 
8 'Structure model' 1 7 2024-11-13 
# 
_pdbx_audit_revision_details.ordinal             1 
_pdbx_audit_revision_details.revision_ordinal    1 
_pdbx_audit_revision_details.data_content_type   'Structure model' 
_pdbx_audit_revision_details.provider            repository 
_pdbx_audit_revision_details.type                'Initial release' 
_pdbx_audit_revision_details.description         ? 
_pdbx_audit_revision_details.details             ? 
# 
loop_
_pdbx_audit_revision_group.ordinal 
_pdbx_audit_revision_group.revision_ordinal 
_pdbx_audit_revision_group.data_content_type 
_pdbx_audit_revision_group.group 
1  2 'Structure model' 'Version format compliance' 
2  3 'Structure model' Advisory                    
3  3 'Structure model' 'Version format compliance' 
4  4 'Structure model' 'Derived calculations'      
5  5 'Structure model' 'Database references'       
6  6 'Structure model' 'Database references'       
7  7 'Structure model' 'Database references'       
8  7 'Structure model' 'Derived calculations'      
9  7 'Structure model' 'Structure summary'         
10 8 'Structure model' 'Data collection'           
11 8 'Structure model' 'Structure summary'         
# 
loop_
_pdbx_audit_revision_category.ordinal 
_pdbx_audit_revision_category.revision_ordinal 
_pdbx_audit_revision_category.data_content_type 
_pdbx_audit_revision_category.category 
1  7 'Structure model' audit_author              
2  7 'Structure model' citation_author           
3  7 'Structure model' database_2                
4  7 'Structure model' struct_conn               
5  7 'Structure model' struct_ref_seq_dif        
6  7 'Structure model' struct_site               
7  8 'Structure model' chem_comp_atom            
8  8 'Structure model' chem_comp_bond            
9  8 'Structure model' pdbx_entry_details        
10 8 'Structure model' pdbx_modification_feature 
# 
loop_
_pdbx_audit_revision_item.ordinal 
_pdbx_audit_revision_item.revision_ordinal 
_pdbx_audit_revision_item.data_content_type 
_pdbx_audit_revision_item.item 
1 7 'Structure model' '_audit_author.identifier_ORCID'      
2 7 'Structure model' '_citation_author.identifier_ORCID'   
3 7 'Structure model' '_database_2.pdbx_DOI'                
4 7 'Structure model' '_database_2.pdbx_database_accession' 
5 7 'Structure model' '_struct_conn.pdbx_leaving_atom_flag' 
6 7 'Structure model' '_struct_ref_seq_dif.details'         
7 7 'Structure model' '_struct_site.pdbx_auth_asym_id'      
8 7 'Structure model' '_struct_site.pdbx_auth_comp_id'      
9 7 'Structure model' '_struct_site.pdbx_auth_seq_id'       
# 
_pdbx_database_status.status_code                     REL 
_pdbx_database_status.entry_id                        2PFS 
_pdbx_database_status.recvd_initial_deposition_date   2007-04-05 
_pdbx_database_status.deposit_site                    RCSB 
_pdbx_database_status.process_site                    RCSB 
_pdbx_database_status.status_code_sf                  REL 
_pdbx_database_status.status_code_mr                  ? 
_pdbx_database_status.SG_entry                        Y 
_pdbx_database_status.status_code_cs                  ? 
_pdbx_database_status.methods_development_category    ? 
_pdbx_database_status.pdb_format_compatible           Y 
_pdbx_database_status.status_code_nmr_data            ? 
# 
_pdbx_database_related.db_name        TargetDB 
_pdbx_database_related.db_id          APC6354 
_pdbx_database_related.details        . 
_pdbx_database_related.content_type   unspecified 
# 
loop_
_audit_author.name 
_audit_author.pdbx_ordinal 
_audit_author.identifier_ORCID 
'Chruszcz, M.'                                  1 ?                   
'Evdokimova, E.'                                2 ?                   
'Cymborowski, M.'                               3 ?                   
'Kagan, O.'                                     4 ?                   
'Savchenko, A.'                                 5 ?                   
'Edwards, A.'                                   6 ?                   
'Joachimiak, A.'                                7 ?                   
'Minor, W.'                                     8 0000-0001-7075-7090 
'Midwest Center for Structural Genomics (MCSG)' 9 ?                   
# 
_citation.id                        primary 
_citation.title                     'Structural and functional insight into the universal stress protein family.' 
_citation.journal_abbrev            'Evol Appl' 
_citation.journal_volume            6 
_citation.page_first                434 
_citation.page_last                 449 
_citation.year                      2013 
_citation.journal_id_ASTM           ? 
_citation.country                   UK 
_citation.journal_id_ISSN           1752-4571 
_citation.journal_id_CSD            ? 
_citation.book_publisher            ? 
_citation.pdbx_database_id_PubMed   23745136 
_citation.pdbx_database_id_DOI      10.1111/eva.12057 
# 
loop_
_citation_author.citation_id 
_citation_author.name 
_citation_author.ordinal 
_citation_author.identifier_ORCID 
primary 'Tkaczuk, K.L.'  1 ?                   
primary 'Shumilin, I.A.' 2 ?                   
primary 'Chruszcz, M.'   3 ?                   
primary 'Evdokimova, E.' 4 ?                   
primary 'Savchenko, A.'  5 ?                   
primary 'Minor, W.'      6 0000-0001-7075-7090 
# 
loop_
_entity.id 
_entity.type 
_entity.src_method 
_entity.pdbx_description 
_entity.formula_weight 
_entity.pdbx_number_of_molecules 
_entity.pdbx_ec 
_entity.pdbx_mutation 
_entity.pdbx_fragment 
_entity.details 
1 polymer     man 'Universal stress protein' 16756.553 1  ? ? ? ? 
2 non-polymer syn 'CHLORIDE ION'             35.453    2  ? ? ? ? 
3 water       nat water                      18.015    40 ? ? ? ? 
# 
_entity_name_com.entity_id   1 
_entity_name_com.name        Usp 
# 
_entity_poly.entity_id                      1 
_entity_poly.type                           'polypeptide(L)' 
_entity_poly.nstd_linkage                   no 
_entity_poly.nstd_monomer                   yes 
_entity_poly.pdbx_seq_one_letter_code       
;GH(MSE)SVYHHILLAVDFSSEDSQVVQKVRNLASQIGARLSLIHVLDNIP(MSE)PDTPYGTAIPLDTETTYDA(MSE)
LDVEKQKLSQIGNTLGIDPAHRWLVWGEPREEIIRIAEQENVDLIVVGSHGRHGLALLLGSTANSVLHYAKCDVLAVRLR
DD
;
_entity_poly.pdbx_seq_one_letter_code_can   
;GHMSVYHHILLAVDFSSEDSQVVQKVRNLASQIGARLSLIHVLDNIPMPDTPYGTAIPLDTETTYDAMLDVEKQKLSQIG
NTLGIDPAHRWLVWGEPREEIIRIAEQENVDLIVVGSHGRHGLALLLGSTANSVLHYAKCDVLAVRLRDD
;
_entity_poly.pdbx_strand_id                 A 
_entity_poly.pdbx_target_identifier         APC6354 
# 
loop_
_pdbx_entity_nonpoly.entity_id 
_pdbx_entity_nonpoly.name 
_pdbx_entity_nonpoly.comp_id 
2 'CHLORIDE ION' CL  
3 water          HOH 
# 
loop_
_entity_poly_seq.entity_id 
_entity_poly_seq.num 
_entity_poly_seq.mon_id 
_entity_poly_seq.hetero 
1 1   GLY n 
1 2   HIS n 
1 3   MSE n 
1 4   SER n 
1 5   VAL n 
1 6   TYR n 
1 7   HIS n 
1 8   HIS n 
1 9   ILE n 
1 10  LEU n 
1 11  LEU n 
1 12  ALA n 
1 13  VAL n 
1 14  ASP n 
1 15  PHE n 
1 16  SER n 
1 17  SER n 
1 18  GLU n 
1 19  ASP n 
1 20  SER n 
1 21  GLN n 
1 22  VAL n 
1 23  VAL n 
1 24  GLN n 
1 25  LYS n 
1 26  VAL n 
1 27  ARG n 
1 28  ASN n 
1 29  LEU n 
1 30  ALA n 
1 31  SER n 
1 32  GLN n 
1 33  ILE n 
1 34  GLY n 
1 35  ALA n 
1 36  ARG n 
1 37  LEU n 
1 38  SER n 
1 39  LEU n 
1 40  ILE n 
1 41  HIS n 
1 42  VAL n 
1 43  LEU n 
1 44  ASP n 
1 45  ASN n 
1 46  ILE n 
1 47  PRO n 
1 48  MSE n 
1 49  PRO n 
1 50  ASP n 
1 51  THR n 
1 52  PRO n 
1 53  TYR n 
1 54  GLY n 
1 55  THR n 
1 56  ALA n 
1 57  ILE n 
1 58  PRO n 
1 59  LEU n 
1 60  ASP n 
1 61  THR n 
1 62  GLU n 
1 63  THR n 
1 64  THR n 
1 65  TYR n 
1 66  ASP n 
1 67  ALA n 
1 68  MSE n 
1 69  LEU n 
1 70  ASP n 
1 71  VAL n 
1 72  GLU n 
1 73  LYS n 
1 74  GLN n 
1 75  LYS n 
1 76  LEU n 
1 77  SER n 
1 78  GLN n 
1 79  ILE n 
1 80  GLY n 
1 81  ASN n 
1 82  THR n 
1 83  LEU n 
1 84  GLY n 
1 85  ILE n 
1 86  ASP n 
1 87  PRO n 
1 88  ALA n 
1 89  HIS n 
1 90  ARG n 
1 91  TRP n 
1 92  LEU n 
1 93  VAL n 
1 94  TRP n 
1 95  GLY n 
1 96  GLU n 
1 97  PRO n 
1 98  ARG n 
1 99  GLU n 
1 100 GLU n 
1 101 ILE n 
1 102 ILE n 
1 103 ARG n 
1 104 ILE n 
1 105 ALA n 
1 106 GLU n 
1 107 GLN n 
1 108 GLU n 
1 109 ASN n 
1 110 VAL n 
1 111 ASP n 
1 112 LEU n 
1 113 ILE n 
1 114 VAL n 
1 115 VAL n 
1 116 GLY n 
1 117 SER n 
1 118 HIS n 
1 119 GLY n 
1 120 ARG n 
1 121 HIS n 
1 122 GLY n 
1 123 LEU n 
1 124 ALA n 
1 125 LEU n 
1 126 LEU n 
1 127 LEU n 
1 128 GLY n 
1 129 SER n 
1 130 THR n 
1 131 ALA n 
1 132 ASN n 
1 133 SER n 
1 134 VAL n 
1 135 LEU n 
1 136 HIS n 
1 137 TYR n 
1 138 ALA n 
1 139 LYS n 
1 140 CYS n 
1 141 ASP n 
1 142 VAL n 
1 143 LEU n 
1 144 ALA n 
1 145 VAL n 
1 146 ARG n 
1 147 LEU n 
1 148 ARG n 
1 149 ASP n 
1 150 ASP n 
# 
_entity_src_gen.entity_id                          1 
_entity_src_gen.pdbx_src_id                        1 
_entity_src_gen.pdbx_alt_source_flag               sample 
_entity_src_gen.pdbx_seq_type                      ? 
_entity_src_gen.pdbx_beg_seq_num                   ? 
_entity_src_gen.pdbx_end_seq_num                   ? 
_entity_src_gen.gene_src_common_name               ? 
_entity_src_gen.gene_src_genus                     Nitrosomonas 
_entity_src_gen.pdbx_gene_src_gene                 NE1028 
_entity_src_gen.gene_src_species                   'Nitrosomonas europaea' 
_entity_src_gen.gene_src_strain                    'IFO 14298' 
_entity_src_gen.gene_src_tissue                    ? 
_entity_src_gen.gene_src_tissue_fraction           ? 
_entity_src_gen.gene_src_details                   ? 
_entity_src_gen.pdbx_gene_src_fragment             ? 
_entity_src_gen.pdbx_gene_src_scientific_name      'Nitrosomonas europaea ATCC 19718' 
_entity_src_gen.pdbx_gene_src_ncbi_taxonomy_id     228410 
_entity_src_gen.pdbx_gene_src_variant              ? 
_entity_src_gen.pdbx_gene_src_cell_line            ? 
_entity_src_gen.pdbx_gene_src_atcc                 ? 
_entity_src_gen.pdbx_gene_src_organ                ? 
_entity_src_gen.pdbx_gene_src_organelle            ? 
_entity_src_gen.pdbx_gene_src_cell                 ? 
_entity_src_gen.pdbx_gene_src_cellular_location    ? 
_entity_src_gen.host_org_common_name               ? 
_entity_src_gen.pdbx_host_org_scientific_name      'Escherichia coli' 
_entity_src_gen.pdbx_host_org_ncbi_taxonomy_id     562 
_entity_src_gen.host_org_genus                     Escherichia 
_entity_src_gen.pdbx_host_org_gene                 ? 
_entity_src_gen.pdbx_host_org_organ                ? 
_entity_src_gen.host_org_species                   ? 
_entity_src_gen.pdbx_host_org_tissue               ? 
_entity_src_gen.pdbx_host_org_tissue_fraction      ? 
_entity_src_gen.pdbx_host_org_strain               'BL21-Gold(DE3)' 
_entity_src_gen.pdbx_host_org_variant              ? 
_entity_src_gen.pdbx_host_org_cell_line            ? 
_entity_src_gen.pdbx_host_org_atcc                 ? 
_entity_src_gen.pdbx_host_org_culture_collection   ? 
_entity_src_gen.pdbx_host_org_cell                 ? 
_entity_src_gen.pdbx_host_org_organelle            ? 
_entity_src_gen.pdbx_host_org_cellular_location    ? 
_entity_src_gen.pdbx_host_org_vector_type          plasmid 
_entity_src_gen.pdbx_host_org_vector               ? 
_entity_src_gen.host_org_details                   ? 
_entity_src_gen.expression_system_id               ? 
_entity_src_gen.plasmid_name                       p15TV-L 
_entity_src_gen.plasmid_details                    ? 
_entity_src_gen.pdbx_description                   ? 
# 
loop_
_chem_comp.id 
_chem_comp.type 
_chem_comp.mon_nstd_flag 
_chem_comp.name 
_chem_comp.pdbx_synonyms 
_chem_comp.formula 
_chem_comp.formula_weight 
ALA 'L-peptide linking' y ALANINE          ? 'C3 H7 N O2'     89.093  
ARG 'L-peptide linking' y ARGININE         ? 'C6 H15 N4 O2 1' 175.209 
ASN 'L-peptide linking' y ASPARAGINE       ? 'C4 H8 N2 O3'    132.118 
ASP 'L-peptide linking' y 'ASPARTIC ACID'  ? 'C4 H7 N O4'     133.103 
CL  non-polymer         . 'CHLORIDE ION'   ? 'Cl -1'          35.453  
CYS 'L-peptide linking' y CYSTEINE         ? 'C3 H7 N O2 S'   121.158 
GLN 'L-peptide linking' y GLUTAMINE        ? 'C5 H10 N2 O3'   146.144 
GLU 'L-peptide linking' y 'GLUTAMIC ACID'  ? 'C5 H9 N O4'     147.129 
GLY 'peptide linking'   y GLYCINE          ? 'C2 H5 N O2'     75.067  
HIS 'L-peptide linking' y HISTIDINE        ? 'C6 H10 N3 O2 1' 156.162 
HOH non-polymer         . WATER            ? 'H2 O'           18.015  
ILE 'L-peptide linking' y ISOLEUCINE       ? 'C6 H13 N O2'    131.173 
LEU 'L-peptide linking' y LEUCINE          ? 'C6 H13 N O2'    131.173 
LYS 'L-peptide linking' y LYSINE           ? 'C6 H15 N2 O2 1' 147.195 
MET 'L-peptide linking' y METHIONINE       ? 'C5 H11 N O2 S'  149.211 
MSE 'L-peptide linking' n SELENOMETHIONINE ? 'C5 H11 N O2 Se' 196.106 
PHE 'L-peptide linking' y PHENYLALANINE    ? 'C9 H11 N O2'    165.189 
PRO 'L-peptide linking' y PROLINE          ? 'C5 H9 N O2'     115.130 
SER 'L-peptide linking' y SERINE           ? 'C3 H7 N O3'     105.093 
THR 'L-peptide linking' y THREONINE        ? 'C4 H9 N O3'     119.119 
TRP 'L-peptide linking' y TRYPTOPHAN       ? 'C11 H12 N2 O2'  204.225 
TYR 'L-peptide linking' y TYROSINE         ? 'C9 H11 N O3'    181.189 
VAL 'L-peptide linking' y VALINE           ? 'C5 H11 N O2'    117.146 
# 
loop_
_pdbx_poly_seq_scheme.asym_id 
_pdbx_poly_seq_scheme.entity_id 
_pdbx_poly_seq_scheme.seq_id 
_pdbx_poly_seq_scheme.mon_id 
_pdbx_poly_seq_scheme.ndb_seq_num 
_pdbx_poly_seq_scheme.pdb_seq_num 
_pdbx_poly_seq_scheme.auth_seq_num 
_pdbx_poly_seq_scheme.pdb_mon_id 
_pdbx_poly_seq_scheme.auth_mon_id 
_pdbx_poly_seq_scheme.pdb_strand_id 
_pdbx_poly_seq_scheme.pdb_ins_code 
_pdbx_poly_seq_scheme.hetero 
A 1 1   GLY 1   -1  ?   ?   ?   A . n 
A 1 2   HIS 2   0   ?   ?   ?   A . n 
A 1 3   MSE 3   1   1   MSE MSE A . n 
A 1 4   SER 4   2   2   SER SER A . n 
A 1 5   VAL 5   3   3   VAL VAL A . n 
A 1 6   TYR 6   4   4   TYR TYR A . n 
A 1 7   HIS 7   5   5   HIS HIS A . n 
A 1 8   HIS 8   6   6   HIS HIS A . n 
A 1 9   ILE 9   7   7   ILE ILE A . n 
A 1 10  LEU 10  8   8   LEU LEU A . n 
A 1 11  LEU 11  9   9   LEU LEU A . n 
A 1 12  ALA 12  10  10  ALA ALA A . n 
A 1 13  VAL 13  11  11  VAL VAL A . n 
A 1 14  ASP 14  12  12  ASP ASP A . n 
A 1 15  PHE 15  13  13  PHE PHE A . n 
A 1 16  SER 16  14  14  SER SER A . n 
A 1 17  SER 17  15  15  SER SER A . n 
A 1 18  GLU 18  16  16  GLU GLU A . n 
A 1 19  ASP 19  17  17  ASP ASP A . n 
A 1 20  SER 20  18  18  SER SER A . n 
A 1 21  GLN 21  19  19  GLN GLN A . n 
A 1 22  VAL 22  20  20  VAL VAL A . n 
A 1 23  VAL 23  21  21  VAL VAL A . n 
A 1 24  GLN 24  22  22  GLN GLN A . n 
A 1 25  LYS 25  23  23  LYS LYS A . n 
A 1 26  VAL 26  24  24  VAL VAL A . n 
A 1 27  ARG 27  25  25  ARG ARG A . n 
A 1 28  ASN 28  26  26  ASN ASN A . n 
A 1 29  LEU 29  27  27  LEU LEU A . n 
A 1 30  ALA 30  28  28  ALA ALA A . n 
A 1 31  SER 31  29  29  SER SER A . n 
A 1 32  GLN 32  30  30  GLN GLN A . n 
A 1 33  ILE 33  31  31  ILE ILE A . n 
A 1 34  GLY 34  32  32  GLY GLY A . n 
A 1 35  ALA 35  33  33  ALA ALA A . n 
A 1 36  ARG 36  34  34  ARG ARG A . n 
A 1 37  LEU 37  35  35  LEU LEU A . n 
A 1 38  SER 38  36  36  SER SER A . n 
A 1 39  LEU 39  37  37  LEU LEU A . n 
A 1 40  ILE 40  38  38  ILE ILE A . n 
A 1 41  HIS 41  39  39  HIS HIS A . n 
A 1 42  VAL 42  40  40  VAL VAL A . n 
A 1 43  LEU 43  41  41  LEU LEU A . n 
A 1 44  ASP 44  42  42  ASP ASP A . n 
A 1 45  ASN 45  43  ?   ?   ?   A . n 
A 1 46  ILE 46  44  ?   ?   ?   A . n 
A 1 47  PRO 47  45  ?   ?   ?   A . n 
A 1 48  MSE 48  46  ?   ?   ?   A . n 
A 1 49  PRO 49  47  ?   ?   ?   A . n 
A 1 50  ASP 50  48  ?   ?   ?   A . n 
A 1 51  THR 51  49  ?   ?   ?   A . n 
A 1 52  PRO 52  50  ?   ?   ?   A . n 
A 1 53  TYR 53  51  ?   ?   ?   A . n 
A 1 54  GLY 54  52  ?   ?   ?   A . n 
A 1 55  THR 55  53  53  THR THR A . n 
A 1 56  ALA 56  54  54  ALA ALA A . n 
A 1 57  ILE 57  55  55  ILE ILE A . n 
A 1 58  PRO 58  56  56  PRO PRO A . n 
A 1 59  LEU 59  57  57  LEU LEU A . n 
A 1 60  ASP 60  58  58  ASP ASP A . n 
A 1 61  THR 61  59  59  THR THR A . n 
A 1 62  GLU 62  60  60  GLU GLU A . n 
A 1 63  THR 63  61  61  THR THR A . n 
A 1 64  THR 64  62  62  THR THR A . n 
A 1 65  TYR 65  63  63  TYR TYR A . n 
A 1 66  ASP 66  64  64  ASP ASP A . n 
A 1 67  ALA 67  65  65  ALA ALA A . n 
A 1 68  MSE 68  66  66  MSE MSE A . n 
A 1 69  LEU 69  67  67  LEU LEU A . n 
A 1 70  ASP 70  68  68  ASP ASP A . n 
A 1 71  VAL 71  69  69  VAL VAL A . n 
A 1 72  GLU 72  70  70  GLU GLU A . n 
A 1 73  LYS 73  71  71  LYS LYS A . n 
A 1 74  GLN 74  72  72  GLN GLN A . n 
A 1 75  LYS 75  73  73  LYS LYS A . n 
A 1 76  LEU 76  74  74  LEU LEU A . n 
A 1 77  SER 77  75  75  SER SER A . n 
A 1 78  GLN 78  76  76  GLN GLN A . n 
A 1 79  ILE 79  77  77  ILE ILE A . n 
A 1 80  GLY 80  78  78  GLY GLY A . n 
A 1 81  ASN 81  79  79  ASN ASN A . n 
A 1 82  THR 82  80  80  THR THR A . n 
A 1 83  LEU 83  81  81  LEU LEU A . n 
A 1 84  GLY 84  82  82  GLY GLY A . n 
A 1 85  ILE 85  83  83  ILE ILE A . n 
A 1 86  ASP 86  84  84  ASP ASP A . n 
A 1 87  PRO 87  85  85  PRO PRO A . n 
A 1 88  ALA 88  86  86  ALA ALA A . n 
A 1 89  HIS 89  87  87  HIS HIS A . n 
A 1 90  ARG 90  88  88  ARG ARG A . n 
A 1 91  TRP 91  89  89  TRP TRP A . n 
A 1 92  LEU 92  90  90  LEU LEU A . n 
A 1 93  VAL 93  91  91  VAL VAL A . n 
A 1 94  TRP 94  92  92  TRP TRP A . n 
A 1 95  GLY 95  93  93  GLY GLY A . n 
A 1 96  GLU 96  94  94  GLU GLU A . n 
A 1 97  PRO 97  95  95  PRO PRO A . n 
A 1 98  ARG 98  96  96  ARG ARG A . n 
A 1 99  GLU 99  97  97  GLU GLU A . n 
A 1 100 GLU 100 98  98  GLU GLU A . n 
A 1 101 ILE 101 99  99  ILE ILE A . n 
A 1 102 ILE 102 100 100 ILE ILE A . n 
A 1 103 ARG 103 101 101 ARG ARG A . n 
A 1 104 ILE 104 102 102 ILE ILE A . n 
A 1 105 ALA 105 103 103 ALA ALA A . n 
A 1 106 GLU 106 104 104 GLU GLU A . n 
A 1 107 GLN 107 105 105 GLN GLN A . n 
A 1 108 GLU 108 106 106 GLU GLU A . n 
A 1 109 ASN 109 107 107 ASN ASN A . n 
A 1 110 VAL 110 108 108 VAL VAL A . n 
A 1 111 ASP 111 109 109 ASP ASP A . n 
A 1 112 LEU 112 110 110 LEU LEU A . n 
A 1 113 ILE 113 111 111 ILE ILE A . n 
A 1 114 VAL 114 112 112 VAL VAL A . n 
A 1 115 VAL 115 113 113 VAL VAL A . n 
A 1 116 GLY 116 114 114 GLY GLY A . n 
A 1 117 SER 117 115 115 SER SER A . n 
A 1 118 HIS 118 116 116 HIS HIS A . n 
A 1 119 GLY 119 117 ?   ?   ?   A . n 
A 1 120 ARG 120 118 ?   ?   ?   A . n 
A 1 121 HIS 121 119 ?   ?   ?   A . n 
A 1 122 GLY 122 120 ?   ?   ?   A . n 
A 1 123 LEU 123 121 ?   ?   ?   A . n 
A 1 124 ALA 124 122 ?   ?   ?   A . n 
A 1 125 LEU 125 123 ?   ?   ?   A . n 
A 1 126 LEU 126 124 ?   ?   ?   A . n 
A 1 127 LEU 127 125 ?   ?   ?   A . n 
A 1 128 GLY 128 126 ?   ?   ?   A . n 
A 1 129 SER 129 127 127 SER SER A . n 
A 1 130 THR 130 128 128 THR THR A . n 
A 1 131 ALA 131 129 129 ALA ALA A . n 
A 1 132 ASN 132 130 130 ASN ASN A . n 
A 1 133 SER 133 131 131 SER SER A . n 
A 1 134 VAL 134 132 132 VAL VAL A . n 
A 1 135 LEU 135 133 133 LEU LEU A . n 
A 1 136 HIS 136 134 134 HIS HIS A . n 
A 1 137 TYR 137 135 135 TYR TYR A . n 
A 1 138 ALA 138 136 136 ALA ALA A . n 
A 1 139 LYS 139 137 137 LYS LYS A . n 
A 1 140 CYS 140 138 138 CYS CYS A . n 
A 1 141 ASP 141 139 139 ASP ASP A . n 
A 1 142 VAL 142 140 140 VAL VAL A . n 
A 1 143 LEU 143 141 141 LEU LEU A . n 
A 1 144 ALA 144 142 142 ALA ALA A . n 
A 1 145 VAL 145 143 143 VAL VAL A . n 
A 1 146 ARG 146 144 144 ARG ARG A . n 
A 1 147 LEU 147 145 145 LEU LEU A . n 
A 1 148 ARG 148 146 ?   ?   ?   A . n 
A 1 149 ASP 149 147 ?   ?   ?   A . n 
A 1 150 ASP 150 148 ?   ?   ?   A . n 
# 
loop_
_pdbx_nonpoly_scheme.asym_id 
_pdbx_nonpoly_scheme.entity_id 
_pdbx_nonpoly_scheme.mon_id 
_pdbx_nonpoly_scheme.ndb_seq_num 
_pdbx_nonpoly_scheme.pdb_seq_num 
_pdbx_nonpoly_scheme.auth_seq_num 
_pdbx_nonpoly_scheme.pdb_mon_id 
_pdbx_nonpoly_scheme.auth_mon_id 
_pdbx_nonpoly_scheme.pdb_strand_id 
_pdbx_nonpoly_scheme.pdb_ins_code 
B 2 CL  1  149 1  CL  CL  A . 
C 2 CL  1  150 1  CL  CL  A . 
D 3 HOH 1  151 4  HOH HOH A . 
D 3 HOH 2  152 6  HOH HOH A . 
D 3 HOH 3  153 8  HOH HOH A . 
D 3 HOH 4  154 10 HOH HOH A . 
D 3 HOH 5  155 11 HOH HOH A . 
D 3 HOH 6  156 12 HOH HOH A . 
D 3 HOH 7  157 14 HOH HOH A . 
D 3 HOH 8  158 15 HOH HOH A . 
D 3 HOH 9  159 18 HOH HOH A . 
D 3 HOH 10 160 19 HOH HOH A . 
D 3 HOH 11 161 20 HOH HOH A . 
D 3 HOH 12 162 25 HOH HOH A . 
D 3 HOH 13 163 30 HOH HOH A . 
D 3 HOH 14 164 31 HOH HOH A . 
D 3 HOH 15 165 33 HOH HOH A . 
D 3 HOH 16 166 34 HOH HOH A . 
D 3 HOH 17 167 38 HOH HOH A . 
D 3 HOH 18 168 50 HOH HOH A . 
D 3 HOH 19 169 56 HOH HOH A . 
D 3 HOH 20 170 57 HOH HOH A . 
D 3 HOH 21 171 59 HOH HOH A . 
D 3 HOH 22 172 60 HOH HOH A . 
D 3 HOH 23 173 63 HOH HOH A . 
D 3 HOH 24 174 64 HOH HOH A . 
D 3 HOH 25 175 65 HOH HOH A . 
D 3 HOH 26 176 66 HOH HOH A . 
D 3 HOH 27 177 67 HOH HOH A . 
D 3 HOH 28 178 68 HOH HOH A . 
D 3 HOH 29 179 70 HOH HOH A . 
D 3 HOH 30 180 71 HOH HOH A . 
D 3 HOH 31 181 72 HOH HOH A . 
D 3 HOH 32 182 73 HOH HOH A . 
D 3 HOH 33 183 74 HOH HOH A . 
D 3 HOH 34 184 75 HOH HOH A . 
D 3 HOH 35 185 76 HOH HOH A . 
D 3 HOH 36 186 2  HOH HOH A . 
D 3 HOH 37 187 3  HOH HOH A . 
D 3 HOH 38 188 4  HOH HOH A . 
D 3 HOH 39 189 6  HOH HOH A . 
D 3 HOH 40 190 7  HOH HOH A . 
# 
loop_
_pdbx_unobs_or_zero_occ_atoms.id 
_pdbx_unobs_or_zero_occ_atoms.PDB_model_num 
_pdbx_unobs_or_zero_occ_atoms.polymer_flag 
_pdbx_unobs_or_zero_occ_atoms.occupancy_flag 
_pdbx_unobs_or_zero_occ_atoms.auth_asym_id 
_pdbx_unobs_or_zero_occ_atoms.auth_comp_id 
_pdbx_unobs_or_zero_occ_atoms.auth_seq_id 
_pdbx_unobs_or_zero_occ_atoms.PDB_ins_code 
_pdbx_unobs_or_zero_occ_atoms.auth_atom_id 
_pdbx_unobs_or_zero_occ_atoms.label_alt_id 
_pdbx_unobs_or_zero_occ_atoms.label_asym_id 
_pdbx_unobs_or_zero_occ_atoms.label_comp_id 
_pdbx_unobs_or_zero_occ_atoms.label_seq_id 
_pdbx_unobs_or_zero_occ_atoms.label_atom_id 
1  1 Y 1 A MSE 1   ? CG  ? A MSE 3   CG  
2  1 Y 1 A MSE 1   ? SE  ? A MSE 3   SE  
3  1 Y 1 A MSE 1   ? CE  ? A MSE 3   CE  
4  1 Y 1 A GLU 94  ? CG  ? A GLU 96  CG  
5  1 Y 1 A GLU 94  ? CD  ? A GLU 96  CD  
6  1 Y 1 A GLU 94  ? OE1 ? A GLU 96  OE1 
7  1 Y 1 A GLU 94  ? OE2 ? A GLU 96  OE2 
8  1 Y 1 A ARG 96  ? CG  ? A ARG 98  CG  
9  1 Y 1 A ARG 96  ? CD  ? A ARG 98  CD  
10 1 Y 1 A ARG 96  ? NE  ? A ARG 98  NE  
11 1 Y 1 A ARG 96  ? CZ  ? A ARG 98  CZ  
12 1 Y 1 A ARG 96  ? NH1 ? A ARG 98  NH1 
13 1 Y 1 A ARG 96  ? NH2 ? A ARG 98  NH2 
14 1 Y 1 A GLU 104 ? CG  ? A GLU 106 CG  
15 1 Y 1 A GLU 104 ? CD  ? A GLU 106 CD  
16 1 Y 1 A GLU 104 ? OE1 ? A GLU 106 OE1 
17 1 Y 1 A GLU 104 ? OE2 ? A GLU 106 OE2 
18 1 Y 1 A SER 127 ? OG  ? A SER 129 OG  
19 1 Y 1 A ASN 130 ? CG  ? A ASN 132 CG  
20 1 Y 1 A ASN 130 ? OD1 ? A ASN 132 OD1 
21 1 Y 1 A ASN 130 ? ND2 ? A ASN 132 ND2 
22 1 Y 1 A SER 131 ? OG  ? A SER 133 OG  
23 1 Y 1 A HIS 134 ? CG  ? A HIS 136 CG  
24 1 Y 1 A HIS 134 ? ND1 ? A HIS 136 ND1 
25 1 Y 1 A HIS 134 ? CD2 ? A HIS 136 CD2 
26 1 Y 1 A HIS 134 ? CE1 ? A HIS 136 CE1 
27 1 Y 1 A HIS 134 ? NE2 ? A HIS 136 NE2 
28 1 Y 1 A TYR 135 ? CG  ? A TYR 137 CG  
29 1 Y 1 A TYR 135 ? CD1 ? A TYR 137 CD1 
30 1 Y 1 A TYR 135 ? CD2 ? A TYR 137 CD2 
31 1 Y 1 A TYR 135 ? CE1 ? A TYR 137 CE1 
32 1 Y 1 A TYR 135 ? CE2 ? A TYR 137 CE2 
33 1 Y 1 A TYR 135 ? CZ  ? A TYR 137 CZ  
34 1 Y 1 A TYR 135 ? OH  ? A TYR 137 OH  
35 1 Y 1 A LYS 137 ? CG  ? A LYS 139 CG  
36 1 Y 1 A LYS 137 ? CD  ? A LYS 139 CD  
37 1 Y 1 A LYS 137 ? CE  ? A LYS 139 CE  
38 1 Y 1 A LYS 137 ? NZ  ? A LYS 139 NZ  
39 1 Y 1 A ARG 144 ? CG  ? A ARG 146 CG  
40 1 Y 1 A ARG 144 ? CD  ? A ARG 146 CD  
41 1 Y 1 A ARG 144 ? NE  ? A ARG 146 NE  
42 1 Y 1 A ARG 144 ? CZ  ? A ARG 146 CZ  
43 1 Y 1 A ARG 144 ? NH1 ? A ARG 146 NH1 
44 1 Y 1 A ARG 144 ? NH2 ? A ARG 146 NH2 
# 
loop_
_software.name 
_software.classification 
_software.version 
_software.citation_id 
_software.pdbx_ordinal 
REFMAC   refinement        5.2.0005 ? 1  
HKL-2000 'data collection' .        ? 2  
HKL-2000 'data reduction'  .        ? 3  
HKL-2000 'data scaling'    .        ? 4  
HKL-3000 phasing           .        ? 5  
SHELXD   phasing           .        ? 6  
SHELXE   'model building'  .        ? 7  
CCP4     phasing           .        ? 8  
MLPHARE  phasing           .        ? 9  
DM       phasing           .        ? 10 
O        'model building'  .        ? 11 
Coot     'model building'  .        ? 12 
SOLVE    phasing           .        ? 13 
RESOLVE  phasing           .        ? 14 
ARP/wARP 'model building'  .        ? 15 
# 
_cell.entry_id           2PFS 
_cell.length_a           76.000 
_cell.length_b           76.000 
_cell.length_c           42.987 
_cell.angle_alpha        90.00 
_cell.angle_beta         90.00 
_cell.angle_gamma        120.00 
_cell.Z_PDB              6 
_cell.pdbx_unique_axis   ? 
_cell.length_a_esd       ? 
_cell.length_b_esd       ? 
_cell.length_c_esd       ? 
_cell.angle_alpha_esd    ? 
_cell.angle_beta_esd     ? 
_cell.angle_gamma_esd    ? 
# 
_symmetry.entry_id                         2PFS 
_symmetry.space_group_name_H-M             'P 3 2 1' 
_symmetry.pdbx_full_space_group_name_H-M   ? 
_symmetry.cell_setting                     ? 
_symmetry.Int_Tables_number                150 
_symmetry.space_group_name_Hall            ? 
# 
_exptl.entry_id          2PFS 
_exptl.method            'X-RAY DIFFRACTION' 
_exptl.crystals_number   1 
# 
_exptl_crystal.id                    1 
_exptl_crystal.density_meas          ? 
_exptl_crystal.density_Matthews      2.14 
_exptl_crystal.density_percent_sol   42.47 
_exptl_crystal.description           ? 
_exptl_crystal.F_000                 ? 
_exptl_crystal.preparation           ? 
# 
_exptl_crystal_grow.crystal_id      1 
_exptl_crystal_grow.method          'VAPOR DIFFUSION' 
_exptl_crystal_grow.temp            293 
_exptl_crystal_grow.temp_details    ? 
_exptl_crystal_grow.pH              7.5 
_exptl_crystal_grow.pdbx_details    
'0.2M Sodium chloride, 0.1M HEPES pH 7.5, 25% PEG3350, 2% Isopropanol, VAPOR DIFFUSION, temperature 293K' 
_exptl_crystal_grow.pdbx_pH_range   . 
# 
_diffrn.id                     1 
_diffrn.ambient_temp           100 
_diffrn.ambient_temp_details   ? 
_diffrn.crystal_id             1 
# 
_diffrn_detector.diffrn_id              1 
_diffrn_detector.detector               CCD 
_diffrn_detector.type                   'ADSC QUANTUM 315' 
_diffrn_detector.pdbx_collection_date   2007-02-08 
_diffrn_detector.details                Mirrors 
# 
_diffrn_radiation.diffrn_id                        1 
_diffrn_radiation.wavelength_id                    1 
_diffrn_radiation.pdbx_monochromatic_or_laue_m_l   M 
_diffrn_radiation.monochromator                    'Si 111 CHANNEL' 
_diffrn_radiation.pdbx_diffrn_protocol             'SINGLE WAVELENGTH' 
_diffrn_radiation.pdbx_scattering_type             x-ray 
# 
_diffrn_radiation_wavelength.id           1 
_diffrn_radiation_wavelength.wavelength   0.97918 
_diffrn_radiation_wavelength.wt           1.0 
# 
_diffrn_source.diffrn_id                   1 
_diffrn_source.source                      SYNCHROTRON 
_diffrn_source.type                        'APS BEAMLINE 19-ID' 
_diffrn_source.pdbx_synchrotron_site       APS 
_diffrn_source.pdbx_synchrotron_beamline   19-ID 
_diffrn_source.pdbx_wavelength             ? 
_diffrn_source.pdbx_wavelength_list        0.97918 
# 
_reflns.entry_id                     2PFS 
_reflns.observed_criterion_sigma_F   0 
_reflns.observed_criterion_sigma_I   -3 
_reflns.d_resolution_high            2.25 
_reflns.d_resolution_low             50.0 
_reflns.number_all                   6882 
_reflns.number_obs                   6882 
_reflns.percent_possible_obs         97.6 
_reflns.pdbx_Rmerge_I_obs            0.06 
_reflns.pdbx_Rsym_value              0.06 
_reflns.pdbx_netI_over_sigmaI        58.5 
_reflns.B_iso_Wilson_estimate        ? 
_reflns.pdbx_redundancy              11.1 
_reflns.R_free_details               ? 
_reflns.limit_h_max                  ? 
_reflns.limit_h_min                  ? 
_reflns.limit_k_max                  ? 
_reflns.limit_k_min                  ? 
_reflns.limit_l_max                  ? 
_reflns.limit_l_min                  ? 
_reflns.observed_criterion_F_max     ? 
_reflns.observed_criterion_F_min     ? 
_reflns.pdbx_chi_squared             ? 
_reflns.pdbx_scaling_rejects         ? 
_reflns.pdbx_ordinal                 1 
_reflns.pdbx_diffrn_id               1 
# 
_reflns_shell.d_res_high             2.25 
_reflns_shell.d_res_low              2.29 
_reflns_shell.percent_possible_all   81.5 
_reflns_shell.Rmerge_I_obs           0.486 
_reflns_shell.pdbx_Rsym_value        0.486 
_reflns_shell.meanI_over_sigI_obs    2.9 
_reflns_shell.pdbx_redundancy        7.7 
_reflns_shell.percent_possible_obs   ? 
_reflns_shell.number_unique_all      277 
_reflns_shell.number_measured_all    ? 
_reflns_shell.number_measured_obs    ? 
_reflns_shell.number_unique_obs      ? 
_reflns_shell.pdbx_chi_squared       ? 
_reflns_shell.pdbx_ordinal           1 
_reflns_shell.pdbx_diffrn_id         1 
# 
_refine.entry_id                                 2PFS 
_refine.ls_number_reflns_obs                     6538 
_refine.ls_number_reflns_all                     6538 
_refine.pdbx_ls_sigma_I                          0 
_refine.pdbx_ls_sigma_F                          0 
_refine.pdbx_data_cutoff_high_absF               ? 
_refine.pdbx_data_cutoff_low_absF                ? 
_refine.pdbx_data_cutoff_high_rms_absF           ? 
_refine.ls_d_res_low                             50.00 
_refine.ls_d_res_high                            2.25 
_refine.ls_percent_reflns_obs                    97.57 
_refine.ls_R_factor_obs                          0.19758 
_refine.ls_R_factor_all                          0.19758 
_refine.ls_R_factor_R_work                       0.19471 
_refine.ls_R_factor_R_free                       0.25455 
_refine.ls_R_factor_R_free_error                 ? 
_refine.ls_R_factor_R_free_error_details         ? 
_refine.ls_percent_reflns_R_free                 4.8 
_refine.ls_number_reflns_R_free                  329 
_refine.ls_number_parameters                     ? 
_refine.ls_number_restraints                     ? 
_refine.occupancy_min                            ? 
_refine.occupancy_max                            ? 
_refine.correlation_coeff_Fo_to_Fc               0.951 
_refine.correlation_coeff_Fo_to_Fc_free          0.927 
_refine.B_iso_mean                               52.420 
_refine.aniso_B[1][1]                            -1.80 
_refine.aniso_B[2][2]                            -1.80 
_refine.aniso_B[3][3]                            2.70 
_refine.aniso_B[1][2]                            -0.90 
_refine.aniso_B[1][3]                            0.00 
_refine.aniso_B[2][3]                            0.00 
_refine.solvent_model_details                    MASK 
_refine.solvent_model_param_ksol                 ? 
_refine.solvent_model_param_bsol                 ? 
_refine.pdbx_solvent_vdw_probe_radii             1.20 
_refine.pdbx_solvent_ion_probe_radii             0.80 
_refine.pdbx_solvent_shrinkage_radii             0.80 
_refine.pdbx_ls_cross_valid_method               THROUGHOUT 
_refine.details                                  'HYDROGENS HAVE BEEN ADDED IN THE RIDING POSITIONS' 
_refine.pdbx_starting_model                      ? 
_refine.pdbx_method_to_determine_struct          SAD 
_refine.pdbx_isotropic_thermal_model             ? 
_refine.pdbx_stereochemistry_target_values       'MAXIMUM LIKELIHOOD' 
_refine.pdbx_stereochem_target_val_spec_case     ? 
_refine.pdbx_R_Free_selection_details            RANDOM 
_refine.pdbx_overall_ESU_R                       0.277 
_refine.pdbx_overall_ESU_R_Free                  0.228 
_refine.overall_SU_ML                            0.141 
_refine.overall_SU_B                             11.231 
_refine.ls_redundancy_reflns_obs                 ? 
_refine.B_iso_min                                ? 
_refine.B_iso_max                                ? 
_refine.overall_SU_R_Cruickshank_DPI             ? 
_refine.overall_SU_R_free                        ? 
_refine.ls_wR_factor_R_free                      ? 
_refine.ls_wR_factor_R_work                      ? 
_refine.overall_FOM_free_R_set                   ? 
_refine.overall_FOM_work_R_set                   ? 
_refine.pdbx_refine_id                           'X-RAY DIFFRACTION' 
_refine.pdbx_TLS_residual_ADP_flag               'LIKELY RESIDUAL' 
_refine.pdbx_diffrn_id                           1 
_refine.pdbx_overall_phase_error                 ? 
_refine.pdbx_overall_SU_R_free_Cruickshank_DPI   ? 
_refine.pdbx_overall_SU_R_Blow_DPI               ? 
_refine.pdbx_overall_SU_R_free_Blow_DPI          ? 
# 
_refine_hist.pdbx_refine_id                   'X-RAY DIFFRACTION' 
_refine_hist.cycle_id                         LAST 
_refine_hist.pdbx_number_atoms_protein        936 
_refine_hist.pdbx_number_atoms_nucleic_acid   0 
_refine_hist.pdbx_number_atoms_ligand         2 
_refine_hist.number_atoms_solvent             40 
_refine_hist.number_atoms_total               978 
_refine_hist.d_res_high                       2.25 
_refine_hist.d_res_low                        50.00 
# 
loop_
_refine_ls_restr.type 
_refine_ls_restr.dev_ideal 
_refine_ls_restr.dev_ideal_target 
_refine_ls_restr.weight 
_refine_ls_restr.number 
_refine_ls_restr.pdbx_refine_id 
_refine_ls_restr.pdbx_restraint_function 
r_bond_refined_d             0.017  0.021  ? 957  'X-RAY DIFFRACTION' ? 
r_bond_other_d               ?      ?      ? ?    'X-RAY DIFFRACTION' ? 
r_angle_refined_deg          1.563  1.953  ? 1308 'X-RAY DIFFRACTION' ? 
r_angle_other_deg            ?      ?      ? ?    'X-RAY DIFFRACTION' ? 
r_dihedral_angle_1_deg       8.463  5.000  ? 124  'X-RAY DIFFRACTION' ? 
r_dihedral_angle_2_deg       38.880 25.263 ? 38   'X-RAY DIFFRACTION' ? 
r_dihedral_angle_3_deg       13.601 15.000 ? 154  'X-RAY DIFFRACTION' ? 
r_dihedral_angle_4_deg       13.282 15.000 ? 4    'X-RAY DIFFRACTION' ? 
r_chiral_restr               0.113  0.200  ? 167  'X-RAY DIFFRACTION' ? 
r_gen_planes_refined         0.006  0.020  ? 697  'X-RAY DIFFRACTION' ? 
r_gen_planes_other           ?      ?      ? ?    'X-RAY DIFFRACTION' ? 
r_nbd_refined                0.214  0.200  ? 397  'X-RAY DIFFRACTION' ? 
r_nbd_other                  ?      ?      ? ?    'X-RAY DIFFRACTION' ? 
r_nbtor_refined              0.302  0.200  ? 669  'X-RAY DIFFRACTION' ? 
r_nbtor_other                ?      ?      ? ?    'X-RAY DIFFRACTION' ? 
r_xyhbond_nbd_refined        0.136  0.200  ? 51   'X-RAY DIFFRACTION' ? 
r_xyhbond_nbd_other          ?      ?      ? ?    'X-RAY DIFFRACTION' ? 
r_metal_ion_refined          ?      ?      ? ?    'X-RAY DIFFRACTION' ? 
r_metal_ion_other            ?      ?      ? ?    'X-RAY DIFFRACTION' ? 
r_symmetry_vdw_refined       0.211  0.200  ? 33   'X-RAY DIFFRACTION' ? 
r_symmetry_vdw_other         ?      ?      ? ?    'X-RAY DIFFRACTION' ? 
r_symmetry_hbond_refined     0.254  0.200  ? 11   'X-RAY DIFFRACTION' ? 
r_symmetry_hbond_other       ?      ?      ? ?    'X-RAY DIFFRACTION' ? 
r_symmetry_metal_ion_refined ?      ?      ? ?    'X-RAY DIFFRACTION' ? 
r_symmetry_metal_ion_other   ?      ?      ? ?    'X-RAY DIFFRACTION' ? 
r_mcbond_it                  1.182  1.500  ? 647  'X-RAY DIFFRACTION' ? 
r_mcbond_other               ?      ?      ? ?    'X-RAY DIFFRACTION' ? 
r_mcangle_it                 1.740  2.000  ? 1006 'X-RAY DIFFRACTION' ? 
r_scbond_it                  2.736  3.000  ? 352  'X-RAY DIFFRACTION' ? 
r_scangle_it                 4.252  4.500  ? 302  'X-RAY DIFFRACTION' ? 
r_rigid_bond_restr           ?      ?      ? ?    'X-RAY DIFFRACTION' ? 
r_sphericity_free            ?      ?      ? ?    'X-RAY DIFFRACTION' ? 
r_sphericity_bonded          ?      ?      ? ?    'X-RAY DIFFRACTION' ? 
# 
_refine_ls_shell.pdbx_total_number_of_bins_used   20 
_refine_ls_shell.d_res_high                       2.250 
_refine_ls_shell.d_res_low                        2.309 
_refine_ls_shell.number_reflns_R_work             407 
_refine_ls_shell.R_factor_R_work                  0.199 
_refine_ls_shell.percent_reflns_obs               83.07 
_refine_ls_shell.R_factor_R_free                  0.229 
_refine_ls_shell.R_factor_R_free_error            ? 
_refine_ls_shell.percent_reflns_R_free            ? 
_refine_ls_shell.number_reflns_R_free             20 
_refine_ls_shell.number_reflns_all                ? 
_refine_ls_shell.R_factor_all                     ? 
_refine_ls_shell.number_reflns_obs                ? 
_refine_ls_shell.redundancy_reflns_obs            ? 
_refine_ls_shell.pdbx_refine_id                   'X-RAY DIFFRACTION' 
# 
_struct.entry_id                  2PFS 
_struct.title                     'Crystal structure of universal stress protein from Nitrosomonas europaea' 
_struct.pdbx_model_details        ? 
_struct.pdbx_CASP_flag            ? 
_struct.pdbx_model_type_details   ? 
# 
_struct_keywords.entry_id        2PFS 
_struct_keywords.pdbx_keywords   'STRUCTURAL GENOMICS, UNKNOWN FUNCTION' 
_struct_keywords.text            
;stress protein, structural genomics, PSI-2, Protein Structure Initiative, Midwest Center for Structural Genomics, MCSG, UNKNOWN FUNCTION
;
# 
loop_
_struct_asym.id 
_struct_asym.pdbx_blank_PDB_chainid_flag 
_struct_asym.pdbx_modified 
_struct_asym.entity_id 
_struct_asym.details 
A N N 1 ? 
B N N 2 ? 
C N N 2 ? 
D N N 3 ? 
# 
_struct_ref.id                         1 
_struct_ref.db_name                    UNP 
_struct_ref.db_code                    Q82VN8_NITEU 
_struct_ref.pdbx_db_accession          Q82VN8 
_struct_ref.entity_id                  1 
_struct_ref.pdbx_seq_one_letter_code   
;MSVYHHILLAVDFSSEDSQVVQKVRNLASQIGARLSLIHVLDNIPMPDTPYGTAIPLDTETTYDAMLDVEKQKLSQIGNT
LGIDPAHRWLVWGEPREEIIRIAEQENVDLIVVGSHGRHGLALLLGSTANSVLHYAKCDVLAVRLRDD
;
_struct_ref.pdbx_align_begin           1 
_struct_ref.pdbx_db_isoform            ? 
# 
_struct_ref_seq.align_id                      1 
_struct_ref_seq.ref_id                        1 
_struct_ref_seq.pdbx_PDB_id_code              2PFS 
_struct_ref_seq.pdbx_strand_id                A 
_struct_ref_seq.seq_align_beg                 3 
_struct_ref_seq.pdbx_seq_align_beg_ins_code   ? 
_struct_ref_seq.seq_align_end                 150 
_struct_ref_seq.pdbx_seq_align_end_ins_code   ? 
_struct_ref_seq.pdbx_db_accession             Q82VN8 
_struct_ref_seq.db_align_beg                  1 
_struct_ref_seq.pdbx_db_align_beg_ins_code    ? 
_struct_ref_seq.db_align_end                  148 
_struct_ref_seq.pdbx_db_align_end_ins_code    ? 
_struct_ref_seq.pdbx_auth_seq_align_beg       1 
_struct_ref_seq.pdbx_auth_seq_align_end       148 
# 
loop_
_struct_ref_seq_dif.align_id 
_struct_ref_seq_dif.pdbx_pdb_id_code 
_struct_ref_seq_dif.mon_id 
_struct_ref_seq_dif.pdbx_pdb_strand_id 
_struct_ref_seq_dif.seq_num 
_struct_ref_seq_dif.pdbx_pdb_ins_code 
_struct_ref_seq_dif.pdbx_seq_db_name 
_struct_ref_seq_dif.pdbx_seq_db_accession_code 
_struct_ref_seq_dif.db_mon_id 
_struct_ref_seq_dif.pdbx_seq_db_seq_num 
_struct_ref_seq_dif.details 
_struct_ref_seq_dif.pdbx_auth_seq_num 
_struct_ref_seq_dif.pdbx_ordinal 
1 2PFS GLY A 1  ? UNP Q82VN8 ?   ?  'cloning artifact' -1 1 
1 2PFS HIS A 2  ? UNP Q82VN8 ?   ?  'cloning artifact' 0  2 
1 2PFS MSE A 3  ? UNP Q82VN8 MET 1  'modified residue' 1  3 
1 2PFS MSE A 48 ? UNP Q82VN8 MET 46 'modified residue' 46 4 
1 2PFS MSE A 68 ? UNP Q82VN8 MET 66 'modified residue' 66 5 
# 
_pdbx_struct_assembly.id                   1 
_pdbx_struct_assembly.details              author_and_software_defined_assembly 
_pdbx_struct_assembly.method_details       PISA 
_pdbx_struct_assembly.oligomeric_details   dimeric 
_pdbx_struct_assembly.oligomeric_count     2 
# 
loop_
_pdbx_struct_assembly_prop.biol_id 
_pdbx_struct_assembly_prop.type 
_pdbx_struct_assembly_prop.value 
_pdbx_struct_assembly_prop.details 
1 'ABSA (A^2)' 2140  ? 
1 MORE         -52   ? 
1 'SSA (A^2)'  12930 ? 
# 
_pdbx_struct_assembly_gen.assembly_id       1 
_pdbx_struct_assembly_gen.oper_expression   1,2 
_pdbx_struct_assembly_gen.asym_id_list      A,B,C,D 
# 
loop_
_pdbx_struct_oper_list.id 
_pdbx_struct_oper_list.type 
_pdbx_struct_oper_list.name 
_pdbx_struct_oper_list.symmetry_operation 
_pdbx_struct_oper_list.matrix[1][1] 
_pdbx_struct_oper_list.matrix[1][2] 
_pdbx_struct_oper_list.matrix[1][3] 
_pdbx_struct_oper_list.vector[1] 
_pdbx_struct_oper_list.matrix[2][1] 
_pdbx_struct_oper_list.matrix[2][2] 
_pdbx_struct_oper_list.matrix[2][3] 
_pdbx_struct_oper_list.vector[2] 
_pdbx_struct_oper_list.matrix[3][1] 
_pdbx_struct_oper_list.matrix[3][2] 
_pdbx_struct_oper_list.matrix[3][3] 
_pdbx_struct_oper_list.vector[3] 
1 'identity operation'         1_555 x,y,z    1.0000000000  0.0000000000 0.0000000000 0.0000000000  0.0000000000 1.0000000000 0.0000000000 0.0000000000   0.0000000000 0.0000000000 1.0000000000  0.0000000000  
2 'crystal symmetry operation' 4_556 y,x,-z+1 -0.8842448273 0.3828609174 0.2674483191 19.6690854186 0.3828609174 0.2663147452 0.8845868948 -16.5037009553 0.2674483191 0.8845868948 -0.3820699179 15.1125410753 
# 
_struct_biol.id        1 
_struct_biol.details   ? 
# 
loop_
_struct_conf.conf_type_id 
_struct_conf.id 
_struct_conf.pdbx_PDB_helix_id 
_struct_conf.beg_label_comp_id 
_struct_conf.beg_label_asym_id 
_struct_conf.beg_label_seq_id 
_struct_conf.pdbx_beg_PDB_ins_code 
_struct_conf.end_label_comp_id 
_struct_conf.end_label_asym_id 
_struct_conf.end_label_seq_id 
_struct_conf.pdbx_end_PDB_ins_code 
_struct_conf.beg_auth_comp_id 
_struct_conf.beg_auth_asym_id 
_struct_conf.beg_auth_seq_id 
_struct_conf.end_auth_comp_id 
_struct_conf.end_auth_asym_id 
_struct_conf.end_auth_seq_id 
_struct_conf.pdbx_PDB_helix_class 
_struct_conf.details 
_struct_conf.pdbx_PDB_helix_length 
HELX_P HELX_P1 1 GLU A 18  ? GLY A 34  ? GLU A 16  GLY A 32  1 ? 17 
HELX_P HELX_P2 2 THR A 64  ? GLY A 84  ? THR A 62  GLY A 82  1 ? 21 
HELX_P HELX_P3 3 ASP A 86  ? ALA A 88  ? ASP A 84  ALA A 86  5 ? 3  
HELX_P HELX_P4 4 GLU A 96  ? GLU A 108 ? GLU A 94  GLU A 106 1 ? 13 
HELX_P HELX_P5 5 SER A 129 ? ALA A 138 ? SER A 127 ALA A 136 1 ? 10 
# 
_struct_conf_type.id          HELX_P 
_struct_conf_type.criteria    ? 
_struct_conf_type.reference   ? 
# 
loop_
_struct_conn.id 
_struct_conn.conn_type_id 
_struct_conn.pdbx_leaving_atom_flag 
_struct_conn.pdbx_PDB_id 
_struct_conn.ptnr1_label_asym_id 
_struct_conn.ptnr1_label_comp_id 
_struct_conn.ptnr1_label_seq_id 
_struct_conn.ptnr1_label_atom_id 
_struct_conn.pdbx_ptnr1_label_alt_id 
_struct_conn.pdbx_ptnr1_PDB_ins_code 
_struct_conn.pdbx_ptnr1_standard_comp_id 
_struct_conn.ptnr1_symmetry 
_struct_conn.ptnr2_label_asym_id 
_struct_conn.ptnr2_label_comp_id 
_struct_conn.ptnr2_label_seq_id 
_struct_conn.ptnr2_label_atom_id 
_struct_conn.pdbx_ptnr2_label_alt_id 
_struct_conn.pdbx_ptnr2_PDB_ins_code 
_struct_conn.ptnr1_auth_asym_id 
_struct_conn.ptnr1_auth_comp_id 
_struct_conn.ptnr1_auth_seq_id 
_struct_conn.ptnr2_auth_asym_id 
_struct_conn.ptnr2_auth_comp_id 
_struct_conn.ptnr2_auth_seq_id 
_struct_conn.ptnr2_symmetry 
_struct_conn.pdbx_ptnr3_label_atom_id 
_struct_conn.pdbx_ptnr3_label_seq_id 
_struct_conn.pdbx_ptnr3_label_comp_id 
_struct_conn.pdbx_ptnr3_label_asym_id 
_struct_conn.pdbx_ptnr3_label_alt_id 
_struct_conn.pdbx_ptnr3_PDB_ins_code 
_struct_conn.details 
_struct_conn.pdbx_dist_value 
_struct_conn.pdbx_value_order 
_struct_conn.pdbx_role 
covale1 covale both ? A MSE 3  C ? ? ? 1_555 A SER 4  N ? ? A MSE 1  A SER 2  1_555 ? ? ? ? ? ? ? 1.327 ? ? 
covale2 covale both ? A ALA 67 C ? ? ? 1_555 A MSE 68 N ? ? A ALA 65 A MSE 66 1_555 ? ? ? ? ? ? ? 1.346 ? ? 
covale3 covale both ? A MSE 68 C ? ? ? 1_555 A LEU 69 N ? ? A MSE 66 A LEU 67 1_555 ? ? ? ? ? ? ? 1.331 ? ? 
# 
_struct_conn_type.id          covale 
_struct_conn_type.criteria    ? 
_struct_conn_type.reference   ? 
# 
loop_
_pdbx_modification_feature.ordinal 
_pdbx_modification_feature.label_comp_id 
_pdbx_modification_feature.label_asym_id 
_pdbx_modification_feature.label_seq_id 
_pdbx_modification_feature.label_alt_id 
_pdbx_modification_feature.modified_residue_label_comp_id 
_pdbx_modification_feature.modified_residue_label_asym_id 
_pdbx_modification_feature.modified_residue_label_seq_id 
_pdbx_modification_feature.modified_residue_label_alt_id 
_pdbx_modification_feature.auth_comp_id 
_pdbx_modification_feature.auth_asym_id 
_pdbx_modification_feature.auth_seq_id 
_pdbx_modification_feature.PDB_ins_code 
_pdbx_modification_feature.symmetry 
_pdbx_modification_feature.modified_residue_auth_comp_id 
_pdbx_modification_feature.modified_residue_auth_asym_id 
_pdbx_modification_feature.modified_residue_auth_seq_id 
_pdbx_modification_feature.modified_residue_PDB_ins_code 
_pdbx_modification_feature.modified_residue_symmetry 
_pdbx_modification_feature.comp_id_linking_atom 
_pdbx_modification_feature.modified_residue_id_linking_atom 
_pdbx_modification_feature.modified_residue_id 
_pdbx_modification_feature.ref_pcm_id 
_pdbx_modification_feature.ref_comp_id 
_pdbx_modification_feature.type 
_pdbx_modification_feature.category 
1 MSE A 3  ? . . . . MSE A 1  ? 1_555 . . . . . . . MET 1 MSE Selenomethionine 'Named protein modification' 
2 MSE A 68 ? . . . . MSE A 66 ? 1_555 . . . . . . . MET 1 MSE Selenomethionine 'Named protein modification' 
# 
_struct_mon_prot_cis.pdbx_id                1 
_struct_mon_prot_cis.label_comp_id          LEU 
_struct_mon_prot_cis.label_seq_id           43 
_struct_mon_prot_cis.label_asym_id          A 
_struct_mon_prot_cis.label_alt_id           . 
_struct_mon_prot_cis.pdbx_PDB_ins_code      ? 
_struct_mon_prot_cis.auth_comp_id           LEU 
_struct_mon_prot_cis.auth_seq_id            41 
_struct_mon_prot_cis.auth_asym_id           A 
_struct_mon_prot_cis.pdbx_label_comp_id_2   ASP 
_struct_mon_prot_cis.pdbx_label_seq_id_2    44 
_struct_mon_prot_cis.pdbx_label_asym_id_2   A 
_struct_mon_prot_cis.pdbx_PDB_ins_code_2    ? 
_struct_mon_prot_cis.pdbx_auth_comp_id_2    ASP 
_struct_mon_prot_cis.pdbx_auth_seq_id_2     42 
_struct_mon_prot_cis.pdbx_auth_asym_id_2    A 
_struct_mon_prot_cis.pdbx_PDB_model_num     1 
_struct_mon_prot_cis.pdbx_omega_angle       22.48 
# 
_struct_sheet.id               A 
_struct_sheet.type             ? 
_struct_sheet.number_strands   5 
_struct_sheet.details          ? 
# 
loop_
_struct_sheet_order.sheet_id 
_struct_sheet_order.range_id_1 
_struct_sheet_order.range_id_2 
_struct_sheet_order.offset 
_struct_sheet_order.sense 
A 1 2 ? parallel 
A 2 3 ? parallel 
A 3 4 ? parallel 
A 4 5 ? parallel 
# 
loop_
_struct_sheet_range.sheet_id 
_struct_sheet_range.id 
_struct_sheet_range.beg_label_comp_id 
_struct_sheet_range.beg_label_asym_id 
_struct_sheet_range.beg_label_seq_id 
_struct_sheet_range.pdbx_beg_PDB_ins_code 
_struct_sheet_range.end_label_comp_id 
_struct_sheet_range.end_label_asym_id 
_struct_sheet_range.end_label_seq_id 
_struct_sheet_range.pdbx_end_PDB_ins_code 
_struct_sheet_range.beg_auth_comp_id 
_struct_sheet_range.beg_auth_asym_id 
_struct_sheet_range.beg_auth_seq_id 
_struct_sheet_range.end_auth_comp_id 
_struct_sheet_range.end_auth_asym_id 
_struct_sheet_range.end_auth_seq_id 
A 1 ARG A 90  ? TRP A 94  ? ARG A 88  TRP A 92  
A 2 ARG A 36  ? LEU A 43  ? ARG A 34  LEU A 41  
A 3 HIS A 8   ? ALA A 12  ? HIS A 6   ALA A 10  
A 4 LEU A 112 ? SER A 117 ? LEU A 110 SER A 115 
A 5 ASP A 141 ? ARG A 146 ? ASP A 139 ARG A 144 
# 
loop_
_pdbx_struct_sheet_hbond.sheet_id 
_pdbx_struct_sheet_hbond.range_id_1 
_pdbx_struct_sheet_hbond.range_id_2 
_pdbx_struct_sheet_hbond.range_1_label_atom_id 
_pdbx_struct_sheet_hbond.range_1_label_comp_id 
_pdbx_struct_sheet_hbond.range_1_label_asym_id 
_pdbx_struct_sheet_hbond.range_1_label_seq_id 
_pdbx_struct_sheet_hbond.range_1_PDB_ins_code 
_pdbx_struct_sheet_hbond.range_1_auth_atom_id 
_pdbx_struct_sheet_hbond.range_1_auth_comp_id 
_pdbx_struct_sheet_hbond.range_1_auth_asym_id 
_pdbx_struct_sheet_hbond.range_1_auth_seq_id 
_pdbx_struct_sheet_hbond.range_2_label_atom_id 
_pdbx_struct_sheet_hbond.range_2_label_comp_id 
_pdbx_struct_sheet_hbond.range_2_label_asym_id 
_pdbx_struct_sheet_hbond.range_2_label_seq_id 
_pdbx_struct_sheet_hbond.range_2_PDB_ins_code 
_pdbx_struct_sheet_hbond.range_2_auth_atom_id 
_pdbx_struct_sheet_hbond.range_2_auth_comp_id 
_pdbx_struct_sheet_hbond.range_2_auth_asym_id 
_pdbx_struct_sheet_hbond.range_2_auth_seq_id 
A 1 2 O VAL A 93  ? O VAL A 91  N LEU A 43  ? N LEU A 41  
A 2 3 O ARG A 36  ? O ARG A 34  N ILE A 9   ? N ILE A 7   
A 3 4 N LEU A 10  ? N LEU A 8   O LEU A 112 ? O LEU A 110 
A 4 5 N VAL A 115 ? N VAL A 113 O VAL A 145 ? O VAL A 143 
# 
loop_
_struct_site.id 
_struct_site.pdbx_evidence_code 
_struct_site.pdbx_auth_asym_id 
_struct_site.pdbx_auth_comp_id 
_struct_site.pdbx_auth_seq_id 
_struct_site.pdbx_auth_ins_code 
_struct_site.pdbx_num_residues 
_struct_site.details 
AC1 Software A CL 149 ? 2 'BINDING SITE FOR RESIDUE CL A 149' 
AC2 Software A CL 150 ? 1 'BINDING SITE FOR RESIDUE CL A 150' 
# 
loop_
_struct_site_gen.id 
_struct_site_gen.site_id 
_struct_site_gen.pdbx_num_res 
_struct_site_gen.label_comp_id 
_struct_site_gen.label_asym_id 
_struct_site_gen.label_seq_id 
_struct_site_gen.pdbx_auth_ins_code 
_struct_site_gen.auth_comp_id 
_struct_site_gen.auth_asym_id 
_struct_site_gen.auth_seq_id 
_struct_site_gen.label_atom_id 
_struct_site_gen.label_alt_id 
_struct_site_gen.symmetry 
_struct_site_gen.details 
1 AC1 2 VAL A 13 ? VAL A 11 . ? 1_555 ? 
2 AC1 2 VAL A 42 ? VAL A 40 . ? 1_555 ? 
3 AC2 1 THR A 64 ? THR A 62 . ? 1_555 ? 
# 
_pdbx_entry_details.entry_id                   2PFS 
_pdbx_entry_details.compound_details           ? 
_pdbx_entry_details.source_details             ? 
_pdbx_entry_details.nonpolymer_details         ? 
_pdbx_entry_details.sequence_details           ? 
_pdbx_entry_details.has_ligand_of_interest     ? 
_pdbx_entry_details.has_protein_modification   Y 
# 
_pdbx_validate_peptide_omega.id               1 
_pdbx_validate_peptide_omega.PDB_model_num    1 
_pdbx_validate_peptide_omega.auth_comp_id_1   SER 
_pdbx_validate_peptide_omega.auth_asym_id_1   A 
_pdbx_validate_peptide_omega.auth_seq_id_1    115 
_pdbx_validate_peptide_omega.PDB_ins_code_1   ? 
_pdbx_validate_peptide_omega.label_alt_id_1   ? 
_pdbx_validate_peptide_omega.auth_comp_id_2   HIS 
_pdbx_validate_peptide_omega.auth_asym_id_2   A 
_pdbx_validate_peptide_omega.auth_seq_id_2    116 
_pdbx_validate_peptide_omega.PDB_ins_code_2   ? 
_pdbx_validate_peptide_omega.label_alt_id_2   ? 
_pdbx_validate_peptide_omega.omega            56.94 
# 
_pdbx_SG_project.id                    1 
_pdbx_SG_project.project_name          'PSI, Protein Structure Initiative' 
_pdbx_SG_project.full_name_of_center   'Midwest Center for Structural Genomics' 
_pdbx_SG_project.initial_of_center     MCSG 
# 
loop_
_pdbx_struct_mod_residue.id 
_pdbx_struct_mod_residue.label_asym_id 
_pdbx_struct_mod_residue.label_comp_id 
_pdbx_struct_mod_residue.label_seq_id 
_pdbx_struct_mod_residue.auth_asym_id 
_pdbx_struct_mod_residue.auth_comp_id 
_pdbx_struct_mod_residue.auth_seq_id 
_pdbx_struct_mod_residue.PDB_ins_code 
_pdbx_struct_mod_residue.parent_comp_id 
_pdbx_struct_mod_residue.details 
1 A MSE 3  A MSE 1  ? MET SELENOMETHIONINE 
2 A MSE 68 A MSE 66 ? MET SELENOMETHIONINE 
# 
loop_
_pdbx_refine_tls.id 
_pdbx_refine_tls.details 
_pdbx_refine_tls.method 
_pdbx_refine_tls.origin_x 
_pdbx_refine_tls.origin_y 
_pdbx_refine_tls.origin_z 
_pdbx_refine_tls.T[1][1] 
_pdbx_refine_tls.T[2][2] 
_pdbx_refine_tls.T[3][3] 
_pdbx_refine_tls.T[1][2] 
_pdbx_refine_tls.T[1][3] 
_pdbx_refine_tls.T[2][3] 
_pdbx_refine_tls.L[1][1] 
_pdbx_refine_tls.L[2][2] 
_pdbx_refine_tls.L[3][3] 
_pdbx_refine_tls.L[1][2] 
_pdbx_refine_tls.L[1][3] 
_pdbx_refine_tls.L[2][3] 
_pdbx_refine_tls.S[1][1] 
_pdbx_refine_tls.S[1][2] 
_pdbx_refine_tls.S[1][3] 
_pdbx_refine_tls.S[2][1] 
_pdbx_refine_tls.S[2][2] 
_pdbx_refine_tls.S[2][3] 
_pdbx_refine_tls.S[3][1] 
_pdbx_refine_tls.S[3][2] 
_pdbx_refine_tls.S[3][3] 
_pdbx_refine_tls.pdbx_refine_id 
1 ? refined 2.3274   -0.3392 6.1974   -0.1649 -0.1314 -0.0820 -0.0172 -0.0154 -0.0172 12.6255 2.2150 2.3165  -4.5621 3.3084 -0.2893 0.3857  -0.1102 -1.2343 -0.2267 -0.0722 0.1421  0.2104  -0.0900 -0.3136 'X-RAY DIFFRACTION' 
2 ? refined 6.3059   4.7419  11.4729  -0.1975 -0.1475 -0.1795 0.0229  0.0471  -0.0007 11.0928 5.3154 1.9386  -2.2023 0.7802 -0.0104 -0.1118 -0.4120 0.1655  -0.0768 0.0661  -0.0464 -0.0508 -0.0430 0.0457  'X-RAY DIFFRACTION' 
3 ? refined -12.9672 -1.6868 -11.9088 0.2908  0.4429  0.1087  0.0202  -0.2092 -0.0895 5.8268  0.0002 10.8487 0.0338  7.9507 0.0461  1.0449  -0.1664 -0.3410 -0.1378 -0.0063 0.3277  1.4315  -0.0839 -1.0385 'X-RAY DIFFRACTION' 
4 ? refined -0.2298  0.0355  -2.0713  0.0348  0.0691  -0.0077 0.0503  0.0015  -0.1297 5.9632  0.7510 3.0994  -1.3306 3.4078 -1.4836 0.5174  0.9396  -0.8999 -0.6286 -0.1272 0.1359  0.3642  0.4291  -0.3902 'X-RAY DIFFRACTION' 
# 
loop_
_pdbx_refine_tls_group.id 
_pdbx_refine_tls_group.refine_tls_id 
_pdbx_refine_tls_group.beg_auth_asym_id 
_pdbx_refine_tls_group.beg_auth_seq_id 
_pdbx_refine_tls_group.beg_label_asym_id 
_pdbx_refine_tls_group.beg_label_seq_id 
_pdbx_refine_tls_group.end_auth_asym_id 
_pdbx_refine_tls_group.end_auth_seq_id 
_pdbx_refine_tls_group.end_label_asym_id 
_pdbx_refine_tls_group.end_label_seq_id 
_pdbx_refine_tls_group.selection 
_pdbx_refine_tls_group.pdbx_refine_id 
_pdbx_refine_tls_group.selection_details 
1 1 A 2  A 4  A 20  A 22  ? 'X-RAY DIFFRACTION' ? 
2 2 A 21 A 23 A 35  A 37  ? 'X-RAY DIFFRACTION' ? 
3 3 A 36 A 38 A 60  A 62  ? 'X-RAY DIFFRACTION' ? 
4 4 A 61 A 63 A 145 A 147 ? 'X-RAY DIFFRACTION' ? 
# 
loop_
_pdbx_unobs_or_zero_occ_residues.id 
_pdbx_unobs_or_zero_occ_residues.PDB_model_num 
_pdbx_unobs_or_zero_occ_residues.polymer_flag 
_pdbx_unobs_or_zero_occ_residues.occupancy_flag 
_pdbx_unobs_or_zero_occ_residues.auth_asym_id 
_pdbx_unobs_or_zero_occ_residues.auth_comp_id 
_pdbx_unobs_or_zero_occ_residues.auth_seq_id 
_pdbx_unobs_or_zero_occ_residues.PDB_ins_code 
_pdbx_unobs_or_zero_occ_residues.label_asym_id 
_pdbx_unobs_or_zero_occ_residues.label_comp_id 
_pdbx_unobs_or_zero_occ_residues.label_seq_id 
1  1 Y 1 A GLY -1  ? A GLY 1   
2  1 Y 1 A HIS 0   ? A HIS 2   
3  1 Y 1 A ASN 43  ? A ASN 45  
4  1 Y 1 A ILE 44  ? A ILE 46  
5  1 Y 1 A PRO 45  ? A PRO 47  
6  1 Y 1 A MSE 46  ? A MSE 48  
7  1 Y 1 A PRO 47  ? A PRO 49  
8  1 Y 1 A ASP 48  ? A ASP 50  
9  1 Y 1 A THR 49  ? A THR 51  
10 1 Y 1 A PRO 50  ? A PRO 52  
11 1 Y 1 A TYR 51  ? A TYR 53  
12 1 Y 1 A GLY 52  ? A GLY 54  
13 1 Y 1 A GLY 117 ? A GLY 119 
14 1 Y 1 A ARG 118 ? A ARG 120 
15 1 Y 1 A HIS 119 ? A HIS 121 
16 1 Y 1 A GLY 120 ? A GLY 122 
17 1 Y 1 A LEU 121 ? A LEU 123 
18 1 Y 1 A ALA 122 ? A ALA 124 
19 1 Y 1 A LEU 123 ? A LEU 125 
20 1 Y 1 A LEU 124 ? A LEU 126 
21 1 Y 1 A LEU 125 ? A LEU 127 
22 1 Y 1 A GLY 126 ? A GLY 128 
23 1 Y 1 A ARG 146 ? A ARG 148 
24 1 Y 1 A ASP 147 ? A ASP 149 
25 1 Y 1 A ASP 148 ? A ASP 150 
# 
loop_
_chem_comp_atom.comp_id 
_chem_comp_atom.atom_id 
_chem_comp_atom.type_symbol 
_chem_comp_atom.pdbx_aromatic_flag 
_chem_comp_atom.pdbx_stereo_config 
_chem_comp_atom.pdbx_ordinal 
ALA N    N  N N 1   
ALA CA   C  N S 2   
ALA C    C  N N 3   
ALA O    O  N N 4   
ALA CB   C  N N 5   
ALA OXT  O  N N 6   
ALA H    H  N N 7   
ALA H2   H  N N 8   
ALA HA   H  N N 9   
ALA HB1  H  N N 10  
ALA HB2  H  N N 11  
ALA HB3  H  N N 12  
ALA HXT  H  N N 13  
ARG N    N  N N 14  
ARG CA   C  N S 15  
ARG C    C  N N 16  
ARG O    O  N N 17  
ARG CB   C  N N 18  
ARG CG   C  N N 19  
ARG CD   C  N N 20  
ARG NE   N  N N 21  
ARG CZ   C  N N 22  
ARG NH1  N  N N 23  
ARG NH2  N  N N 24  
ARG OXT  O  N N 25  
ARG H    H  N N 26  
ARG H2   H  N N 27  
ARG HA   H  N N 28  
ARG HB2  H  N N 29  
ARG HB3  H  N N 30  
ARG HG2  H  N N 31  
ARG HG3  H  N N 32  
ARG HD2  H  N N 33  
ARG HD3  H  N N 34  
ARG HE   H  N N 35  
ARG HH11 H  N N 36  
ARG HH12 H  N N 37  
ARG HH21 H  N N 38  
ARG HH22 H  N N 39  
ARG HXT  H  N N 40  
ASN N    N  N N 41  
ASN CA   C  N S 42  
ASN C    C  N N 43  
ASN O    O  N N 44  
ASN CB   C  N N 45  
ASN CG   C  N N 46  
ASN OD1  O  N N 47  
ASN ND2  N  N N 48  
ASN OXT  O  N N 49  
ASN H    H  N N 50  
ASN H2   H  N N 51  
ASN HA   H  N N 52  
ASN HB2  H  N N 53  
ASN HB3  H  N N 54  
ASN HD21 H  N N 55  
ASN HD22 H  N N 56  
ASN HXT  H  N N 57  
ASP N    N  N N 58  
ASP CA   C  N S 59  
ASP C    C  N N 60  
ASP O    O  N N 61  
ASP CB   C  N N 62  
ASP CG   C  N N 63  
ASP OD1  O  N N 64  
ASP OD2  O  N N 65  
ASP OXT  O  N N 66  
ASP H    H  N N 67  
ASP H2   H  N N 68  
ASP HA   H  N N 69  
ASP HB2  H  N N 70  
ASP HB3  H  N N 71  
ASP HD2  H  N N 72  
ASP HXT  H  N N 73  
CL  CL   CL N N 74  
CYS N    N  N N 75  
CYS CA   C  N R 76  
CYS C    C  N N 77  
CYS O    O  N N 78  
CYS CB   C  N N 79  
CYS SG   S  N N 80  
CYS OXT  O  N N 81  
CYS H    H  N N 82  
CYS H2   H  N N 83  
CYS HA   H  N N 84  
CYS HB2  H  N N 85  
CYS HB3  H  N N 86  
CYS HG   H  N N 87  
CYS HXT  H  N N 88  
GLN N    N  N N 89  
GLN CA   C  N S 90  
GLN C    C  N N 91  
GLN O    O  N N 92  
GLN CB   C  N N 93  
GLN CG   C  N N 94  
GLN CD   C  N N 95  
GLN OE1  O  N N 96  
GLN NE2  N  N N 97  
GLN OXT  O  N N 98  
GLN H    H  N N 99  
GLN H2   H  N N 100 
GLN HA   H  N N 101 
GLN HB2  H  N N 102 
GLN HB3  H  N N 103 
GLN HG2  H  N N 104 
GLN HG3  H  N N 105 
GLN HE21 H  N N 106 
GLN HE22 H  N N 107 
GLN HXT  H  N N 108 
GLU N    N  N N 109 
GLU CA   C  N S 110 
GLU C    C  N N 111 
GLU O    O  N N 112 
GLU CB   C  N N 113 
GLU CG   C  N N 114 
GLU CD   C  N N 115 
GLU OE1  O  N N 116 
GLU OE2  O  N N 117 
GLU OXT  O  N N 118 
GLU H    H  N N 119 
GLU H2   H  N N 120 
GLU HA   H  N N 121 
GLU HB2  H  N N 122 
GLU HB3  H  N N 123 
GLU HG2  H  N N 124 
GLU HG3  H  N N 125 
GLU HE2  H  N N 126 
GLU HXT  H  N N 127 
GLY N    N  N N 128 
GLY CA   C  N N 129 
GLY C    C  N N 130 
GLY O    O  N N 131 
GLY OXT  O  N N 132 
GLY H    H  N N 133 
GLY H2   H  N N 134 
GLY HA2  H  N N 135 
GLY HA3  H  N N 136 
GLY HXT  H  N N 137 
HIS N    N  N N 138 
HIS CA   C  N S 139 
HIS C    C  N N 140 
HIS O    O  N N 141 
HIS CB   C  N N 142 
HIS CG   C  Y N 143 
HIS ND1  N  Y N 144 
HIS CD2  C  Y N 145 
HIS CE1  C  Y N 146 
HIS NE2  N  Y N 147 
HIS OXT  O  N N 148 
HIS H    H  N N 149 
HIS H2   H  N N 150 
HIS HA   H  N N 151 
HIS HB2  H  N N 152 
HIS HB3  H  N N 153 
HIS HD1  H  N N 154 
HIS HD2  H  N N 155 
HIS HE1  H  N N 156 
HIS HE2  H  N N 157 
HIS HXT  H  N N 158 
HOH O    O  N N 159 
HOH H1   H  N N 160 
HOH H2   H  N N 161 
ILE N    N  N N 162 
ILE CA   C  N S 163 
ILE C    C  N N 164 
ILE O    O  N N 165 
ILE CB   C  N S 166 
ILE CG1  C  N N 167 
ILE CG2  C  N N 168 
ILE CD1  C  N N 169 
ILE OXT  O  N N 170 
ILE H    H  N N 171 
ILE H2   H  N N 172 
ILE HA   H  N N 173 
ILE HB   H  N N 174 
ILE HG12 H  N N 175 
ILE HG13 H  N N 176 
ILE HG21 H  N N 177 
ILE HG22 H  N N 178 
ILE HG23 H  N N 179 
ILE HD11 H  N N 180 
ILE HD12 H  N N 181 
ILE HD13 H  N N 182 
ILE HXT  H  N N 183 
LEU N    N  N N 184 
LEU CA   C  N S 185 
LEU C    C  N N 186 
LEU O    O  N N 187 
LEU CB   C  N N 188 
LEU CG   C  N N 189 
LEU CD1  C  N N 190 
LEU CD2  C  N N 191 
LEU OXT  O  N N 192 
LEU H    H  N N 193 
LEU H2   H  N N 194 
LEU HA   H  N N 195 
LEU HB2  H  N N 196 
LEU HB3  H  N N 197 
LEU HG   H  N N 198 
LEU HD11 H  N N 199 
LEU HD12 H  N N 200 
LEU HD13 H  N N 201 
LEU HD21 H  N N 202 
LEU HD22 H  N N 203 
LEU HD23 H  N N 204 
LEU HXT  H  N N 205 
LYS N    N  N N 206 
LYS CA   C  N S 207 
LYS C    C  N N 208 
LYS O    O  N N 209 
LYS CB   C  N N 210 
LYS CG   C  N N 211 
LYS CD   C  N N 212 
LYS CE   C  N N 213 
LYS NZ   N  N N 214 
LYS OXT  O  N N 215 
LYS H    H  N N 216 
LYS H2   H  N N 217 
LYS HA   H  N N 218 
LYS HB2  H  N N 219 
LYS HB3  H  N N 220 
LYS HG2  H  N N 221 
LYS HG3  H  N N 222 
LYS HD2  H  N N 223 
LYS HD3  H  N N 224 
LYS HE2  H  N N 225 
LYS HE3  H  N N 226 
LYS HZ1  H  N N 227 
LYS HZ2  H  N N 228 
LYS HZ3  H  N N 229 
LYS HXT  H  N N 230 
MET N    N  N N 231 
MET CA   C  N S 232 
MET C    C  N N 233 
MET O    O  N N 234 
MET CB   C  N N 235 
MET CG   C  N N 236 
MET SD   S  N N 237 
MET CE   C  N N 238 
MET OXT  O  N N 239 
MET H    H  N N 240 
MET H2   H  N N 241 
MET HA   H  N N 242 
MET HB2  H  N N 243 
MET HB3  H  N N 244 
MET HG2  H  N N 245 
MET HG3  H  N N 246 
MET HE1  H  N N 247 
MET HE2  H  N N 248 
MET HE3  H  N N 249 
MET HXT  H  N N 250 
MSE N    N  N N 251 
MSE CA   C  N S 252 
MSE C    C  N N 253 
MSE O    O  N N 254 
MSE OXT  O  N N 255 
MSE CB   C  N N 256 
MSE CG   C  N N 257 
MSE SE   SE N N 258 
MSE CE   C  N N 259 
MSE H    H  N N 260 
MSE H2   H  N N 261 
MSE HA   H  N N 262 
MSE HXT  H  N N 263 
MSE HB2  H  N N 264 
MSE HB3  H  N N 265 
MSE HG2  H  N N 266 
MSE HG3  H  N N 267 
MSE HE1  H  N N 268 
MSE HE2  H  N N 269 
MSE HE3  H  N N 270 
PHE N    N  N N 271 
PHE CA   C  N S 272 
PHE C    C  N N 273 
PHE O    O  N N 274 
PHE CB   C  N N 275 
PHE CG   C  Y N 276 
PHE CD1  C  Y N 277 
PHE CD2  C  Y N 278 
PHE CE1  C  Y N 279 
PHE CE2  C  Y N 280 
PHE CZ   C  Y N 281 
PHE OXT  O  N N 282 
PHE H    H  N N 283 
PHE H2   H  N N 284 
PHE HA   H  N N 285 
PHE HB2  H  N N 286 
PHE HB3  H  N N 287 
PHE HD1  H  N N 288 
PHE HD2  H  N N 289 
PHE HE1  H  N N 290 
PHE HE2  H  N N 291 
PHE HZ   H  N N 292 
PHE HXT  H  N N 293 
PRO N    N  N N 294 
PRO CA   C  N S 295 
PRO C    C  N N 296 
PRO O    O  N N 297 
PRO CB   C  N N 298 
PRO CG   C  N N 299 
PRO CD   C  N N 300 
PRO OXT  O  N N 301 
PRO H    H  N N 302 
PRO HA   H  N N 303 
PRO HB2  H  N N 304 
PRO HB3  H  N N 305 
PRO HG2  H  N N 306 
PRO HG3  H  N N 307 
PRO HD2  H  N N 308 
PRO HD3  H  N N 309 
PRO HXT  H  N N 310 
SER N    N  N N 311 
SER CA   C  N S 312 
SER C    C  N N 313 
SER O    O  N N 314 
SER CB   C  N N 315 
SER OG   O  N N 316 
SER OXT  O  N N 317 
SER H    H  N N 318 
SER H2   H  N N 319 
SER HA   H  N N 320 
SER HB2  H  N N 321 
SER HB3  H  N N 322 
SER HG   H  N N 323 
SER HXT  H  N N 324 
THR N    N  N N 325 
THR CA   C  N S 326 
THR C    C  N N 327 
THR O    O  N N 328 
THR CB   C  N R 329 
THR OG1  O  N N 330 
THR CG2  C  N N 331 
THR OXT  O  N N 332 
THR H    H  N N 333 
THR H2   H  N N 334 
THR HA   H  N N 335 
THR HB   H  N N 336 
THR HG1  H  N N 337 
THR HG21 H  N N 338 
THR HG22 H  N N 339 
THR HG23 H  N N 340 
THR HXT  H  N N 341 
TRP N    N  N N 342 
TRP CA   C  N S 343 
TRP C    C  N N 344 
TRP O    O  N N 345 
TRP CB   C  N N 346 
TRP CG   C  Y N 347 
TRP CD1  C  Y N 348 
TRP CD2  C  Y N 349 
TRP NE1  N  Y N 350 
TRP CE2  C  Y N 351 
TRP CE3  C  Y N 352 
TRP CZ2  C  Y N 353 
TRP CZ3  C  Y N 354 
TRP CH2  C  Y N 355 
TRP OXT  O  N N 356 
TRP H    H  N N 357 
TRP H2   H  N N 358 
TRP HA   H  N N 359 
TRP HB2  H  N N 360 
TRP HB3  H  N N 361 
TRP HD1  H  N N 362 
TRP HE1  H  N N 363 
TRP HE3  H  N N 364 
TRP HZ2  H  N N 365 
TRP HZ3  H  N N 366 
TRP HH2  H  N N 367 
TRP HXT  H  N N 368 
TYR N    N  N N 369 
TYR CA   C  N S 370 
TYR C    C  N N 371 
TYR O    O  N N 372 
TYR CB   C  N N 373 
TYR CG   C  Y N 374 
TYR CD1  C  Y N 375 
TYR CD2  C  Y N 376 
TYR CE1  C  Y N 377 
TYR CE2  C  Y N 378 
TYR CZ   C  Y N 379 
TYR OH   O  N N 380 
TYR OXT  O  N N 381 
TYR H    H  N N 382 
TYR H2   H  N N 383 
TYR HA   H  N N 384 
TYR HB2  H  N N 385 
TYR HB3  H  N N 386 
TYR HD1  H  N N 387 
TYR HD2  H  N N 388 
TYR HE1  H  N N 389 
TYR HE2  H  N N 390 
TYR HH   H  N N 391 
TYR HXT  H  N N 392 
VAL N    N  N N 393 
VAL CA   C  N S 394 
VAL C    C  N N 395 
VAL O    O  N N 396 
VAL CB   C  N N 397 
VAL CG1  C  N N 398 
VAL CG2  C  N N 399 
VAL OXT  O  N N 400 
VAL H    H  N N 401 
VAL H2   H  N N 402 
VAL HA   H  N N 403 
VAL HB   H  N N 404 
VAL HG11 H  N N 405 
VAL HG12 H  N N 406 
VAL HG13 H  N N 407 
VAL HG21 H  N N 408 
VAL HG22 H  N N 409 
VAL HG23 H  N N 410 
VAL HXT  H  N N 411 
# 
loop_
_chem_comp_bond.comp_id 
_chem_comp_bond.atom_id_1 
_chem_comp_bond.atom_id_2 
_chem_comp_bond.value_order 
_chem_comp_bond.pdbx_aromatic_flag 
_chem_comp_bond.pdbx_stereo_config 
_chem_comp_bond.pdbx_ordinal 
ALA N   CA   sing N N 1   
ALA N   H    sing N N 2   
ALA N   H2   sing N N 3   
ALA CA  C    sing N N 4   
ALA CA  CB   sing N N 5   
ALA CA  HA   sing N N 6   
ALA C   O    doub N N 7   
ALA C   OXT  sing N N 8   
ALA CB  HB1  sing N N 9   
ALA CB  HB2  sing N N 10  
ALA CB  HB3  sing N N 11  
ALA OXT HXT  sing N N 12  
ARG N   CA   sing N N 13  
ARG N   H    sing N N 14  
ARG N   H2   sing N N 15  
ARG CA  C    sing N N 16  
ARG CA  CB   sing N N 17  
ARG CA  HA   sing N N 18  
ARG C   O    doub N N 19  
ARG C   OXT  sing N N 20  
ARG CB  CG   sing N N 21  
ARG CB  HB2  sing N N 22  
ARG CB  HB3  sing N N 23  
ARG CG  CD   sing N N 24  
ARG CG  HG2  sing N N 25  
ARG CG  HG3  sing N N 26  
ARG CD  NE   sing N N 27  
ARG CD  HD2  sing N N 28  
ARG CD  HD3  sing N N 29  
ARG NE  CZ   sing N N 30  
ARG NE  HE   sing N N 31  
ARG CZ  NH1  sing N N 32  
ARG CZ  NH2  doub N N 33  
ARG NH1 HH11 sing N N 34  
ARG NH1 HH12 sing N N 35  
ARG NH2 HH21 sing N N 36  
ARG NH2 HH22 sing N N 37  
ARG OXT HXT  sing N N 38  
ASN N   CA   sing N N 39  
ASN N   H    sing N N 40  
ASN N   H2   sing N N 41  
ASN CA  C    sing N N 42  
ASN CA  CB   sing N N 43  
ASN CA  HA   sing N N 44  
ASN C   O    doub N N 45  
ASN C   OXT  sing N N 46  
ASN CB  CG   sing N N 47  
ASN CB  HB2  sing N N 48  
ASN CB  HB3  sing N N 49  
ASN CG  OD1  doub N N 50  
ASN CG  ND2  sing N N 51  
ASN ND2 HD21 sing N N 52  
ASN ND2 HD22 sing N N 53  
ASN OXT HXT  sing N N 54  
ASP N   CA   sing N N 55  
ASP N   H    sing N N 56  
ASP N   H2   sing N N 57  
ASP CA  C    sing N N 58  
ASP CA  CB   sing N N 59  
ASP CA  HA   sing N N 60  
ASP C   O    doub N N 61  
ASP C   OXT  sing N N 62  
ASP CB  CG   sing N N 63  
ASP CB  HB2  sing N N 64  
ASP CB  HB3  sing N N 65  
ASP CG  OD1  doub N N 66  
ASP CG  OD2  sing N N 67  
ASP OD2 HD2  sing N N 68  
ASP OXT HXT  sing N N 69  
CYS N   CA   sing N N 70  
CYS N   H    sing N N 71  
CYS N   H2   sing N N 72  
CYS CA  C    sing N N 73  
CYS CA  CB   sing N N 74  
CYS CA  HA   sing N N 75  
CYS C   O    doub N N 76  
CYS C   OXT  sing N N 77  
CYS CB  SG   sing N N 78  
CYS CB  HB2  sing N N 79  
CYS CB  HB3  sing N N 80  
CYS SG  HG   sing N N 81  
CYS OXT HXT  sing N N 82  
GLN N   CA   sing N N 83  
GLN N   H    sing N N 84  
GLN N   H2   sing N N 85  
GLN CA  C    sing N N 86  
GLN CA  CB   sing N N 87  
GLN CA  HA   sing N N 88  
GLN C   O    doub N N 89  
GLN C   OXT  sing N N 90  
GLN CB  CG   sing N N 91  
GLN CB  HB2  sing N N 92  
GLN CB  HB3  sing N N 93  
GLN CG  CD   sing N N 94  
GLN CG  HG2  sing N N 95  
GLN CG  HG3  sing N N 96  
GLN CD  OE1  doub N N 97  
GLN CD  NE2  sing N N 98  
GLN NE2 HE21 sing N N 99  
GLN NE2 HE22 sing N N 100 
GLN OXT HXT  sing N N 101 
GLU N   CA   sing N N 102 
GLU N   H    sing N N 103 
GLU N   H2   sing N N 104 
GLU CA  C    sing N N 105 
GLU CA  CB   sing N N 106 
GLU CA  HA   sing N N 107 
GLU C   O    doub N N 108 
GLU C   OXT  sing N N 109 
GLU CB  CG   sing N N 110 
GLU CB  HB2  sing N N 111 
GLU CB  HB3  sing N N 112 
GLU CG  CD   sing N N 113 
GLU CG  HG2  sing N N 114 
GLU CG  HG3  sing N N 115 
GLU CD  OE1  doub N N 116 
GLU CD  OE2  sing N N 117 
GLU OE2 HE2  sing N N 118 
GLU OXT HXT  sing N N 119 
GLY N   CA   sing N N 120 
GLY N   H    sing N N 121 
GLY N   H2   sing N N 122 
GLY CA  C    sing N N 123 
GLY CA  HA2  sing N N 124 
GLY CA  HA3  sing N N 125 
GLY C   O    doub N N 126 
GLY C   OXT  sing N N 127 
GLY OXT HXT  sing N N 128 
HIS N   CA   sing N N 129 
HIS N   H    sing N N 130 
HIS N   H2   sing N N 131 
HIS CA  C    sing N N 132 
HIS CA  CB   sing N N 133 
HIS CA  HA   sing N N 134 
HIS C   O    doub N N 135 
HIS C   OXT  sing N N 136 
HIS CB  CG   sing N N 137 
HIS CB  HB2  sing N N 138 
HIS CB  HB3  sing N N 139 
HIS CG  ND1  sing Y N 140 
HIS CG  CD2  doub Y N 141 
HIS ND1 CE1  doub Y N 142 
HIS ND1 HD1  sing N N 143 
HIS CD2 NE2  sing Y N 144 
HIS CD2 HD2  sing N N 145 
HIS CE1 NE2  sing Y N 146 
HIS CE1 HE1  sing N N 147 
HIS NE2 HE2  sing N N 148 
HIS OXT HXT  sing N N 149 
HOH O   H1   sing N N 150 
HOH O   H2   sing N N 151 
ILE N   CA   sing N N 152 
ILE N   H    sing N N 153 
ILE N   H2   sing N N 154 
ILE CA  C    sing N N 155 
ILE CA  CB   sing N N 156 
ILE CA  HA   sing N N 157 
ILE C   O    doub N N 158 
ILE C   OXT  sing N N 159 
ILE CB  CG1  sing N N 160 
ILE CB  CG2  sing N N 161 
ILE CB  HB   sing N N 162 
ILE CG1 CD1  sing N N 163 
ILE CG1 HG12 sing N N 164 
ILE CG1 HG13 sing N N 165 
ILE CG2 HG21 sing N N 166 
ILE CG2 HG22 sing N N 167 
ILE CG2 HG23 sing N N 168 
ILE CD1 HD11 sing N N 169 
ILE CD1 HD12 sing N N 170 
ILE CD1 HD13 sing N N 171 
ILE OXT HXT  sing N N 172 
LEU N   CA   sing N N 173 
LEU N   H    sing N N 174 
LEU N   H2   sing N N 175 
LEU CA  C    sing N N 176 
LEU CA  CB   sing N N 177 
LEU CA  HA   sing N N 178 
LEU C   O    doub N N 179 
LEU C   OXT  sing N N 180 
LEU CB  CG   sing N N 181 
LEU CB  HB2  sing N N 182 
LEU CB  HB3  sing N N 183 
LEU CG  CD1  sing N N 184 
LEU CG  CD2  sing N N 185 
LEU CG  HG   sing N N 186 
LEU CD1 HD11 sing N N 187 
LEU CD1 HD12 sing N N 188 
LEU CD1 HD13 sing N N 189 
LEU CD2 HD21 sing N N 190 
LEU CD2 HD22 sing N N 191 
LEU CD2 HD23 sing N N 192 
LEU OXT HXT  sing N N 193 
LYS N   CA   sing N N 194 
LYS N   H    sing N N 195 
LYS N   H2   sing N N 196 
LYS CA  C    sing N N 197 
LYS CA  CB   sing N N 198 
LYS CA  HA   sing N N 199 
LYS C   O    doub N N 200 
LYS C   OXT  sing N N 201 
LYS CB  CG   sing N N 202 
LYS CB  HB2  sing N N 203 
LYS CB  HB3  sing N N 204 
LYS CG  CD   sing N N 205 
LYS CG  HG2  sing N N 206 
LYS CG  HG3  sing N N 207 
LYS CD  CE   sing N N 208 
LYS CD  HD2  sing N N 209 
LYS CD  HD3  sing N N 210 
LYS CE  NZ   sing N N 211 
LYS CE  HE2  sing N N 212 
LYS CE  HE3  sing N N 213 
LYS NZ  HZ1  sing N N 214 
LYS NZ  HZ2  sing N N 215 
LYS NZ  HZ3  sing N N 216 
LYS OXT HXT  sing N N 217 
MET N   CA   sing N N 218 
MET N   H    sing N N 219 
MET N   H2   sing N N 220 
MET CA  C    sing N N 221 
MET CA  CB   sing N N 222 
MET CA  HA   sing N N 223 
MET C   O    doub N N 224 
MET C   OXT  sing N N 225 
MET CB  CG   sing N N 226 
MET CB  HB2  sing N N 227 
MET CB  HB3  sing N N 228 
MET CG  SD   sing N N 229 
MET CG  HG2  sing N N 230 
MET CG  HG3  sing N N 231 
MET SD  CE   sing N N 232 
MET CE  HE1  sing N N 233 
MET CE  HE2  sing N N 234 
MET CE  HE3  sing N N 235 
MET OXT HXT  sing N N 236 
MSE N   CA   sing N N 237 
MSE N   H    sing N N 238 
MSE N   H2   sing N N 239 
MSE CA  C    sing N N 240 
MSE CA  CB   sing N N 241 
MSE CA  HA   sing N N 242 
MSE C   O    doub N N 243 
MSE C   OXT  sing N N 244 
MSE OXT HXT  sing N N 245 
MSE CB  CG   sing N N 246 
MSE CB  HB2  sing N N 247 
MSE CB  HB3  sing N N 248 
MSE CG  SE   sing N N 249 
MSE CG  HG2  sing N N 250 
MSE CG  HG3  sing N N 251 
MSE SE  CE   sing N N 252 
MSE CE  HE1  sing N N 253 
MSE CE  HE2  sing N N 254 
MSE CE  HE3  sing N N 255 
PHE N   CA   sing N N 256 
PHE N   H    sing N N 257 
PHE N   H2   sing N N 258 
PHE CA  C    sing N N 259 
PHE CA  CB   sing N N 260 
PHE CA  HA   sing N N 261 
PHE C   O    doub N N 262 
PHE C   OXT  sing N N 263 
PHE CB  CG   sing N N 264 
PHE CB  HB2  sing N N 265 
PHE CB  HB3  sing N N 266 
PHE CG  CD1  doub Y N 267 
PHE CG  CD2  sing Y N 268 
PHE CD1 CE1  sing Y N 269 
PHE CD1 HD1  sing N N 270 
PHE CD2 CE2  doub Y N 271 
PHE CD2 HD2  sing N N 272 
PHE CE1 CZ   doub Y N 273 
PHE CE1 HE1  sing N N 274 
PHE CE2 CZ   sing Y N 275 
PHE CE2 HE2  sing N N 276 
PHE CZ  HZ   sing N N 277 
PHE OXT HXT  sing N N 278 
PRO N   CA   sing N N 279 
PRO N   CD   sing N N 280 
PRO N   H    sing N N 281 
PRO CA  C    sing N N 282 
PRO CA  CB   sing N N 283 
PRO CA  HA   sing N N 284 
PRO C   O    doub N N 285 
PRO C   OXT  sing N N 286 
PRO CB  CG   sing N N 287 
PRO CB  HB2  sing N N 288 
PRO CB  HB3  sing N N 289 
PRO CG  CD   sing N N 290 
PRO CG  HG2  sing N N 291 
PRO CG  HG3  sing N N 292 
PRO CD  HD2  sing N N 293 
PRO CD  HD3  sing N N 294 
PRO OXT HXT  sing N N 295 
SER N   CA   sing N N 296 
SER N   H    sing N N 297 
SER N   H2   sing N N 298 
SER CA  C    sing N N 299 
SER CA  CB   sing N N 300 
SER CA  HA   sing N N 301 
SER C   O    doub N N 302 
SER C   OXT  sing N N 303 
SER CB  OG   sing N N 304 
SER CB  HB2  sing N N 305 
SER CB  HB3  sing N N 306 
SER OG  HG   sing N N 307 
SER OXT HXT  sing N N 308 
THR N   CA   sing N N 309 
THR N   H    sing N N 310 
THR N   H2   sing N N 311 
THR CA  C    sing N N 312 
THR CA  CB   sing N N 313 
THR CA  HA   sing N N 314 
THR C   O    doub N N 315 
THR C   OXT  sing N N 316 
THR CB  OG1  sing N N 317 
THR CB  CG2  sing N N 318 
THR CB  HB   sing N N 319 
THR OG1 HG1  sing N N 320 
THR CG2 HG21 sing N N 321 
THR CG2 HG22 sing N N 322 
THR CG2 HG23 sing N N 323 
THR OXT HXT  sing N N 324 
TRP N   CA   sing N N 325 
TRP N   H    sing N N 326 
TRP N   H2   sing N N 327 
TRP CA  C    sing N N 328 
TRP CA  CB   sing N N 329 
TRP CA  HA   sing N N 330 
TRP C   O    doub N N 331 
TRP C   OXT  sing N N 332 
TRP CB  CG   sing N N 333 
TRP CB  HB2  sing N N 334 
TRP CB  HB3  sing N N 335 
TRP CG  CD1  doub Y N 336 
TRP CG  CD2  sing Y N 337 
TRP CD1 NE1  sing Y N 338 
TRP CD1 HD1  sing N N 339 
TRP CD2 CE2  doub Y N 340 
TRP CD2 CE3  sing Y N 341 
TRP NE1 CE2  sing Y N 342 
TRP NE1 HE1  sing N N 343 
TRP CE2 CZ2  sing Y N 344 
TRP CE3 CZ3  doub Y N 345 
TRP CE3 HE3  sing N N 346 
TRP CZ2 CH2  doub Y N 347 
TRP CZ2 HZ2  sing N N 348 
TRP CZ3 CH2  sing Y N 349 
TRP CZ3 HZ3  sing N N 350 
TRP CH2 HH2  sing N N 351 
TRP OXT HXT  sing N N 352 
TYR N   CA   sing N N 353 
TYR N   H    sing N N 354 
TYR N   H2   sing N N 355 
TYR CA  C    sing N N 356 
TYR CA  CB   sing N N 357 
TYR CA  HA   sing N N 358 
TYR C   O    doub N N 359 
TYR C   OXT  sing N N 360 
TYR CB  CG   sing N N 361 
TYR CB  HB2  sing N N 362 
TYR CB  HB3  sing N N 363 
TYR CG  CD1  doub Y N 364 
TYR CG  CD2  sing Y N 365 
TYR CD1 CE1  sing Y N 366 
TYR CD1 HD1  sing N N 367 
TYR CD2 CE2  doub Y N 368 
TYR CD2 HD2  sing N N 369 
TYR CE1 CZ   doub Y N 370 
TYR CE1 HE1  sing N N 371 
TYR CE2 CZ   sing Y N 372 
TYR CE2 HE2  sing N N 373 
TYR CZ  OH   sing N N 374 
TYR OH  HH   sing N N 375 
TYR OXT HXT  sing N N 376 
VAL N   CA   sing N N 377 
VAL N   H    sing N N 378 
VAL N   H2   sing N N 379 
VAL CA  C    sing N N 380 
VAL CA  CB   sing N N 381 
VAL CA  HA   sing N N 382 
VAL C   O    doub N N 383 
VAL C   OXT  sing N N 384 
VAL CB  CG1  sing N N 385 
VAL CB  CG2  sing N N 386 
VAL CB  HB   sing N N 387 
VAL CG1 HG11 sing N N 388 
VAL CG1 HG12 sing N N 389 
VAL CG1 HG13 sing N N 390 
VAL CG2 HG21 sing N N 391 
VAL CG2 HG22 sing N N 392 
VAL CG2 HG23 sing N N 393 
VAL OXT HXT  sing N N 394 
# 
_atom_sites.entry_id                    2PFS 
_atom_sites.fract_transf_matrix[1][1]   0.01045759 
_atom_sites.fract_transf_matrix[1][2]   0.00834335 
_atom_sites.fract_transf_matrix[1][3]   0.00720241 
_atom_sites.fract_transf_matrix[2][1]   -0.00412646 
_atom_sites.fract_transf_matrix[2][2]   0.01259634 
_atom_sites.fract_transf_matrix[2][3]   0.00742508 
_atom_sites.fract_transf_matrix[3][1]   -0.00334837 
_atom_sites.fract_transf_matrix[3][2]   -0.01249427 
_atom_sites.fract_transf_matrix[3][3]   0.01933517 
_atom_sites.fract_transf_vector[1]      0.231590 
_atom_sites.fract_transf_vector[2]      0.408414 
_atom_sites.fract_transf_vector[3]      0.283730 
# 
loop_
_atom_type.symbol 
C  
CL 
N  
O  
S  
SE 
# 
loop_
_atom_site.group_PDB 
_atom_site.id 
_atom_site.type_symbol 
_atom_site.label_atom_id 
_atom_site.label_alt_id 
_atom_site.label_comp_id 
_atom_site.label_asym_id 
_atom_site.label_entity_id 
_atom_site.label_seq_id 
_atom_site.pdbx_PDB_ins_code 
_atom_site.Cartn_x 
_atom_site.Cartn_y 
_atom_site.Cartn_z 
_atom_site.occupancy 
_atom_site.B_iso_or_equiv 
_atom_site.pdbx_formal_charge 
_atom_site.auth_seq_id 
_atom_site.auth_comp_id 
_atom_site.auth_asym_id 
_atom_site.auth_atom_id 
_atom_site.pdbx_PDB_model_num 
HETATM 1   N  N   . MSE A 1 3   ? 22.195  7.746   11.972  1.00 69.60 ? 1   MSE A N   1 
HETATM 2   C  CA  . MSE A 1 3   ? 21.355  7.828   10.730  1.00 68.94 ? 1   MSE A CA  1 
HETATM 3   C  C   . MSE A 1 3   ? 20.282  6.723   10.700  1.00 67.92 ? 1   MSE A C   1 
HETATM 4   O  O   . MSE A 1 3   ? 20.400  5.700   11.399  1.00 68.58 ? 1   MSE A O   1 
HETATM 5   C  CB  . MSE A 1 3   ? 22.232  7.790   9.463   1.00 69.03 ? 1   MSE A CB  1 
ATOM   6   N  N   . SER A 1 4   ? 19.254  6.934   9.889   1.00 66.49 ? 2   SER A N   1 
ATOM   7   C  CA  . SER A 1 4   ? 18.069  6.083   9.897   1.00 65.68 ? 2   SER A CA  1 
ATOM   8   C  C   . SER A 1 4   ? 18.333  4.714   9.246   1.00 64.78 ? 2   SER A C   1 
ATOM   9   O  O   . SER A 1 4   ? 18.924  4.620   8.168   1.00 64.42 ? 2   SER A O   1 
ATOM   10  C  CB  . SER A 1 4   ? 16.880  6.804   9.237   1.00 65.96 ? 2   SER A CB  1 
ATOM   11  O  OG  . SER A 1 4   ? 16.628  8.056   9.877   1.00 65.89 ? 2   SER A OG  1 
ATOM   12  N  N   . VAL A 1 5   ? 17.892  3.658   9.924   1.00 63.12 ? 3   VAL A N   1 
ATOM   13  C  CA  . VAL A 1 5   ? 18.181  2.289   9.488   1.00 60.26 ? 3   VAL A CA  1 
ATOM   14  C  C   . VAL A 1 5   ? 17.385  2.040   8.177   1.00 59.03 ? 3   VAL A C   1 
ATOM   15  O  O   . VAL A 1 5   ? 17.836  1.373   7.307   1.00 57.36 ? 3   VAL A O   1 
ATOM   16  C  CB  . VAL A 1 5   ? 17.843  1.285   10.634  1.00 60.12 ? 3   VAL A CB  1 
ATOM   17  C  CG1 . VAL A 1 5   ? 16.354  1.317   10.973  1.00 59.01 ? 3   VAL A CG1 1 
ATOM   18  C  CG2 . VAL A 1 5   ? 18.239  -0.126  10.283  1.00 58.90 ? 3   VAL A CG2 1 
ATOM   19  N  N   . TYR A 1 6   ? 16.191  2.618   8.062   1.00 58.02 ? 4   TYR A N   1 
ATOM   20  C  CA  . TYR A 1 6   ? 15.467  2.704   6.778   1.00 56.19 ? 4   TYR A CA  1 
ATOM   21  C  C   . TYR A 1 6   ? 15.078  4.147   6.546   1.00 56.39 ? 4   TYR A C   1 
ATOM   22  O  O   . TYR A 1 6   ? 14.766  4.884   7.489   1.00 56.74 ? 4   TYR A O   1 
ATOM   23  C  CB  . TYR A 1 6   ? 14.217  1.821   6.802   1.00 55.16 ? 4   TYR A CB  1 
ATOM   24  C  CG  . TYR A 1 6   ? 14.505  0.319   6.929   1.00 52.16 ? 4   TYR A CG  1 
ATOM   25  C  CD1 . TYR A 1 6   ? 15.063  -0.395  5.860   1.00 49.46 ? 4   TYR A CD1 1 
ATOM   26  C  CD2 . TYR A 1 6   ? 14.219  -0.377  8.121   1.00 51.43 ? 4   TYR A CD2 1 
ATOM   27  C  CE1 . TYR A 1 6   ? 15.323  -1.765  5.946   1.00 49.08 ? 4   TYR A CE1 1 
ATOM   28  C  CE2 . TYR A 1 6   ? 14.499  -1.772  8.242   1.00 49.96 ? 4   TYR A CE2 1 
ATOM   29  C  CZ  . TYR A 1 6   ? 15.019  -2.455  7.139   1.00 50.58 ? 4   TYR A CZ  1 
ATOM   30  O  OH  . TYR A 1 6   ? 15.267  -3.819  7.216   1.00 52.00 ? 4   TYR A OH  1 
ATOM   31  N  N   . HIS A 1 7   ? 15.118  4.577   5.293   1.00 56.74 ? 5   HIS A N   1 
ATOM   32  C  CA  . HIS A 1 7   ? 14.772  5.959   4.954   1.00 55.89 ? 5   HIS A CA  1 
ATOM   33  C  C   . HIS A 1 7   ? 13.363  6.138   4.397   1.00 55.29 ? 5   HIS A C   1 
ATOM   34  O  O   . HIS A 1 7   ? 12.757  7.205   4.559   1.00 53.18 ? 5   HIS A O   1 
ATOM   35  C  CB  . HIS A 1 7   ? 15.799  6.541   3.985   1.00 56.12 ? 5   HIS A CB  1 
ATOM   36  C  CG  . HIS A 1 7   ? 17.169  6.660   4.585   1.00 60.27 ? 5   HIS A CG  1 
ATOM   37  N  ND1 . HIS A 1 7   ? 17.496  7.641   5.498   1.00 62.75 ? 5   HIS A ND1 1 
ATOM   38  C  CD2 . HIS A 1 7   ? 18.280  5.889   4.441   1.00 61.92 ? 5   HIS A CD2 1 
ATOM   39  C  CE1 . HIS A 1 7   ? 18.758  7.489   5.868   1.00 64.35 ? 5   HIS A CE1 1 
ATOM   40  N  NE2 . HIS A 1 7   ? 19.254  6.432   5.245   1.00 63.52 ? 5   HIS A NE2 1 
ATOM   41  N  N   . HIS A 1 8   ? 12.861  5.106   3.720   1.00 54.46 ? 6   HIS A N   1 
ATOM   42  C  CA  . HIS A 1 8   ? 11.622  5.221   2.982   1.00 53.62 ? 6   HIS A CA  1 
ATOM   43  C  C   . HIS A 1 8   ? 10.854  3.932   3.056   1.00 53.57 ? 6   HIS A C   1 
ATOM   44  O  O   . HIS A 1 8   ? 11.216  2.959   2.429   1.00 53.37 ? 6   HIS A O   1 
ATOM   45  C  CB  . HIS A 1 8   ? 11.893  5.585   1.528   1.00 52.78 ? 6   HIS A CB  1 
ATOM   46  C  CG  . HIS A 1 8   ? 10.649  5.864   0.736   1.00 52.47 ? 6   HIS A CG  1 
ATOM   47  N  ND1 . HIS A 1 8   ? 10.669  6.138   -0.619  1.00 52.93 ? 6   HIS A ND1 1 
ATOM   48  C  CD2 . HIS A 1 8   ? 9.352   5.952   1.114   1.00 52.66 ? 6   HIS A CD2 1 
ATOM   49  C  CE1 . HIS A 1 8   ? 9.437   6.373   -1.039  1.00 54.10 ? 6   HIS A CE1 1 
ATOM   50  N  NE2 . HIS A 1 8   ? 8.617   6.272   -0.006  1.00 55.57 ? 6   HIS A NE2 1 
ATOM   51  N  N   . ILE A 1 9   ? 9.747   3.954   3.792   1.00 53.89 ? 7   ILE A N   1 
ATOM   52  C  CA  . ILE A 1 9   ? 8.990   2.751   4.051   1.00 53.73 ? 7   ILE A CA  1 
ATOM   53  C  C   . ILE A 1 9   ? 7.739   2.783   3.176   1.00 53.30 ? 7   ILE A C   1 
ATOM   54  O  O   . ILE A 1 9   ? 6.992   3.720   3.228   1.00 53.70 ? 7   ILE A O   1 
ATOM   55  C  CB  . ILE A 1 9   ? 8.622   2.690   5.531   1.00 53.80 ? 7   ILE A CB  1 
ATOM   56  C  CG1 . ILE A 1 9   ? 9.870   2.397   6.396   1.00 54.86 ? 7   ILE A CG1 1 
ATOM   57  C  CG2 . ILE A 1 9   ? 7.528   1.635   5.788   1.00 55.41 ? 7   ILE A CG2 1 
ATOM   58  C  CD1 . ILE A 1 9   ? 9.526   2.504   7.883   1.00 55.28 ? 7   ILE A CD1 1 
ATOM   59  N  N   . LEU A 1 10  ? 7.504   1.756   2.379   1.00 52.63 ? 8   LEU A N   1 
ATOM   60  C  CA  . LEU A 1 10  ? 6.256   1.666   1.627   1.00 51.63 ? 8   LEU A CA  1 
ATOM   61  C  C   . LEU A 1 10  ? 5.282   0.741   2.355   1.00 52.25 ? 8   LEU A C   1 
ATOM   62  O  O   . LEU A 1 10  ? 5.533   -0.476  2.451   1.00 51.18 ? 8   LEU A O   1 
ATOM   63  C  CB  . LEU A 1 10  ? 6.498   1.082   0.208   1.00 51.67 ? 8   LEU A CB  1 
ATOM   64  C  CG  . LEU A 1 10  ? 5.304   0.923   -0.752  1.00 51.41 ? 8   LEU A CG  1 
ATOM   65  C  CD1 . LEU A 1 10  ? 4.607   2.310   -1.051  1.00 47.28 ? 8   LEU A CD1 1 
ATOM   66  C  CD2 . LEU A 1 10  ? 5.690   0.224   -2.096  1.00 50.21 ? 8   LEU A CD2 1 
ATOM   67  N  N   . LEU A 1 11  ? 4.161   1.282   2.830   1.00 51.95 ? 9   LEU A N   1 
ATOM   68  C  CA  . LEU A 1 11  ? 3.118   0.419   3.371   1.00 52.32 ? 9   LEU A CA  1 
ATOM   69  C  C   . LEU A 1 11  ? 2.143   -0.052  2.275   1.00 53.04 ? 9   LEU A C   1 
ATOM   70  O  O   . LEU A 1 11  ? 1.538   0.785   1.576   1.00 52.40 ? 9   LEU A O   1 
ATOM   71  C  CB  . LEU A 1 11  ? 2.342   1.143   4.485   1.00 52.01 ? 9   LEU A CB  1 
ATOM   72  C  CG  . LEU A 1 11  ? 1.075   0.469   5.055   1.00 52.40 ? 9   LEU A CG  1 
ATOM   73  C  CD1 . LEU A 1 11  ? 1.411   -0.873  5.706   1.00 48.24 ? 9   LEU A CD1 1 
ATOM   74  C  CD2 . LEU A 1 11  ? 0.346   1.351   6.094   1.00 51.13 ? 9   LEU A CD2 1 
ATOM   75  N  N   . ALA A 1 12  ? 1.933   -1.368  2.181   1.00 53.54 ? 10  ALA A N   1 
ATOM   76  C  CA  . ALA A 1 12  ? 0.841   -1.914  1.355   1.00 54.57 ? 10  ALA A CA  1 
ATOM   77  C  C   . ALA A 1 12  ? -0.371  -2.334  2.212   1.00 55.97 ? 10  ALA A C   1 
ATOM   78  O  O   . ALA A 1 12  ? -0.245  -3.167  3.119   1.00 56.05 ? 10  ALA A O   1 
ATOM   79  C  CB  . ALA A 1 12  ? 1.333   -3.081  0.531   1.00 54.71 ? 10  ALA A CB  1 
ATOM   80  N  N   . VAL A 1 13  ? -1.536  -1.750  1.930   1.00 57.17 ? 11  VAL A N   1 
ATOM   81  C  CA  . VAL A 1 13  ? -2.769  -2.068  2.628   1.00 59.07 ? 11  VAL A CA  1 
ATOM   82  C  C   . VAL A 1 13  ? -3.799  -2.757  1.717   1.00 59.92 ? 11  VAL A C   1 
ATOM   83  O  O   . VAL A 1 13  ? -3.917  -2.405  0.534   1.00 60.23 ? 11  VAL A O   1 
ATOM   84  C  CB  . VAL A 1 13  ? -3.394  -0.773  3.217   1.00 59.99 ? 11  VAL A CB  1 
ATOM   85  C  CG1 . VAL A 1 13  ? -2.663  -0.337  4.513   1.00 59.84 ? 11  VAL A CG1 1 
ATOM   86  C  CG2 . VAL A 1 13  ? -3.350  0.362   2.193   1.00 61.53 ? 11  VAL A CG2 1 
ATOM   87  N  N   . ASP A 1 14  ? -4.578  -3.697  2.270   1.00 60.36 ? 12  ASP A N   1 
ATOM   88  C  CA  . ASP A 1 14  ? -5.657  -4.335  1.511   1.00 60.87 ? 12  ASP A CA  1 
ATOM   89  C  C   . ASP A 1 14  ? -7.072  -3.938  1.916   1.00 60.60 ? 12  ASP A C   1 
ATOM   90  O  O   . ASP A 1 14  ? -8.014  -4.439  1.323   1.00 59.89 ? 12  ASP A O   1 
ATOM   91  C  CB  . ASP A 1 14  ? -5.530  -5.870  1.554   1.00 63.18 ? 12  ASP A CB  1 
ATOM   92  C  CG  . ASP A 1 14  ? -5.427  -6.408  2.980   1.00 67.18 ? 12  ASP A CG  1 
ATOM   93  O  OD1 . ASP A 1 14  ? -5.696  -5.608  3.926   1.00 72.15 ? 12  ASP A OD1 1 
ATOM   94  O  OD2 . ASP A 1 14  ? -5.069  -7.604  3.151   1.00 68.09 ? 12  ASP A OD2 1 
ATOM   95  N  N   . PHE A 1 15  ? -7.227  -3.025  2.890   1.00 60.05 ? 13  PHE A N   1 
ATOM   96  C  CA  . PHE A 1 15  ? -8.564  -2.543  3.349   1.00 60.04 ? 13  PHE A CA  1 
ATOM   97  C  C   . PHE A 1 15  ? -9.384  -3.612  4.040   1.00 59.96 ? 13  PHE A C   1 
ATOM   98  O  O   . PHE A 1 15  ? -10.562 -3.779  3.736   1.00 60.16 ? 13  PHE A O   1 
ATOM   99  C  CB  . PHE A 1 15  ? -9.408  -1.925  2.207   1.00 59.74 ? 13  PHE A CB  1 
ATOM   100 C  CG  . PHE A 1 15  ? -8.703  -0.826  1.456   1.00 59.33 ? 13  PHE A CG  1 
ATOM   101 C  CD1 . PHE A 1 15  ? -7.734  -0.046  2.094   1.00 55.94 ? 13  PHE A CD1 1 
ATOM   102 C  CD2 . PHE A 1 15  ? -9.019  -0.569  0.111   1.00 57.77 ? 13  PHE A CD2 1 
ATOM   103 C  CE1 . PHE A 1 15  ? -7.070  1.001   1.430   1.00 56.86 ? 13  PHE A CE1 1 
ATOM   104 C  CE2 . PHE A 1 15  ? -8.375  0.466   -0.574  1.00 60.80 ? 13  PHE A CE2 1 
ATOM   105 C  CZ  . PHE A 1 15  ? -7.377  1.255   0.090   1.00 59.99 ? 13  PHE A CZ  1 
ATOM   106 N  N   . SER A 1 16  ? -8.744  -4.381  4.908   1.00 59.98 ? 14  SER A N   1 
ATOM   107 C  CA  . SER A 1 16  ? -9.457  -5.266  5.799   1.00 60.09 ? 14  SER A CA  1 
ATOM   108 C  C   . SER A 1 16  ? -9.652  -4.510  7.116   1.00 60.88 ? 14  SER A C   1 
ATOM   109 O  O   . SER A 1 16  ? -9.036  -3.457  7.344   1.00 59.92 ? 14  SER A O   1 
ATOM   110 C  CB  . SER A 1 16  ? -8.646  -6.551  6.038   1.00 59.99 ? 14  SER A CB  1 
ATOM   111 O  OG  . SER A 1 16  ? -7.407  -6.253  6.670   1.00 59.07 ? 14  SER A OG  1 
ATOM   112 N  N   . SER A 1 17  ? -10.457 -5.095  8.003   1.00 62.03 ? 15  SER A N   1 
ATOM   113 C  CA  . SER A 1 17  ? -10.711 -4.558  9.342   1.00 63.44 ? 15  SER A CA  1 
ATOM   114 C  C   . SER A 1 17  ? -9.453  -4.459  10.220  1.00 64.38 ? 15  SER A C   1 
ATOM   115 O  O   . SER A 1 17  ? -9.435  -3.730  11.221  1.00 65.02 ? 15  SER A O   1 
ATOM   116 C  CB  . SER A 1 17  ? -11.796 -5.390  10.036  1.00 63.75 ? 15  SER A CB  1 
ATOM   117 O  OG  . SER A 1 17  ? -11.526 -6.773  9.917   1.00 65.16 ? 15  SER A OG  1 
ATOM   118 N  N   . GLU A 1 18  ? -8.402  -5.176  9.820   1.00 64.57 ? 16  GLU A N   1 
ATOM   119 C  CA  . GLU A 1 18  ? -7.150  -5.197  10.550  1.00 64.91 ? 16  GLU A CA  1 
ATOM   120 C  C   . GLU A 1 18  ? -6.135  -4.112  10.110  1.00 64.80 ? 16  GLU A C   1 
ATOM   121 O  O   . GLU A 1 18  ? -5.075  -4.007  10.698  1.00 65.59 ? 16  GLU A O   1 
ATOM   122 C  CB  . GLU A 1 18  ? -6.528  -6.606  10.460  1.00 65.90 ? 16  GLU A CB  1 
ATOM   123 C  CG  . GLU A 1 18  ? -7.363  -7.749  11.119  1.00 65.33 ? 16  GLU A CG  1 
ATOM   124 C  CD  . GLU A 1 18  ? -8.592  -8.166  10.290  1.00 68.50 ? 16  GLU A CD  1 
ATOM   125 O  OE1 . GLU A 1 18  ? -8.409  -8.553  9.113   1.00 71.68 ? 16  GLU A OE1 1 
ATOM   126 O  OE2 . GLU A 1 18  ? -9.737  -8.113  10.805  1.00 64.37 ? 16  GLU A OE2 1 
ATOM   127 N  N   . ASP A 1 19  ? -6.467  -3.314  9.094   1.00 64.30 ? 17  ASP A N   1 
ATOM   128 C  CA  . ASP A 1 19  ? -5.640  -2.208  8.619   1.00 64.23 ? 17  ASP A CA  1 
ATOM   129 C  C   . ASP A 1 19  ? -5.127  -1.305  9.727   1.00 64.07 ? 17  ASP A C   1 
ATOM   130 O  O   . ASP A 1 19  ? -3.987  -0.874  9.714   1.00 63.66 ? 17  ASP A O   1 
ATOM   131 C  CB  . ASP A 1 19  ? -6.437  -1.314  7.678   1.00 64.66 ? 17  ASP A CB  1 
ATOM   132 C  CG  . ASP A 1 19  ? -6.432  -1.804  6.240   1.00 66.43 ? 17  ASP A CG  1 
ATOM   133 O  OD1 . ASP A 1 19  ? -5.657  -2.724  5.897   1.00 68.87 ? 17  ASP A OD1 1 
ATOM   134 O  OD2 . ASP A 1 19  ? -7.210  -1.239  5.449   1.00 68.66 ? 17  ASP A OD2 1 
ATOM   135 N  N   . SER A 1 20  ? -5.990  -1.017  10.676  1.00 64.40 ? 18  SER A N   1 
ATOM   136 C  CA  . SER A 1 20  ? -5.733  -0.046  11.728  1.00 64.73 ? 18  SER A CA  1 
ATOM   137 C  C   . SER A 1 20  ? -4.585  -0.450  12.657  1.00 63.71 ? 18  SER A C   1 
ATOM   138 O  O   . SER A 1 20  ? -3.848  0.413   13.130  1.00 64.22 ? 18  SER A O   1 
ATOM   139 C  CB  . SER A 1 20  ? -6.999  0.123   12.567  1.00 65.48 ? 18  SER A CB  1 
ATOM   140 O  OG  . SER A 1 20  ? -7.015  1.381   13.217  1.00 68.22 ? 18  SER A OG  1 
ATOM   141 N  N   . GLN A 1 21  ? -4.467  -1.746  12.935  1.00 61.83 ? 19  GLN A N   1 
ATOM   142 C  CA  . GLN A 1 21  ? -3.360  -2.259  13.726  1.00 60.96 ? 19  GLN A CA  1 
ATOM   143 C  C   . GLN A 1 21  ? -2.052  -1.952  12.990  1.00 59.07 ? 19  GLN A C   1 
ATOM   144 O  O   . GLN A 1 21  ? -1.114  -1.393  13.581  1.00 57.57 ? 19  GLN A O   1 
ATOM   145 C  CB  . GLN A 1 21  ? -3.463  -3.780  13.973  1.00 60.55 ? 19  GLN A CB  1 
ATOM   146 C  CG  . GLN A 1 21  ? -4.878  -4.312  14.261  1.00 62.71 ? 19  GLN A CG  1 
ATOM   147 C  CD  . GLN A 1 21  ? -4.961  -5.854  14.351  1.00 62.56 ? 19  GLN A CD  1 
ATOM   148 O  OE1 . GLN A 1 21  ? -3.960  -6.576  14.220  1.00 62.30 ? 19  GLN A OE1 1 
ATOM   149 N  NE2 . GLN A 1 21  ? -6.172  -6.355  14.593  1.00 64.67 ? 19  GLN A NE2 1 
ATOM   150 N  N   . VAL A 1 22  ? -2.009  -2.353  11.717  1.00 57.26 ? 20  VAL A N   1 
ATOM   151 C  CA  . VAL A 1 22  ? -0.829  -2.142  10.890  1.00 57.30 ? 20  VAL A CA  1 
ATOM   152 C  C   . VAL A 1 22  ? -0.508  -0.654  10.715  1.00 55.99 ? 20  VAL A C   1 
ATOM   153 O  O   . VAL A 1 22  ? 0.644   -0.273  10.846  1.00 56.50 ? 20  VAL A O   1 
ATOM   154 C  CB  . VAL A 1 22  ? -0.903  -2.799  9.481   1.00 56.82 ? 20  VAL A CB  1 
ATOM   155 C  CG1 . VAL A 1 22  ? 0.541   -2.887  8.868   1.00 57.97 ? 20  VAL A CG1 1 
ATOM   156 C  CG2 . VAL A 1 22  ? -1.428  -4.205  9.586   1.00 60.21 ? 20  VAL A CG2 1 
ATOM   157 N  N   . VAL A 1 23  ? -1.512  0.157   10.398  1.00 53.80 ? 21  VAL A N   1 
ATOM   158 C  CA  . VAL A 1 23  ? -1.341  1.623   10.275  1.00 53.26 ? 21  VAL A CA  1 
ATOM   159 C  C   . VAL A 1 23  ? -0.602  2.286   11.480  1.00 54.54 ? 21  VAL A C   1 
ATOM   160 O  O   . VAL A 1 23  ? 0.434   2.981   11.289  1.00 52.74 ? 21  VAL A O   1 
ATOM   161 C  CB  . VAL A 1 23  ? -2.683  2.281   9.945   1.00 51.88 ? 21  VAL A CB  1 
ATOM   162 C  CG1 . VAL A 1 23  ? -2.637  3.810   10.051  1.00 50.74 ? 21  VAL A CG1 1 
ATOM   163 C  CG2 . VAL A 1 23  ? -3.097  1.822   8.567   1.00 50.95 ? 21  VAL A CG2 1 
ATOM   164 N  N   . GLN A 1 24  ? -1.103  2.044   12.696  1.00 53.93 ? 22  GLN A N   1 
ATOM   165 C  CA  . GLN A 1 24  ? -0.492  2.628   13.911  1.00 55.22 ? 22  GLN A CA  1 
ATOM   166 C  C   . GLN A 1 24  ? 0.922   2.077   14.188  1.00 54.46 ? 22  GLN A C   1 
ATOM   167 O  O   . GLN A 1 24  ? 1.844   2.826   14.471  1.00 54.57 ? 22  GLN A O   1 
ATOM   168 C  CB  . GLN A 1 24  ? -1.408  2.450   15.131  1.00 55.31 ? 22  GLN A CB  1 
ATOM   169 C  CG  . GLN A 1 24  ? -2.715  3.275   15.046  1.00 61.05 ? 22  GLN A CG  1 
ATOM   170 C  CD  . GLN A 1 24  ? -2.510  4.774   14.674  1.00 66.82 ? 22  GLN A CD  1 
ATOM   171 O  OE1 . GLN A 1 24  ? -1.498  5.398   15.032  1.00 72.09 ? 22  GLN A OE1 1 
ATOM   172 N  NE2 . GLN A 1 24  ? -3.475  5.338   13.941  1.00 69.45 ? 22  GLN A NE2 1 
ATOM   173 N  N   . LYS A 1 25  ? 1.101   0.776   14.016  1.00 54.00 ? 23  LYS A N   1 
ATOM   174 C  CA  . LYS A 1 25  ? 2.428   0.172   14.062  1.00 53.54 ? 23  LYS A CA  1 
ATOM   175 C  C   . LYS A 1 25  ? 3.433   0.785   13.074  1.00 54.02 ? 23  LYS A C   1 
ATOM   176 O  O   . LYS A 1 25  ? 4.589   1.059   13.428  1.00 54.28 ? 23  LYS A O   1 
ATOM   177 C  CB  . LYS A 1 25  ? 2.308   -1.320  13.751  1.00 54.08 ? 23  LYS A CB  1 
ATOM   178 C  CG  . LYS A 1 25  ? 3.617   -2.061  13.563  1.00 52.12 ? 23  LYS A CG  1 
ATOM   179 C  CD  . LYS A 1 25  ? 3.321   -3.557  13.612  1.00 55.19 ? 23  LYS A CD  1 
ATOM   180 C  CE  . LYS A 1 25  ? 3.575   -4.116  14.990  1.00 51.82 ? 23  LYS A CE  1 
ATOM   181 N  NZ  . LYS A 1 25  ? 3.036   -5.495  15.074  1.00 53.51 ? 23  LYS A NZ  1 
ATOM   182 N  N   . VAL A 1 26  ? 3.029   0.937   11.821  1.00 53.33 ? 24  VAL A N   1 
ATOM   183 C  CA  . VAL A 1 26  ? 3.894   1.533   10.822  1.00 54.67 ? 24  VAL A CA  1 
ATOM   184 C  C   . VAL A 1 26  ? 4.147   3.011   11.089  1.00 54.71 ? 24  VAL A C   1 
ATOM   185 O  O   . VAL A 1 26  ? 5.267   3.516   10.897  1.00 55.13 ? 24  VAL A O   1 
ATOM   186 C  CB  . VAL A 1 26  ? 3.304   1.273   9.405   1.00 55.82 ? 24  VAL A CB  1 
ATOM   187 C  CG1 . VAL A 1 26  ? 3.627   2.364   8.433   1.00 56.86 ? 24  VAL A CG1 1 
ATOM   188 C  CG2 . VAL A 1 26  ? 3.732   -0.113  8.910   1.00 56.36 ? 24  VAL A CG2 1 
ATOM   189 N  N   . ARG A 1 27  ? 3.125   3.721   11.559  1.00 56.66 ? 25  ARG A N   1 
ATOM   190 C  CA  . ARG A 1 27  ? 3.346   5.107   12.025  1.00 56.74 ? 25  ARG A CA  1 
ATOM   191 C  C   . ARG A 1 27  ? 4.377   5.224   13.182  1.00 55.62 ? 25  ARG A C   1 
ATOM   192 O  O   . ARG A 1 27  ? 5.254   6.059   13.139  1.00 54.69 ? 25  ARG A O   1 
ATOM   193 C  CB  . ARG A 1 27  ? 2.067   5.734   12.461  1.00 56.19 ? 25  ARG A CB  1 
ATOM   194 C  CG  . ARG A 1 27  ? 2.178   7.227   12.486  1.00 62.08 ? 25  ARG A CG  1 
ATOM   195 C  CD  . ARG A 1 27  ? 0.963   7.940   13.094  1.00 68.68 ? 25  ARG A CD  1 
ATOM   196 N  NE  . ARG A 1 27  ? 0.382   7.284   14.250  1.00 75.67 ? 25  ARG A NE  1 
ATOM   197 C  CZ  . ARG A 1 27  ? 0.900   7.284   15.477  1.00 82.52 ? 25  ARG A CZ  1 
ATOM   198 N  NH1 . ARG A 1 27  ? 2.072   7.873   15.736  1.00 85.12 ? 25  ARG A NH1 1 
ATOM   199 N  NH2 . ARG A 1 27  ? 0.247   6.652   16.451  1.00 84.16 ? 25  ARG A NH2 1 
ATOM   200 N  N   . ASN A 1 28  ? 4.234   4.370   14.190  1.00 55.36 ? 26  ASN A N   1 
ATOM   201 C  CA  . ASN A 1 28  ? 5.194   4.312   15.286  1.00 55.30 ? 26  ASN A CA  1 
ATOM   202 C  C   . ASN A 1 28  ? 6.585   3.902   14.812  1.00 54.26 ? 26  ASN A C   1 
ATOM   203 O  O   . ASN A 1 28  ? 7.591   4.453   15.259  1.00 54.04 ? 26  ASN A O   1 
ATOM   204 C  CB  . ASN A 1 28  ? 4.707   3.352   16.374  1.00 55.45 ? 26  ASN A CB  1 
ATOM   205 C  CG  . ASN A 1 28  ? 3.505   3.888   17.126  1.00 61.47 ? 26  ASN A CG  1 
ATOM   206 O  OD1 . ASN A 1 28  ? 3.308   5.099   17.226  1.00 65.14 ? 26  ASN A OD1 1 
ATOM   207 N  ND2 . ASN A 1 28  ? 2.691   2.984   17.660  1.00 60.12 ? 26  ASN A ND2 1 
ATOM   208 N  N   . LEU A 1 29  ? 6.633   2.933   13.903  1.00 53.83 ? 27  LEU A N   1 
ATOM   209 C  CA  . LEU A 1 29  ? 7.894   2.495   13.316  1.00 54.67 ? 27  LEU A CA  1 
ATOM   210 C  C   . LEU A 1 29  ? 8.637   3.661   12.671  1.00 54.23 ? 27  LEU A C   1 
ATOM   211 O  O   . LEU A 1 29  ? 9.755   3.993   13.066  1.00 53.38 ? 27  LEU A O   1 
ATOM   212 C  CB  . LEU A 1 29  ? 7.650   1.392   12.284  1.00 53.45 ? 27  LEU A CB  1 
ATOM   213 C  CG  . LEU A 1 29  ? 8.896   0.771   11.649  1.00 57.35 ? 27  LEU A CG  1 
ATOM   214 C  CD1 . LEU A 1 29  ? 9.864   0.291   12.720  1.00 55.04 ? 27  LEU A CD1 1 
ATOM   215 C  CD2 . LEU A 1 29  ? 8.513   -0.369  10.718  1.00 56.26 ? 27  LEU A CD2 1 
ATOM   216 N  N   . ALA A 1 30  ? 8.007   4.280   11.679  1.00 54.40 ? 28  ALA A N   1 
ATOM   217 C  CA  . ALA A 1 30  ? 8.678   5.271   10.845  1.00 54.73 ? 28  ALA A CA  1 
ATOM   218 C  C   . ALA A 1 30  ? 9.119   6.476   11.669  1.00 54.70 ? 28  ALA A C   1 
ATOM   219 O  O   . ALA A 1 30  ? 10.200  7.024   11.455  1.00 54.07 ? 28  ALA A O   1 
ATOM   220 C  CB  . ALA A 1 30  ? 7.770   5.709   9.706   1.00 53.23 ? 28  ALA A CB  1 
ATOM   221 N  N   . SER A 1 31  ? 8.276   6.882   12.613  1.00 55.25 ? 29  SER A N   1 
ATOM   222 C  CA  . SER A 1 31  ? 8.593   7.994   13.491  1.00 55.63 ? 29  SER A CA  1 
ATOM   223 C  C   . SER A 1 31  ? 9.759   7.695   14.422  1.00 55.52 ? 29  SER A C   1 
ATOM   224 O  O   . SER A 1 31  ? 10.561  8.582   14.732  1.00 54.74 ? 29  SER A O   1 
ATOM   225 C  CB  . SER A 1 31  ? 7.383   8.307   14.359  1.00 55.67 ? 29  SER A CB  1 
ATOM   226 O  OG  . SER A 1 31  ? 6.321   8.699   13.501  1.00 62.22 ? 29  SER A OG  1 
ATOM   227 N  N   . GLN A 1 32  ? 9.825   6.472   14.941  1.00 55.64 ? 30  GLN A N   1 
ATOM   228 C  CA  . GLN A 1 32  ? 10.971  6.159   15.811  1.00 56.35 ? 30  GLN A CA  1 
ATOM   229 C  C   . GLN A 1 32  ? 12.263  6.032   15.002  1.00 55.51 ? 30  GLN A C   1 
ATOM   230 O  O   . GLN A 1 32  ? 13.338  6.374   15.484  1.00 54.60 ? 30  GLN A O   1 
ATOM   231 C  CB  . GLN A 1 32  ? 10.703  4.936   16.691  1.00 56.12 ? 30  GLN A CB  1 
ATOM   232 C  CG  . GLN A 1 32  ? 9.415   5.114   17.548  1.00 56.69 ? 30  GLN A CG  1 
ATOM   233 C  CD  . GLN A 1 32  ? 9.004   3.843   18.310  1.00 58.37 ? 30  GLN A CD  1 
ATOM   234 O  OE1 . GLN A 1 32  ? 9.722   2.854   18.340  1.00 58.73 ? 30  GLN A OE1 1 
ATOM   235 N  NE2 . GLN A 1 32  ? 7.832   3.883   18.933  1.00 63.04 ? 30  GLN A NE2 1 
ATOM   236 N  N   . ILE A 1 33  ? 12.202  5.576   13.756  1.00 55.91 ? 31  ILE A N   1 
ATOM   237 C  CA  . ILE A 1 33  ? 13.499  5.429   13.066  1.00 56.24 ? 31  ILE A CA  1 
ATOM   238 C  C   . ILE A 1 33  ? 13.807  6.629   12.163  1.00 55.97 ? 31  ILE A C   1 
ATOM   239 O  O   . ILE A 1 33  ? 14.902  6.707   11.602  1.00 56.62 ? 31  ILE A O   1 
ATOM   240 C  CB  . ILE A 1 33  ? 13.655  4.102   12.301  1.00 56.45 ? 31  ILE A CB  1 
ATOM   241 C  CG1 . ILE A 1 33  ? 12.754  4.110   11.053  1.00 57.67 ? 31  ILE A CG1 1 
ATOM   242 C  CG2 . ILE A 1 33  ? 13.362  2.867   13.227  1.00 53.69 ? 31  ILE A CG2 1 
ATOM   243 C  CD1 . ILE A 1 33  ? 12.831  2.816   10.204  1.00 58.33 ? 31  ILE A CD1 1 
ATOM   244 N  N   . GLY A 1 34  ? 12.838  7.511   11.972  1.00 54.20 ? 32  GLY A N   1 
ATOM   245 C  CA  . GLY A 1 34  ? 13.036  8.707   11.148  1.00 53.85 ? 32  GLY A CA  1 
ATOM   246 C  C   . GLY A 1 34  ? 12.833  8.460   9.667   1.00 53.33 ? 32  GLY A C   1 
ATOM   247 O  O   . GLY A 1 34  ? 13.477  9.087   8.842   1.00 53.89 ? 32  GLY A O   1 
ATOM   248 N  N   . ALA A 1 35  ? 11.962  7.529   9.314   1.00 53.29 ? 33  ALA A N   1 
ATOM   249 C  CA  . ALA A 1 35  ? 11.728  7.238   7.863   1.00 52.15 ? 33  ALA A CA  1 
ATOM   250 C  C   . ALA A 1 35  ? 10.486  7.938   7.361   1.00 52.42 ? 33  ALA A C   1 
ATOM   251 O  O   . ALA A 1 35  ? 9.491   8.107   8.105   1.00 51.99 ? 33  ALA A O   1 
ATOM   252 C  CB  . ALA A 1 35  ? 11.569  5.717   7.619   1.00 50.90 ? 33  ALA A CB  1 
ATOM   253 N  N   . ARG A 1 36  ? 10.487  8.250   6.074   1.00 52.01 ? 34  ARG A N   1 
ATOM   254 C  CA  . ARG A 1 36  ? 9.289   8.761   5.430   1.00 51.80 ? 34  ARG A CA  1 
ATOM   255 C  C   . ARG A 1 36  ? 8.424   7.610   4.932   1.00 51.24 ? 34  ARG A C   1 
ATOM   256 O  O   . ARG A 1 36  ? 8.926   6.505   4.738   1.00 51.75 ? 34  ARG A O   1 
ATOM   257 C  CB  . ARG A 1 36  ? 9.677   9.739   4.317   1.00 53.04 ? 34  ARG A CB  1 
ATOM   258 C  CG  . ARG A 1 36  ? 10.161  9.140   3.016   1.00 53.49 ? 34  ARG A CG  1 
ATOM   259 C  CD  . ARG A 1 36  ? 10.752  10.294  2.241   1.00 61.35 ? 34  ARG A CD  1 
ATOM   260 N  NE  . ARG A 1 36  ? 11.003  10.055  0.817   1.00 66.13 ? 34  ARG A NE  1 
ATOM   261 C  CZ  . ARG A 1 36  ? 12.078  9.440   0.342   1.00 68.70 ? 34  ARG A CZ  1 
ATOM   262 N  NH1 . ARG A 1 36  ? 12.994  8.965   1.187   1.00 70.36 ? 34  ARG A NH1 1 
ATOM   263 N  NH2 . ARG A 1 36  ? 12.243  9.301   -0.979  1.00 68.63 ? 34  ARG A NH2 1 
ATOM   264 N  N   . LEU A 1 37  ? 7.118   7.855   4.756   1.00 50.33 ? 35  LEU A N   1 
ATOM   265 C  CA  . LEU A 1 37  ? 6.170   6.798   4.373   1.00 47.69 ? 35  LEU A CA  1 
ATOM   266 C  C   . LEU A 1 37  ? 5.585   7.069   3.035   1.00 45.78 ? 35  LEU A C   1 
ATOM   267 O  O   . LEU A 1 37  ? 5.310   8.252   2.714   1.00 46.06 ? 35  LEU A O   1 
ATOM   268 C  CB  . LEU A 1 37  ? 5.022   6.744   5.376   1.00 47.95 ? 35  LEU A CB  1 
ATOM   269 C  CG  . LEU A 1 37  ? 5.358   6.073   6.712   1.00 52.19 ? 35  LEU A CG  1 
ATOM   270 C  CD1 . LEU A 1 37  ? 4.327   6.470   7.776   1.00 53.31 ? 35  LEU A CD1 1 
ATOM   271 C  CD2 . LEU A 1 37  ? 5.356   4.577   6.504   1.00 51.63 ? 35  LEU A CD2 1 
ATOM   272 N  N   . SER A 1 38  ? 5.396   6.022   2.239   1.00 43.56 ? 36  SER A N   1 
ATOM   273 C  CA  . SER A 1 38  ? 4.471   6.069   1.110   1.00 41.75 ? 36  SER A CA  1 
ATOM   274 C  C   . SER A 1 38  ? 3.448   4.963   1.301   1.00 41.64 ? 36  SER A C   1 
ATOM   275 O  O   . SER A 1 38  ? 3.585   4.107   2.208   1.00 41.71 ? 36  SER A O   1 
ATOM   276 C  CB  . SER A 1 38  ? 5.152   5.923   -0.255  1.00 42.07 ? 36  SER A CB  1 
ATOM   277 O  OG  . SER A 1 38  ? 6.160   6.886   -0.439  1.00 40.81 ? 36  SER A OG  1 
ATOM   278 N  N   . LEU A 1 39  ? 2.401   5.004   0.474   1.00 40.58 ? 37  LEU A N   1 
ATOM   279 C  CA  . LEU A 1 39  ? 1.270   4.136   0.653   1.00 40.35 ? 37  LEU A CA  1 
ATOM   280 C  C   . LEU A 1 39  ? 0.866   3.608   -0.691  1.00 41.06 ? 37  LEU A C   1 
ATOM   281 O  O   . LEU A 1 39  ? 0.920   4.327   -1.699  1.00 42.66 ? 37  LEU A O   1 
ATOM   282 C  CB  . LEU A 1 39  ? 0.143   4.915   1.318   1.00 40.27 ? 37  LEU A CB  1 
ATOM   283 C  CG  . LEU A 1 39  ? -1.170  4.254   1.737   1.00 40.93 ? 37  LEU A CG  1 
ATOM   284 C  CD1 . LEU A 1 39  ? -0.985  3.309   2.928   1.00 39.24 ? 37  LEU A CD1 1 
ATOM   285 C  CD2 . LEU A 1 39  ? -2.232  5.338   2.067   1.00 38.29 ? 37  LEU A CD2 1 
ATOM   286 N  N   A ILE A 1 40  ? 0.487   2.335   -0.745  0.60 40.77 ? 38  ILE A N   1 
ATOM   287 N  N   B ILE A 1 40  ? 0.477   2.339   -0.721  0.40 41.15 ? 38  ILE A N   1 
ATOM   288 C  CA  A ILE A 1 40  ? -0.078  1.772   -1.976  0.60 39.94 ? 38  ILE A CA  1 
ATOM   289 C  CA  B ILE A 1 40  ? -0.066  1.725   -1.928  0.40 40.81 ? 38  ILE A CA  1 
ATOM   290 C  C   A ILE A 1 40  ? -1.157  0.749   -1.681  0.60 39.98 ? 38  ILE A C   1 
ATOM   291 C  C   B ILE A 1 40  ? -1.240  0.827   -1.589  0.40 40.48 ? 38  ILE A C   1 
ATOM   292 O  O   A ILE A 1 40  ? -1.072  -0.002  -0.697  0.60 40.17 ? 38  ILE A O   1 
ATOM   293 O  O   B ILE A 1 40  ? -1.300  0.236   -0.497  0.40 40.56 ? 38  ILE A O   1 
ATOM   294 C  CB  A ILE A 1 40  ? 0.987   1.124   -2.879  0.60 39.97 ? 38  ILE A CB  1 
ATOM   295 C  CB  B ILE A 1 40  ? 0.965   0.844   -2.651  0.40 41.14 ? 38  ILE A CB  1 
ATOM   296 C  CG1 A ILE A 1 40  ? 0.324   0.550   -4.145  0.60 38.47 ? 38  ILE A CG1 1 
ATOM   297 C  CG1 B ILE A 1 40  ? 1.796   0.053   -1.645  0.40 41.05 ? 38  ILE A CG1 1 
ATOM   298 C  CG2 A ILE A 1 40  ? 1.817   0.083   -2.085  0.60 39.48 ? 38  ILE A CG2 1 
ATOM   299 C  CG2 B ILE A 1 40  ? 1.868   1.665   -3.555  0.40 41.43 ? 38  ILE A CG2 1 
ATOM   300 C  CD1 A ILE A 1 40  ? 1.290   0.102   -5.201  0.60 35.60 ? 38  ILE A CD1 1 
ATOM   301 C  CD1 B ILE A 1 40  ? 2.401   -1.142  -2.255  0.40 43.54 ? 38  ILE A CD1 1 
ATOM   302 N  N   . HIS A 1 41  ? -2.182  0.760   -2.524  1.00 39.79 ? 39  HIS A N   1 
ATOM   303 C  CA  . HIS A 1 41  ? -3.166  -0.267  -2.552  1.00 39.45 ? 39  HIS A CA  1 
ATOM   304 C  C   . HIS A 1 41  ? -3.328  -0.683  -4.008  1.00 40.05 ? 39  HIS A C   1 
ATOM   305 O  O   . HIS A 1 41  ? -3.510  0.154   -4.897  1.00 39.90 ? 39  HIS A O   1 
ATOM   306 C  CB  . HIS A 1 41  ? -4.487  0.213   -1.969  1.00 39.35 ? 39  HIS A CB  1 
ATOM   307 C  CG  . HIS A 1 41  ? -5.608  -0.759  -2.177  1.00 36.13 ? 39  HIS A CG  1 
ATOM   308 N  ND1 . HIS A 1 41  ? -5.835  -1.826  -1.332  1.00 32.95 ? 39  HIS A ND1 1 
ATOM   309 C  CD2 . HIS A 1 41  ? -6.553  -0.834  -3.140  1.00 35.05 ? 39  HIS A CD2 1 
ATOM   310 C  CE1 . HIS A 1 41  ? -6.889  -2.502  -1.749  1.00 33.84 ? 39  HIS A CE1 1 
ATOM   311 N  NE2 . HIS A 1 41  ? -7.356  -1.913  -2.841  1.00 34.33 ? 39  HIS A NE2 1 
ATOM   312 N  N   . VAL A 1 42  ? -3.212  -1.976  -4.266  1.00 41.88 ? 40  VAL A N   1 
ATOM   313 C  CA  . VAL A 1 42  ? -3.445  -2.492  -5.632  1.00 42.62 ? 40  VAL A CA  1 
ATOM   314 C  C   . VAL A 1 42  ? -4.887  -2.971  -5.709  1.00 44.16 ? 40  VAL A C   1 
ATOM   315 O  O   . VAL A 1 42  ? -5.341  -3.738  -4.846  1.00 43.86 ? 40  VAL A O   1 
ATOM   316 C  CB  . VAL A 1 42  ? -2.461  -3.631  -6.011  1.00 41.98 ? 40  VAL A CB  1 
ATOM   317 C  CG1 . VAL A 1 42  ? -2.624  -4.063  -7.512  1.00 41.17 ? 40  VAL A CG1 1 
ATOM   318 C  CG2 . VAL A 1 42  ? -1.041  -3.212  -5.746  1.00 42.06 ? 40  VAL A CG2 1 
ATOM   319 N  N   . LEU A 1 43  ? -5.602  -2.487  -6.720  1.00 46.62 ? 41  LEU A N   1 
ATOM   320 C  CA  . LEU A 1 43  ? -6.986  -2.870  -6.983  1.00 49.21 ? 41  LEU A CA  1 
ATOM   321 C  C   . LEU A 1 43  ? -7.059  -4.333  -7.474  1.00 51.17 ? 41  LEU A C   1 
ATOM   322 O  O   . LEU A 1 43  ? -6.521  -4.624  -8.571  1.00 51.44 ? 41  LEU A O   1 
ATOM   323 C  CB  . LEU A 1 43  ? -7.543  -1.924  -8.050  1.00 49.40 ? 41  LEU A CB  1 
ATOM   324 C  CG  . LEU A 1 43  ? -7.728  -0.471  -7.595  1.00 48.77 ? 41  LEU A CG  1 
ATOM   325 C  CD1 . LEU A 1 43  ? -7.685  0.533   -8.739  1.00 46.34 ? 41  LEU A CD1 1 
ATOM   326 C  CD2 . LEU A 1 43  ? -9.028  -0.364  -6.841  1.00 48.48 ? 41  LEU A CD2 1 
ATOM   327 N  N   . ASP A 1 44  ? -7.750  -5.262  -6.774  1.00 53.08 ? 42  ASP A N   1 
ATOM   328 C  CA  . ASP A 1 44  ? -8.869  -5.097  -5.786  1.00 54.50 ? 42  ASP A CA  1 
ATOM   329 C  C   . ASP A 1 44  ? -10.183 -4.507  -6.341  1.00 55.46 ? 42  ASP A C   1 
ATOM   330 O  O   . ASP A 1 44  ? -10.869 -5.138  -7.178  1.00 56.60 ? 42  ASP A O   1 
ATOM   331 C  CB  . ASP A 1 44  ? -8.422  -4.463  -4.453  1.00 55.24 ? 42  ASP A CB  1 
ATOM   332 C  CG  . ASP A 1 44  ? -9.547  -3.713  -3.715  1.00 56.07 ? 42  ASP A CG  1 
ATOM   333 O  OD1 . ASP A 1 44  ? -10.148 -2.784  -4.296  1.00 56.66 ? 42  ASP A OD1 1 
ATOM   334 O  OD2 . ASP A 1 44  ? -9.777  -4.005  -2.520  1.00 58.56 ? 42  ASP A OD2 1 
ATOM   335 N  N   . THR A 1 55  ? -13.786 -8.433  -20.466 1.00 58.35 ? 53  THR A N   1 
ATOM   336 C  CA  . THR A 1 55  ? -13.422 -7.430  -21.467 1.00 57.94 ? 53  THR A CA  1 
ATOM   337 C  C   . THR A 1 55  ? -14.667 -6.767  -22.110 1.00 57.12 ? 53  THR A C   1 
ATOM   338 O  O   . THR A 1 55  ? -14.594 -5.620  -22.563 1.00 56.86 ? 53  THR A O   1 
ATOM   339 C  CB  . THR A 1 55  ? -12.533 -8.027  -22.596 1.00 57.75 ? 53  THR A CB  1 
ATOM   340 O  OG1 . THR A 1 55  ? -13.331 -8.889  -23.400 1.00 59.99 ? 53  THR A OG1 1 
ATOM   341 C  CG2 . THR A 1 55  ? -11.343 -8.812  -22.059 1.00 58.10 ? 53  THR A CG2 1 
ATOM   342 N  N   . ALA A 1 56  ? -15.788 -7.495  -22.153 1.00 56.34 ? 54  ALA A N   1 
ATOM   343 C  CA  . ALA A 1 56  ? -17.057 -6.988  -22.716 1.00 55.54 ? 54  ALA A CA  1 
ATOM   344 C  C   . ALA A 1 56  ? -17.840 -6.114  -21.725 1.00 55.12 ? 54  ALA A C   1 
ATOM   345 O  O   . ALA A 1 56  ? -18.125 -6.535  -20.591 1.00 54.99 ? 54  ALA A O   1 
ATOM   346 C  CB  . ALA A 1 56  ? -17.924 -8.131  -23.213 1.00 55.45 ? 54  ALA A CB  1 
ATOM   347 N  N   . ILE A 1 57  ? -18.179 -4.901  -22.170 1.00 53.97 ? 55  ILE A N   1 
ATOM   348 C  CA  . ILE A 1 57  ? -18.877 -3.904  -21.350 1.00 53.19 ? 55  ILE A CA  1 
ATOM   349 C  C   . ILE A 1 57  ? -20.375 -4.213  -21.369 1.00 52.65 ? 55  ILE A C   1 
ATOM   350 O  O   . ILE A 1 57  ? -20.928 -4.438  -22.441 1.00 52.82 ? 55  ILE A O   1 
ATOM   351 C  CB  . ILE A 1 57  ? -18.558 -2.455  -21.858 1.00 53.20 ? 55  ILE A CB  1 
ATOM   352 C  CG1 . ILE A 1 57  ? -17.044 -2.214  -21.873 1.00 52.63 ? 55  ILE A CG1 1 
ATOM   353 C  CG2 . ILE A 1 57  ? -19.290 -1.362  -21.056 1.00 52.99 ? 55  ILE A CG2 1 
ATOM   354 C  CD1 . ILE A 1 57  ? -16.357 -2.526  -20.568 1.00 53.31 ? 55  ILE A CD1 1 
ATOM   355 N  N   . PRO A 1 58  ? -21.032 -4.285  -20.183 1.00 52.52 ? 56  PRO A N   1 
ATOM   356 C  CA  . PRO A 1 58  ? -22.473 -4.593  -20.205 1.00 51.91 ? 56  PRO A CA  1 
ATOM   357 C  C   . PRO A 1 58  ? -23.208 -3.388  -20.760 1.00 51.04 ? 56  PRO A C   1 
ATOM   358 O  O   . PRO A 1 58  ? -22.930 -2.262  -20.338 1.00 51.55 ? 56  PRO A O   1 
ATOM   359 C  CB  . PRO A 1 58  ? -22.820 -4.801  -18.725 1.00 52.04 ? 56  PRO A CB  1 
ATOM   360 C  CG  . PRO A 1 58  ? -21.798 -3.967  -17.971 1.00 52.66 ? 56  PRO A CG  1 
ATOM   361 C  CD  . PRO A 1 58  ? -20.525 -4.090  -18.801 1.00 53.22 ? 56  PRO A CD  1 
ATOM   362 N  N   . LEU A 1 59  ? -24.095 -3.620  -21.721 1.00 49.63 ? 57  LEU A N   1 
ATOM   363 C  CA  . LEU A 1 59  ? -24.790 -2.540  -22.417 1.00 48.50 ? 57  LEU A CA  1 
ATOM   364 C  C   . LEU A 1 59  ? -26.155 -2.214  -21.814 1.00 48.51 ? 57  LEU A C   1 
ATOM   365 O  O   . LEU A 1 59  ? -26.684 -1.121  -22.033 1.00 48.57 ? 57  LEU A O   1 
ATOM   366 C  CB  . LEU A 1 59  ? -24.940 -2.873  -23.911 1.00 47.63 ? 57  LEU A CB  1 
ATOM   367 C  CG  . LEU A 1 59  ? -23.664 -3.214  -24.681 1.00 45.22 ? 57  LEU A CG  1 
ATOM   368 C  CD1 . LEU A 1 59  ? -24.044 -3.485  -26.112 1.00 40.58 ? 57  LEU A CD1 1 
ATOM   369 C  CD2 . LEU A 1 59  ? -22.622 -2.101  -24.573 1.00 41.15 ? 57  LEU A CD2 1 
ATOM   370 N  N   . ASP A 1 60  ? -26.708 -3.162  -21.054 1.00 48.18 ? 58  ASP A N   1 
ATOM   371 C  CA  . ASP A 1 60  ? -28.041 -3.020  -20.461 1.00 48.41 ? 58  ASP A CA  1 
ATOM   372 C  C   . ASP A 1 60  ? -28.001 -2.320  -19.084 1.00 48.00 ? 58  ASP A C   1 
ATOM   373 O  O   . ASP A 1 60  ? -29.052 -2.012  -18.503 1.00 47.93 ? 58  ASP A O   1 
ATOM   374 C  CB  . ASP A 1 60  ? -28.745 -4.401  -20.380 1.00 48.36 ? 58  ASP A CB  1 
ATOM   375 C  CG  . ASP A 1 60  ? -28.134 -5.329  -19.294 1.00 50.34 ? 58  ASP A CG  1 
ATOM   376 O  OD1 . ASP A 1 60  ? -26.923 -5.217  -18.971 1.00 47.23 ? 58  ASP A OD1 1 
ATOM   377 O  OD2 . ASP A 1 60  ? -28.883 -6.175  -18.748 1.00 53.75 ? 58  ASP A OD2 1 
ATOM   378 N  N   . THR A 1 61  ? -26.792 -2.083  -18.569 1.00 47.37 ? 59  THR A N   1 
ATOM   379 C  CA  . THR A 1 61  ? -26.624 -1.473  -17.259 1.00 47.02 ? 59  THR A CA  1 
ATOM   380 C  C   . THR A 1 61  ? -25.585 -0.343  -17.257 1.00 46.81 ? 59  THR A C   1 
ATOM   381 O  O   . THR A 1 61  ? -24.624 -0.344  -18.046 1.00 45.75 ? 59  THR A O   1 
ATOM   382 C  CB  . THR A 1 61  ? -26.194 -2.495  -16.152 1.00 47.04 ? 59  THR A CB  1 
ATOM   383 O  OG1 . THR A 1 61  ? -24.769 -2.536  -16.056 1.00 48.55 ? 59  THR A OG1 1 
ATOM   384 C  CG2 . THR A 1 61  ? -26.705 -3.901  -16.395 1.00 47.96 ? 59  THR A CG2 1 
ATOM   385 N  N   . GLU A 1 62  ? -25.790 0.597   -16.333 1.00 46.46 ? 60  GLU A N   1 
ATOM   386 C  CA  . GLU A 1 62  ? -24.805 1.590   -16.001 1.00 46.32 ? 60  GLU A CA  1 
ATOM   387 C  C   . GLU A 1 62  ? -23.605 0.944   -15.313 1.00 45.29 ? 60  GLU A C   1 
ATOM   388 O  O   . GLU A 1 62  ? -23.768 0.139   -14.388 1.00 45.78 ? 60  GLU A O   1 
ATOM   389 C  CB  . GLU A 1 62  ? -25.398 2.693   -15.112 1.00 46.83 ? 60  GLU A CB  1 
ATOM   390 C  CG  . GLU A 1 62  ? -24.568 4.008   -15.173 1.00 50.78 ? 60  GLU A CG  1 
ATOM   391 C  CD  . GLU A 1 62  ? -24.284 4.445   -16.636 1.00 53.65 ? 60  GLU A CD  1 
ATOM   392 O  OE1 . GLU A 1 62  ? -25.271 4.605   -17.404 1.00 54.10 ? 60  GLU A OE1 1 
ATOM   393 O  OE2 . GLU A 1 62  ? -23.087 4.579   -17.009 1.00 53.51 ? 60  GLU A OE2 1 
ATOM   394 N  N   . THR A 1 63  ? -22.403 1.293   -15.781 1.00 43.75 ? 61  THR A N   1 
ATOM   395 C  CA  . THR A 1 63  ? -21.166 0.871   -15.132 1.00 42.25 ? 61  THR A CA  1 
ATOM   396 C  C   . THR A 1 63  ? -20.927 1.818   -13.988 1.00 42.02 ? 61  THR A C   1 
ATOM   397 O  O   . THR A 1 63  ? -21.401 2.952   -14.022 1.00 42.97 ? 61  THR A O   1 
ATOM   398 C  CB  . THR A 1 63  ? -19.953 0.864   -16.104 1.00 42.23 ? 61  THR A CB  1 
ATOM   399 O  OG1 . THR A 1 63  ? -19.793 2.160   -16.708 1.00 39.75 ? 61  THR A OG1 1 
ATOM   400 C  CG2 . THR A 1 63  ? -20.174 -0.161  -17.169 1.00 40.38 ? 61  THR A CG2 1 
ATOM   401 N  N   . THR A 1 64  ? -20.206 1.359   -12.969 1.00 41.34 ? 62  THR A N   1 
ATOM   402 C  CA  . THR A 1 64  ? -19.930 2.149   -11.775 1.00 40.68 ? 62  THR A CA  1 
ATOM   403 C  C   . THR A 1 64  ? -18.435 2.178   -11.516 1.00 39.71 ? 62  THR A C   1 
ATOM   404 O  O   . THR A 1 64  ? -17.993 2.194   -10.351 1.00 38.16 ? 62  THR A O   1 
ATOM   405 C  CB  . THR A 1 64  ? -20.672 1.550   -10.528 1.00 41.43 ? 62  THR A CB  1 
ATOM   406 O  OG1 . THR A 1 64  ? -20.383 0.140   -10.427 1.00 41.46 ? 62  THR A OG1 1 
ATOM   407 C  CG2 . THR A 1 64  ? -22.190 1.678   -10.715 1.00 42.59 ? 62  THR A CG2 1 
ATOM   408 N  N   . TYR A 1 65  ? -17.623 2.157   -12.579 1.00 38.49 ? 63  TYR A N   1 
ATOM   409 C  CA  . TYR A 1 65  ? -16.144 2.218   -12.335 1.00 38.30 ? 63  TYR A CA  1 
ATOM   410 C  C   . TYR A 1 65  ? -15.695 3.412   -11.431 1.00 37.27 ? 63  TYR A C   1 
ATOM   411 O  O   . TYR A 1 65  ? -14.925 3.245   -10.499 1.00 35.71 ? 63  TYR A O   1 
ATOM   412 C  CB  . TYR A 1 65  ? -15.394 2.225   -13.665 1.00 39.41 ? 63  TYR A CB  1 
ATOM   413 C  CG  . TYR A 1 65  ? -15.491 0.946   -14.450 1.00 41.05 ? 63  TYR A CG  1 
ATOM   414 C  CD1 . TYR A 1 65  ? -14.804 -0.199  -14.031 1.00 44.26 ? 63  TYR A CD1 1 
ATOM   415 C  CD2 . TYR A 1 65  ? -16.237 0.877   -15.630 1.00 42.00 ? 63  TYR A CD2 1 
ATOM   416 C  CE1 . TYR A 1 65  ? -14.879 -1.377  -14.766 1.00 44.97 ? 63  TYR A CE1 1 
ATOM   417 C  CE2 . TYR A 1 65  ? -16.325 -0.303  -16.366 1.00 42.96 ? 63  TYR A CE2 1 
ATOM   418 C  CZ  . TYR A 1 65  ? -15.627 -1.418  -15.911 1.00 43.31 ? 63  TYR A CZ  1 
ATOM   419 O  OH  . TYR A 1 65  ? -15.673 -2.588  -16.616 1.00 46.60 ? 63  TYR A OH  1 
ATOM   420 N  N   . ASP A 1 66  ? -16.202 4.615   -11.727 1.00 36.84 ? 64  ASP A N   1 
ATOM   421 C  CA  . ASP A 1 66  ? -15.812 5.854   -11.045 1.00 37.07 ? 64  ASP A CA  1 
ATOM   422 C  C   . ASP A 1 66  ? -16.265 5.855   -9.579  1.00 39.20 ? 64  ASP A C   1 
ATOM   423 O  O   . ASP A 1 66  ? -15.470 6.161   -8.679  1.00 40.41 ? 64  ASP A O   1 
ATOM   424 C  CB  . ASP A 1 66  ? -16.366 7.098   -11.834 1.00 35.09 ? 64  ASP A CB  1 
ATOM   425 C  CG  . ASP A 1 66  ? -15.827 7.175   -13.210 1.00 32.30 ? 64  ASP A CG  1 
ATOM   426 O  OD1 . ASP A 1 66  ? -14.652 6.848   -13.413 1.00 29.11 ? 64  ASP A OD1 1 
ATOM   427 O  OD2 . ASP A 1 66  ? -16.559 7.429   -14.169 1.00 35.54 ? 64  ASP A OD2 1 
ATOM   428 N  N   . ALA A 1 67  ? -17.531 5.510   -9.341  1.00 40.82 ? 65  ALA A N   1 
ATOM   429 C  CA  . ALA A 1 67  ? -18.055 5.356   -7.963  1.00 42.61 ? 65  ALA A CA  1 
ATOM   430 C  C   . ALA A 1 67  ? -17.255 4.319   -7.178  1.00 44.63 ? 65  ALA A C   1 
ATOM   431 O  O   . ALA A 1 67  ? -16.834 4.572   -6.019  1.00 43.30 ? 65  ALA A O   1 
ATOM   432 C  CB  . ALA A 1 67  ? -19.574 4.974   -8.002  1.00 40.70 ? 65  ALA A CB  1 
HETATM 433 N  N   . MSE A 1 68  ? -17.037 3.141   -7.793  1.00 46.94 ? 66  MSE A N   1 
HETATM 434 C  CA  . MSE A 1 68  ? -16.183 2.113   -7.162  1.00 51.63 ? 66  MSE A CA  1 
HETATM 435 C  C   . MSE A 1 68  ? -14.761 2.575   -6.895  1.00 49.14 ? 66  MSE A C   1 
HETATM 436 O  O   . MSE A 1 68  ? -14.186 2.235   -5.864  1.00 49.32 ? 66  MSE A O   1 
HETATM 437 C  CB  . MSE A 1 68  ? -16.149 0.836   -7.971  1.00 49.63 ? 66  MSE A CB  1 
HETATM 438 C  CG  . MSE A 1 68  ? -17.416 0.033   -7.867  1.00 54.69 ? 66  MSE A CG  1 
HETATM 439 SE SE  . MSE A 1 68  ? -17.336 -1.525  -9.103  1.00 67.69 ? 66  MSE A SE  1 
HETATM 440 C  CE  . MSE A 1 68  ? -15.768 -2.317  -8.210  1.00 62.78 ? 66  MSE A CE  1 
ATOM   441 N  N   . LEU A 1 69  ? -14.180 3.335   -7.821  1.00 48.30 ? 67  LEU A N   1 
ATOM   442 C  CA  . LEU A 1 69  ? -12.868 3.916   -7.566  1.00 47.32 ? 67  LEU A CA  1 
ATOM   443 C  C   . LEU A 1 69  ? -12.891 4.945   -6.420  1.00 46.97 ? 67  LEU A C   1 
ATOM   444 O  O   . LEU A 1 69  ? -11.975 4.936   -5.590  1.00 46.40 ? 67  LEU A O   1 
ATOM   445 C  CB  . LEU A 1 69  ? -12.276 4.533   -8.830  1.00 47.96 ? 67  LEU A CB  1 
ATOM   446 C  CG  . LEU A 1 69  ? -11.689 3.484   -9.790  1.00 48.93 ? 67  LEU A CG  1 
ATOM   447 C  CD1 . LEU A 1 69  ? -11.675 3.986   -11.223 1.00 48.99 ? 67  LEU A CD1 1 
ATOM   448 C  CD2 . LEU A 1 69  ? -10.289 3.019   -9.334  1.00 48.57 ? 67  LEU A CD2 1 
ATOM   449 N  N   . ASP A 1 70  ? -13.923 5.802   -6.365  1.00 45.99 ? 68  ASP A N   1 
ATOM   450 C  CA  . ASP A 1 70  ? -14.101 6.748   -5.244  1.00 46.61 ? 68  ASP A CA  1 
ATOM   451 C  C   . ASP A 1 70  ? -14.102 6.085   -3.872  1.00 45.95 ? 68  ASP A C   1 
ATOM   452 O  O   . ASP A 1 70  ? -13.577 6.682   -2.929  1.00 47.01 ? 68  ASP A O   1 
ATOM   453 C  CB  . ASP A 1 70  ? -15.415 7.543   -5.339  1.00 47.48 ? 68  ASP A CB  1 
ATOM   454 C  CG  . ASP A 1 70  ? -15.413 8.558   -6.455  1.00 50.76 ? 68  ASP A CG  1 
ATOM   455 O  OD1 . ASP A 1 70  ? -14.323 8.907   -6.948  1.00 53.25 ? 68  ASP A OD1 1 
ATOM   456 O  OD2 . ASP A 1 70  ? -16.517 8.989   -6.847  1.00 56.59 ? 68  ASP A OD2 1 
ATOM   457 N  N   . VAL A 1 71  ? -14.708 4.898   -3.749  1.00 44.56 ? 69  VAL A N   1 
ATOM   458 C  CA  . VAL A 1 71  ? -14.769 4.186   -2.456  1.00 44.83 ? 69  VAL A CA  1 
ATOM   459 C  C   . VAL A 1 71  ? -13.363 3.823   -2.060  1.00 46.10 ? 69  VAL A C   1 
ATOM   460 O  O   . VAL A 1 71  ? -12.963 4.032   -0.902  1.00 46.25 ? 69  VAL A O   1 
ATOM   461 C  CB  . VAL A 1 71  ? -15.588 2.907   -2.537  1.00 44.05 ? 69  VAL A CB  1 
ATOM   462 C  CG1 . VAL A 1 71  ? -15.469 2.085   -1.241  1.00 44.79 ? 69  VAL A CG1 1 
ATOM   463 C  CG2 . VAL A 1 71  ? -16.993 3.231   -2.865  1.00 39.37 ? 69  VAL A CG2 1 
ATOM   464 N  N   . GLU A 1 72  ? -12.597 3.324   -3.040  1.00 46.40 ? 70  GLU A N   1 
ATOM   465 C  CA  . GLU A 1 72  ? -11.216 2.898   -2.823  1.00 46.86 ? 70  GLU A CA  1 
ATOM   466 C  C   . GLU A 1 72  ? -10.318 4.084   -2.472  1.00 46.34 ? 70  GLU A C   1 
ATOM   467 O  O   . GLU A 1 72  ? -9.438  3.996   -1.602  1.00 45.59 ? 70  GLU A O   1 
ATOM   468 C  CB  . GLU A 1 72  ? -10.679 2.201   -4.080  1.00 47.62 ? 70  GLU A CB  1 
ATOM   469 C  CG  . GLU A 1 72  ? -11.451 0.930   -4.468  1.00 53.15 ? 70  GLU A CG  1 
ATOM   470 C  CD  . GLU A 1 72  ? -11.315 -0.123  -3.382  1.00 58.89 ? 70  GLU A CD  1 
ATOM   471 O  OE1 . GLU A 1 72  ? -10.189 -0.336  -2.902  1.00 67.40 ? 70  GLU A OE1 1 
ATOM   472 O  OE2 . GLU A 1 72  ? -12.315 -0.684  -2.942  1.00 61.24 ? 70  GLU A OE2 1 
ATOM   473 N  N   . LYS A 1 73  ? -10.527 5.173   -3.200  1.00 46.26 ? 71  LYS A N   1 
ATOM   474 C  CA  . LYS A 1 73  ? -9.849  6.407   -2.950  1.00 46.83 ? 71  LYS A CA  1 
ATOM   475 C  C   . LYS A 1 73  ? -10.110 6.895   -1.507  1.00 46.48 ? 71  LYS A C   1 
ATOM   476 O  O   . LYS A 1 73  ? -9.201  7.324   -0.859  1.00 48.29 ? 71  LYS A O   1 
ATOM   477 C  CB  . LYS A 1 73  ? -10.300 7.473   -3.952  1.00 45.22 ? 71  LYS A CB  1 
ATOM   478 C  CG  . LYS A 1 73  ? -9.618  7.390   -5.284  1.00 48.39 ? 71  LYS A CG  1 
ATOM   479 C  CD  . LYS A 1 73  ? -10.199 8.512   -6.160  1.00 48.66 ? 71  LYS A CD  1 
ATOM   480 C  CE  . LYS A 1 73  ? -9.523  8.559   -7.497  1.00 53.70 ? 71  LYS A CE  1 
ATOM   481 N  NZ  . LYS A 1 73  ? -9.915  9.789   -8.286  1.00 52.97 ? 71  LYS A NZ  1 
ATOM   482 N  N   . GLN A 1 74  ? -11.344 6.820   -1.018  1.00 45.81 ? 72  GLN A N   1 
ATOM   483 C  CA  . GLN A 1 74  ? -11.667 7.248   0.331   1.00 44.96 ? 72  GLN A CA  1 
ATOM   484 C  C   . GLN A 1 74  ? -10.925 6.399   1.336   1.00 45.49 ? 72  GLN A C   1 
ATOM   485 O  O   . GLN A 1 74  ? -10.374 6.949   2.262   1.00 45.90 ? 72  GLN A O   1 
ATOM   486 C  CB  . GLN A 1 74  ? -13.191 7.197   0.576   1.00 45.20 ? 72  GLN A CB  1 
ATOM   487 C  CG  . GLN A 1 74  ? -13.885 8.220   -0.397  1.00 47.47 ? 72  GLN A CG  1 
ATOM   488 C  CD  . GLN A 1 74  ? -15.326 8.528   -0.047  1.00 49.81 ? 72  GLN A CD  1 
ATOM   489 O  OE1 . GLN A 1 74  ? -16.018 7.712   0.617   1.00 43.46 ? 72  GLN A OE1 1 
ATOM   490 N  NE2 . GLN A 1 74  ? -15.817 9.714   -0.539  1.00 44.09 ? 72  GLN A NE2 1 
ATOM   491 N  N   . LYS A 1 75  ? -10.904 5.072   1.147   1.00 44.46 ? 73  LYS A N   1 
ATOM   492 C  CA  . LYS A 1 75  ? -10.215 4.172   2.064   1.00 44.93 ? 73  LYS A CA  1 
ATOM   493 C  C   . LYS A 1 75  ? -8.718  4.403   2.125   1.00 45.38 ? 73  LYS A C   1 
ATOM   494 O  O   . LYS A 1 75  ? -8.134  4.410   3.214   1.00 45.29 ? 73  LYS A O   1 
ATOM   495 C  CB  . LYS A 1 75  ? -10.496 2.726   1.731   1.00 44.26 ? 73  LYS A CB  1 
ATOM   496 C  CG  . LYS A 1 75  ? -11.930 2.361   2.011   1.00 45.07 ? 73  LYS A CG  1 
ATOM   497 C  CD  . LYS A 1 75  ? -12.058 0.855   1.782   1.00 46.76 ? 73  LYS A CD  1 
ATOM   498 C  CE  . LYS A 1 75  ? -13.445 0.425   1.535   1.00 50.22 ? 73  LYS A CE  1 
ATOM   499 N  NZ  . LYS A 1 75  ? -13.291 -0.867  0.720   1.00 56.13 ? 73  LYS A NZ  1 
ATOM   500 N  N   . LEU A 1 76  ? -8.129  4.667   0.958   1.00 45.53 ? 74  LEU A N   1 
ATOM   501 C  CA  . LEU A 1 76  ? -6.737  5.048   0.834   1.00 46.06 ? 74  LEU A CA  1 
ATOM   502 C  C   . LEU A 1 76  ? -6.506  6.364   1.551   1.00 46.20 ? 74  LEU A C   1 
ATOM   503 O  O   . LEU A 1 76  ? -5.521  6.536   2.271   1.00 44.91 ? 74  LEU A O   1 
ATOM   504 C  CB  . LEU A 1 76  ? -6.338  5.184   -0.651  1.00 45.92 ? 74  LEU A CB  1 
ATOM   505 C  CG  . LEU A 1 76  ? -4.860  5.270   -1.061  1.00 47.22 ? 74  LEU A CG  1 
ATOM   506 C  CD1 . LEU A 1 76  ? -4.171  3.925   -0.852  1.00 46.70 ? 74  LEU A CD1 1 
ATOM   507 C  CD2 . LEU A 1 76  ? -4.722  5.677   -2.534  1.00 46.51 ? 74  LEU A CD2 1 
ATOM   508 N  N   . SER A 1 77  ? -7.387  7.320   1.289   1.00 46.47 ? 75  SER A N   1 
ATOM   509 C  CA  . SER A 1 77  ? -7.282  8.602   1.962   1.00 46.88 ? 75  SER A CA  1 
ATOM   510 C  C   . SER A 1 77  ? -7.499  8.542   3.494   1.00 46.95 ? 75  SER A C   1 
ATOM   511 O  O   . SER A 1 77  ? -6.808  9.263   4.227   1.00 47.70 ? 75  SER A O   1 
ATOM   512 C  CB  . SER A 1 77  ? -8.177  9.635   1.278   1.00 46.62 ? 75  SER A CB  1 
ATOM   513 O  OG  . SER A 1 77  ? -7.887  10.900  1.846   1.00 49.37 ? 75  SER A OG  1 
ATOM   514 N  N   . GLN A 1 78  ? -8.383  7.673   4.010   1.00 45.73 ? 76  GLN A N   1 
ATOM   515 C  CA  . GLN A 1 78  ? -8.494  7.532   5.466   1.00 45.78 ? 76  GLN A CA  1 
ATOM   516 C  C   . GLN A 1 78  ? -7.116  7.254   6.046   1.00 46.17 ? 76  GLN A C   1 
ATOM   517 O  O   . GLN A 1 78  ? -6.671  7.859   7.066   1.00 45.93 ? 76  GLN A O   1 
ATOM   518 C  CB  . GLN A 1 78  ? -9.485  6.416   5.866   1.00 45.77 ? 76  GLN A CB  1 
ATOM   519 C  CG  . GLN A 1 78  ? -10.912 6.813   5.518   1.00 47.03 ? 76  GLN A CG  1 
ATOM   520 C  CD  . GLN A 1 78  ? -11.922 5.674   5.504   1.00 47.18 ? 76  GLN A CD  1 
ATOM   521 O  OE1 . GLN A 1 78  ? -11.639 4.564   5.927   1.00 50.92 ? 76  GLN A OE1 1 
ATOM   522 N  NE2 . GLN A 1 78  ? -13.108 5.960   4.993   1.00 42.10 ? 76  GLN A NE2 1 
ATOM   523 N  N   . ILE A 1 79  ? -6.424  6.341   5.374   1.00 45.63 ? 77  ILE A N   1 
ATOM   524 C  CA  . ILE A 1 79  ? -5.142  5.840   5.850   1.00 45.30 ? 77  ILE A CA  1 
ATOM   525 C  C   . ILE A 1 79  ? -4.029  6.844   5.618   1.00 45.16 ? 77  ILE A C   1 
ATOM   526 O  O   . ILE A 1 79  ? -3.216  7.096   6.526   1.00 43.86 ? 77  ILE A O   1 
ATOM   527 C  CB  . ILE A 1 79  ? -4.775  4.466   5.239   1.00 44.39 ? 77  ILE A CB  1 
ATOM   528 C  CG1 . ILE A 1 79  ? -5.685  3.382   5.841   1.00 44.19 ? 77  ILE A CG1 1 
ATOM   529 C  CG2 . ILE A 1 79  ? -3.265  4.121   5.563   1.00 44.42 ? 77  ILE A CG2 1 
ATOM   530 C  CD1 . ILE A 1 79  ? -5.760  2.111   4.950   1.00 43.02 ? 77  ILE A CD1 1 
ATOM   531 N  N   . GLY A 1 80  ? -3.994  7.385   4.403   1.00 44.17 ? 78  GLY A N   1 
ATOM   532 C  CA  . GLY A 1 80  ? -3.055  8.432   4.060   1.00 45.18 ? 78  GLY A CA  1 
ATOM   533 C  C   . GLY A 1 80  ? -3.140  9.632   5.002   1.00 46.06 ? 78  GLY A C   1 
ATOM   534 O  O   . GLY A 1 80  ? -2.090  10.214  5.347   1.00 46.12 ? 78  GLY A O   1 
ATOM   535 N  N   . ASN A 1 81  ? -4.362  10.027  5.386   1.00 45.17 ? 79  ASN A N   1 
ATOM   536 C  CA  . ASN A 1 81  ? -4.589  11.244  6.217   1.00 46.20 ? 79  ASN A CA  1 
ATOM   537 C  C   . ASN A 1 81  ? -4.036  11.032  7.633   1.00 46.51 ? 79  ASN A C   1 
ATOM   538 O  O   . ASN A 1 81  ? -3.322  11.904  8.180   1.00 46.50 ? 79  ASN A O   1 
ATOM   539 C  CB  . ASN A 1 81  ? -6.087  11.678  6.273   1.00 43.82 ? 79  ASN A CB  1 
ATOM   540 C  CG  . ASN A 1 81  ? -6.552  12.376  4.961   1.00 46.55 ? 79  ASN A CG  1 
ATOM   541 O  OD1 . ASN A 1 81  ? -5.735  12.786  4.137   1.00 46.24 ? 79  ASN A OD1 1 
ATOM   542 N  ND2 . ASN A 1 81  ? -7.841  12.446  4.751   1.00 44.52 ? 79  ASN A ND2 1 
ATOM   543 N  N   . THR A 1 82  ? -4.331  9.863   8.182   1.00 45.25 ? 80  THR A N   1 
ATOM   544 C  CA  . THR A 1 82  ? -3.787  9.424   9.470   1.00 47.76 ? 80  THR A CA  1 
ATOM   545 C  C   . THR A 1 82  ? -2.263  9.491   9.489   1.00 47.19 ? 80  THR A C   1 
ATOM   546 O  O   . THR A 1 82  ? -1.673  9.866   10.485  1.00 46.74 ? 80  THR A O   1 
ATOM   547 C  CB  . THR A 1 82  ? -4.217  7.924   9.791   1.00 48.29 ? 80  THR A CB  1 
ATOM   548 O  OG1 . THR A 1 82  ? -5.627  7.894   9.817   1.00 49.08 ? 80  THR A OG1 1 
ATOM   549 C  CG2 . THR A 1 82  ? -3.725  7.452   11.161  1.00 50.46 ? 80  THR A CG2 1 
ATOM   550 N  N   . LEU A 1 83  ? -1.637  9.080   8.385   1.00 46.80 ? 81  LEU A N   1 
ATOM   551 C  CA  . LEU A 1 83  ? -0.196  8.951   8.338   1.00 46.32 ? 81  LEU A CA  1 
ATOM   552 C  C   . LEU A 1 83  ? 0.493   10.234  7.890   1.00 46.66 ? 81  LEU A C   1 
ATOM   553 O  O   . LEU A 1 83  ? 1.724   10.276  7.900   1.00 47.75 ? 81  LEU A O   1 
ATOM   554 C  CB  . LEU A 1 83  ? 0.211   7.748   7.427   1.00 46.15 ? 81  LEU A CB  1 
ATOM   555 C  CG  . LEU A 1 83  ? -0.143  6.364   8.024   1.00 48.41 ? 81  LEU A CG  1 
ATOM   556 C  CD1 . LEU A 1 83  ? 0.199   5.206   7.082   1.00 48.39 ? 81  LEU A CD1 1 
ATOM   557 C  CD2 . LEU A 1 83  ? 0.509   6.133   9.393   1.00 47.90 ? 81  LEU A CD2 1 
ATOM   558 N  N   . GLY A 1 84  ? -0.274  11.248  7.462   1.00 45.85 ? 82  GLY A N   1 
ATOM   559 C  CA  . GLY A 1 84  ? 0.281   12.518  6.968   1.00 46.27 ? 82  GLY A CA  1 
ATOM   560 C  C   . GLY A 1 84  ? 1.031   12.368  5.642   1.00 47.52 ? 82  GLY A C   1 
ATOM   561 O  O   . GLY A 1 84  ? 1.935   13.135  5.319   1.00 46.64 ? 82  GLY A O   1 
ATOM   562 N  N   . ILE A 1 85  ? 0.648   11.383  4.844   1.00 47.32 ? 83  ILE A N   1 
ATOM   563 C  CA  . ILE A 1 85  ? 1.316   11.177  3.550   1.00 46.99 ? 83  ILE A CA  1 
ATOM   564 C  C   . ILE A 1 85  ? 0.680   12.080  2.477   1.00 48.51 ? 83  ILE A C   1 
ATOM   565 O  O   . ILE A 1 85  ? -0.530  11.976  2.243   1.00 48.34 ? 83  ILE A O   1 
ATOM   566 C  CB  . ILE A 1 85  ? 1.222   9.675   3.110   1.00 46.78 ? 83  ILE A CB  1 
ATOM   567 C  CG1 . ILE A 1 85  ? 1.864   8.739   4.177   1.00 45.99 ? 83  ILE A CG1 1 
ATOM   568 C  CG2 . ILE A 1 85  ? 1.848   9.484   1.670   1.00 45.45 ? 83  ILE A CG2 1 
ATOM   569 C  CD1 . ILE A 1 85  ? 1.403   7.268   4.104   1.00 45.72 ? 83  ILE A CD1 1 
ATOM   570 N  N   . ASP A 1 86  ? 1.477   12.931  1.813   1.00 49.89 ? 84  ASP A N   1 
ATOM   571 C  CA  . ASP A 1 86  ? 0.981   13.736  0.644   1.00 51.75 ? 84  ASP A CA  1 
ATOM   572 C  C   . ASP A 1 86  ? 0.377   12.817  -0.374  1.00 51.91 ? 84  ASP A C   1 
ATOM   573 O  O   . ASP A 1 86  ? 0.860   11.704  -0.523  1.00 52.90 ? 84  ASP A O   1 
ATOM   574 C  CB  . ASP A 1 86  ? 2.097   14.535  -0.014  1.00 51.59 ? 84  ASP A CB  1 
ATOM   575 C  CG  . ASP A 1 86  ? 1.578   15.572  -0.996  1.00 54.85 ? 84  ASP A CG  1 
ATOM   576 O  OD1 . ASP A 1 86  ? 1.244   15.213  -2.143  1.00 60.79 ? 84  ASP A OD1 1 
ATOM   577 O  OD2 . ASP A 1 86  ? 1.514   16.776  -0.643  1.00 57.66 ? 84  ASP A OD2 1 
ATOM   578 N  N   . PRO A 1 87  ? -0.755  13.215  -0.995  1.00 53.23 ? 85  PRO A N   1 
ATOM   579 C  CA  . PRO A 1 87  ? -1.358  12.415  -2.086  1.00 53.45 ? 85  PRO A CA  1 
ATOM   580 C  C   . PRO A 1 87  ? -0.380  11.995  -3.172  1.00 53.10 ? 85  PRO A C   1 
ATOM   581 O  O   . PRO A 1 87  ? -0.563  10.930  -3.755  1.00 53.23 ? 85  PRO A O   1 
ATOM   582 C  CB  . PRO A 1 87  ? -2.454  13.341  -2.679  1.00 53.81 ? 85  PRO A CB  1 
ATOM   583 C  CG  . PRO A 1 87  ? -2.269  14.682  -1.960  1.00 54.87 ? 85  PRO A CG  1 
ATOM   584 C  CD  . PRO A 1 87  ? -1.594  14.384  -0.663  1.00 52.83 ? 85  PRO A CD  1 
ATOM   585 N  N   . ALA A 1 88  ? 0.670   12.788  -3.387  1.00 53.04 ? 86  ALA A N   1 
ATOM   586 C  CA  . ALA A 1 88  ? 1.747   12.455  -4.329  1.00 52.70 ? 86  ALA A CA  1 
ATOM   587 C  C   . ALA A 1 88  ? 2.441   11.142  -3.954  1.00 53.33 ? 86  ALA A C   1 
ATOM   588 O  O   . ALA A 1 88  ? 3.108   10.551  -4.809  1.00 52.37 ? 86  ALA A O   1 
ATOM   589 C  CB  . ALA A 1 88  ? 2.793   13.610  -4.413  1.00 52.21 ? 86  ALA A CB  1 
ATOM   590 N  N   . HIS A 1 89  ? 2.292   10.699  -2.688  1.00 52.46 ? 87  HIS A N   1 
ATOM   591 C  CA  . HIS A 1 89  ? 2.985   9.501   -2.200  1.00 52.39 ? 87  HIS A CA  1 
ATOM   592 C  C   . HIS A 1 89  ? 2.053   8.401   -1.806  1.00 52.22 ? 87  HIS A C   1 
ATOM   593 O  O   . HIS A 1 89  ? 2.449   7.467   -1.130  1.00 50.75 ? 87  HIS A O   1 
ATOM   594 C  CB  . HIS A 1 89  ? 3.962   9.831   -1.082  1.00 51.86 ? 87  HIS A CB  1 
ATOM   595 C  CG  . HIS A 1 89  ? 5.021   10.766  -1.536  1.00 57.27 ? 87  HIS A CG  1 
ATOM   596 N  ND1 . HIS A 1 89  ? 5.686   10.584  -2.733  1.00 59.53 ? 87  HIS A ND1 1 
ATOM   597 C  CD2 . HIS A 1 89  ? 5.477   11.929  -1.022  1.00 61.37 ? 87  HIS A CD2 1 
ATOM   598 C  CE1 . HIS A 1 89  ? 6.526   11.582  -2.924  1.00 60.26 ? 87  HIS A CE1 1 
ATOM   599 N  NE2 . HIS A 1 89  ? 6.429   12.405  -1.896  1.00 64.20 ? 87  HIS A NE2 1 
ATOM   600 N  N   . ARG A 1 90  ? 0.806   8.542   -2.252  1.00 52.05 ? 88  ARG A N   1 
ATOM   601 C  CA  . ARG A 1 90  ? -0.232  7.548   -2.070  1.00 51.29 ? 88  ARG A CA  1 
ATOM   602 C  C   . ARG A 1 90  ? -0.452  6.971   -3.440  1.00 50.96 ? 88  ARG A C   1 
ATOM   603 O  O   . ARG A 1 90  ? -0.548  7.719   -4.380  1.00 51.24 ? 88  ARG A O   1 
ATOM   604 C  CB  . ARG A 1 90  ? -1.513  8.242   -1.660  1.00 51.27 ? 88  ARG A CB  1 
ATOM   605 C  CG  . ARG A 1 90  ? -1.442  8.952   -0.353  1.00 50.99 ? 88  ARG A CG  1 
ATOM   606 C  CD  . ARG A 1 90  ? -2.718  9.724   -0.109  1.00 50.99 ? 88  ARG A CD  1 
ATOM   607 N  NE  . ARG A 1 90  ? -2.548  10.597  1.049   1.00 49.61 ? 88  ARG A NE  1 
ATOM   608 C  CZ  . ARG A 1 90  ? -3.552  11.156  1.725   1.00 48.36 ? 88  ARG A CZ  1 
ATOM   609 N  NH1 . ARG A 1 90  ? -4.806  10.989  1.351   1.00 45.20 ? 88  ARG A NH1 1 
ATOM   610 N  NH2 . ARG A 1 90  ? -3.284  11.903  2.770   1.00 47.17 ? 88  ARG A NH2 1 
ATOM   611 N  N   . TRP A 1 91  ? -0.518  5.655   -3.566  1.00 51.43 ? 89  TRP A N   1 
ATOM   612 C  CA  . TRP A 1 91  ? -0.621  5.029   -4.884  1.00 51.13 ? 89  TRP A CA  1 
ATOM   613 C  C   . TRP A 1 91  ? -1.831  4.106   -4.948  1.00 51.82 ? 89  TRP A C   1 
ATOM   614 O  O   . TRP A 1 91  ? -1.966  3.201   -4.139  1.00 52.41 ? 89  TRP A O   1 
ATOM   615 C  CB  . TRP A 1 91  ? 0.670   4.267   -5.205  1.00 50.65 ? 89  TRP A CB  1 
ATOM   616 C  CG  . TRP A 1 91  ? 1.905   5.153   -5.225  1.00 49.42 ? 89  TRP A CG  1 
ATOM   617 C  CD1 . TRP A 1 91  ? 2.694   5.494   -4.158  1.00 51.54 ? 89  TRP A CD1 1 
ATOM   618 C  CD2 . TRP A 1 91  ? 2.465   5.831   -6.357  1.00 50.41 ? 89  TRP A CD2 1 
ATOM   619 N  NE1 . TRP A 1 91  ? 3.719   6.328   -4.557  1.00 49.94 ? 89  TRP A NE1 1 
ATOM   620 C  CE2 . TRP A 1 91  ? 3.602   6.555   -5.897  1.00 50.24 ? 89  TRP A CE2 1 
ATOM   621 C  CE3 . TRP A 1 91  ? 2.120   5.905   -7.707  1.00 50.43 ? 89  TRP A CE3 1 
ATOM   622 C  CZ2 . TRP A 1 91  ? 4.388   7.331   -6.741  1.00 51.42 ? 89  TRP A CZ2 1 
ATOM   623 C  CZ3 . TRP A 1 91  ? 2.923   6.681   -8.563  1.00 52.21 ? 89  TRP A CZ3 1 
ATOM   624 C  CH2 . TRP A 1 91  ? 4.035   7.387   -8.073  1.00 51.14 ? 89  TRP A CH2 1 
ATOM   625 N  N   . LEU A 1 92  ? -2.728  4.338   -5.907  1.00 51.93 ? 90  LEU A N   1 
ATOM   626 C  CA  . LEU A 1 92  ? -3.827  3.402   -6.170  1.00 51.60 ? 90  LEU A CA  1 
ATOM   627 C  C   . LEU A 1 92  ? -3.690  2.911   -7.601  1.00 52.58 ? 90  LEU A C   1 
ATOM   628 O  O   . LEU A 1 92  ? -4.001  3.631   -8.539  1.00 53.49 ? 90  LEU A O   1 
ATOM   629 C  CB  . LEU A 1 92  ? -5.187  4.070   -5.907  1.00 51.31 ? 90  LEU A CB  1 
ATOM   630 C  CG  . LEU A 1 92  ? -6.475  3.264   -6.091  1.00 51.10 ? 90  LEU A CG  1 
ATOM   631 C  CD1 . LEU A 1 92  ? -6.637  2.209   -4.992  1.00 42.58 ? 90  LEU A CD1 1 
ATOM   632 C  CD2 . LEU A 1 92  ? -7.686  4.217   -6.197  1.00 49.81 ? 90  LEU A CD2 1 
ATOM   633 N  N   . VAL A 1 93  ? -3.190  1.695   -7.752  1.00 53.72 ? 91  VAL A N   1 
ATOM   634 C  CA  . VAL A 1 93  ? -2.778  1.178   -9.056  1.00 55.53 ? 91  VAL A CA  1 
ATOM   635 C  C   . VAL A 1 93  ? -3.548  -0.081  -9.479  1.00 56.22 ? 91  VAL A C   1 
ATOM   636 O  O   . VAL A 1 93  ? -3.923  -0.923  -8.645  1.00 55.09 ? 91  VAL A O   1 
ATOM   637 C  CB  . VAL A 1 93  ? -1.225  0.911   -9.125  1.00 55.70 ? 91  VAL A CB  1 
ATOM   638 C  CG1 . VAL A 1 93  ? -0.437  2.187   -8.816  1.00 55.77 ? 91  VAL A CG1 1 
ATOM   639 C  CG2 . VAL A 1 93  ? -0.816  -0.182  -8.158  1.00 56.66 ? 91  VAL A CG2 1 
ATOM   640 N  N   . TRP A 1 94  ? -3.788  -0.175  -10.791 1.00 58.15 ? 92  TRP A N   1 
ATOM   641 C  CA  . TRP A 1 94  ? -4.371  -1.359  -11.412 1.00 59.68 ? 92  TRP A CA  1 
ATOM   642 C  C   . TRP A 1 94  ? -3.291  -2.421  -11.581 1.00 58.73 ? 92  TRP A C   1 
ATOM   643 O  O   . TRP A 1 94  ? -2.183  -2.110  -12.010 1.00 59.11 ? 92  TRP A O   1 
ATOM   644 C  CB  . TRP A 1 94  ? -4.918  -1.003  -12.792 1.00 62.53 ? 92  TRP A CB  1 
ATOM   645 C  CG  . TRP A 1 94  ? -6.207  -0.292  -12.764 1.00 66.07 ? 92  TRP A CG  1 
ATOM   646 C  CD1 . TRP A 1 94  ? -6.418  1.026   -13.057 1.00 69.54 ? 92  TRP A CD1 1 
ATOM   647 C  CD2 . TRP A 1 94  ? -7.503  -0.848  -12.448 1.00 69.86 ? 92  TRP A CD2 1 
ATOM   648 N  NE1 . TRP A 1 94  ? -7.769  1.334   -12.933 1.00 71.01 ? 92  TRP A NE1 1 
ATOM   649 C  CE2 . TRP A 1 94  ? -8.452  0.204   -12.557 1.00 70.65 ? 92  TRP A CE2 1 
ATOM   650 C  CE3 . TRP A 1 94  ? -7.954  -2.130  -12.074 1.00 70.12 ? 92  TRP A CE3 1 
ATOM   651 C  CZ2 . TRP A 1 94  ? -9.825  0.015   -12.301 1.00 69.28 ? 92  TRP A CZ2 1 
ATOM   652 C  CZ3 . TRP A 1 94  ? -9.323  -2.317  -11.818 1.00 68.66 ? 92  TRP A CZ3 1 
ATOM   653 C  CH2 . TRP A 1 94  ? -10.238 -1.250  -11.940 1.00 68.43 ? 92  TRP A CH2 1 
ATOM   654 N  N   . GLY A 1 95  ? -3.593  -3.671  -11.255 1.00 57.48 ? 93  GLY A N   1 
ATOM   655 C  CA  . GLY A 1 95  ? -2.652  -4.727  -11.583 1.00 56.32 ? 93  GLY A CA  1 
ATOM   656 C  C   . GLY A 1 95  ? -2.555  -5.887  -10.630 1.00 56.04 ? 93  GLY A C   1 
ATOM   657 O  O   . GLY A 1 95  ? -3.388  -6.071  -9.745  1.00 55.81 ? 93  GLY A O   1 
ATOM   658 N  N   . GLU A 1 96  ? -1.530  -6.702  -10.843 1.00 56.70 ? 94  GLU A N   1 
ATOM   659 C  CA  . GLU A 1 96  ? -1.229  -7.807  -9.950  1.00 57.13 ? 94  GLU A CA  1 
ATOM   660 C  C   . GLU A 1 96  ? -0.437  -7.211  -8.778  1.00 57.34 ? 94  GLU A C   1 
ATOM   661 O  O   . GLU A 1 96  ? 0.593   -6.548  -9.000  1.00 57.65 ? 94  GLU A O   1 
ATOM   662 C  CB  . GLU A 1 96  ? -0.456  -8.911  -10.682 1.00 57.03 ? 94  GLU A CB  1 
ATOM   663 N  N   . PRO A 1 97  ? -0.941  -7.390  -7.538  1.00 57.44 ? 95  PRO A N   1 
ATOM   664 C  CA  . PRO A 1 97  ? -0.296  -6.853  -6.328  1.00 57.25 ? 95  PRO A CA  1 
ATOM   665 C  C   . PRO A 1 97  ? 1.234   -6.995  -6.261  1.00 57.11 ? 95  PRO A C   1 
ATOM   666 O  O   . PRO A 1 97  ? 1.931   -5.980  -6.146  1.00 57.40 ? 95  PRO A O   1 
ATOM   667 C  CB  . PRO A 1 97  ? -0.999  -7.611  -5.197  1.00 57.06 ? 95  PRO A CB  1 
ATOM   668 C  CG  . PRO A 1 97  ? -2.422  -7.728  -5.729  1.00 57.77 ? 95  PRO A CG  1 
ATOM   669 C  CD  . PRO A 1 97  ? -2.213  -8.071  -7.208  1.00 57.43 ? 95  PRO A CD  1 
ATOM   670 N  N   . ARG A 1 98  ? 1.752   -8.216  -6.329  1.00 56.91 ? 96  ARG A N   1 
ATOM   671 C  CA  . ARG A 1 98  ? 3.199   -8.438  -6.237  1.00 56.57 ? 96  ARG A CA  1 
ATOM   672 C  C   . ARG A 1 98  ? 3.942   -7.499  -7.177  1.00 56.65 ? 96  ARG A C   1 
ATOM   673 O  O   . ARG A 1 98  ? 4.805   -6.757  -6.737  1.00 56.77 ? 96  ARG A O   1 
ATOM   674 C  CB  . ARG A 1 98  ? 3.569   -9.896  -6.529  1.00 56.98 ? 96  ARG A CB  1 
ATOM   675 N  N   . GLU A 1 99  ? 3.568   -7.508  -8.456  1.00 56.76 ? 97  GLU A N   1 
ATOM   676 C  CA  . GLU A 1 99  ? 4.278   -6.762  -9.498  1.00 56.81 ? 97  GLU A CA  1 
ATOM   677 C  C   . GLU A 1 99  ? 4.198   -5.265  -9.251  1.00 55.86 ? 97  GLU A C   1 
ATOM   678 O  O   . GLU A 1 99  ? 5.185   -4.551  -9.364  1.00 54.83 ? 97  GLU A O   1 
ATOM   679 C  CB  . GLU A 1 99  ? 3.703   -7.074  -10.889 1.00 56.47 ? 97  GLU A CB  1 
ATOM   680 C  CG  . GLU A 1 99  ? 3.248   -8.519  -11.075 1.00 58.29 ? 97  GLU A CG  1 
ATOM   681 C  CD  . GLU A 1 99  ? 2.866   -8.855  -12.510 1.00 58.37 ? 97  GLU A CD  1 
ATOM   682 O  OE1 . GLU A 1 99  ? 2.310   -7.980  -13.207 1.00 60.84 ? 97  GLU A OE1 1 
ATOM   683 O  OE2 . GLU A 1 99  ? 3.113   -10.004 -12.946 1.00 61.98 ? 97  GLU A OE2 1 
ATOM   684 N  N   . GLU A 1 100 ? 2.999   -4.794  -8.938  1.00 56.28 ? 98  GLU A N   1 
ATOM   685 C  CA  . GLU A 1 100 ? 2.769   -3.365  -8.752  1.00 56.30 ? 98  GLU A CA  1 
ATOM   686 C  C   . GLU A 1 100 ? 3.443   -2.841  -7.501  1.00 56.09 ? 98  GLU A C   1 
ATOM   687 O  O   . GLU A 1 100 ? 4.054   -1.764  -7.529  1.00 55.57 ? 98  GLU A O   1 
ATOM   688 C  CB  . GLU A 1 100 ? 1.276   -3.051  -8.755  1.00 56.96 ? 98  GLU A CB  1 
ATOM   689 C  CG  . GLU A 1 100 ? 0.588   -3.371  -10.077 1.00 58.11 ? 98  GLU A CG  1 
ATOM   690 C  CD  . GLU A 1 100 ? 1.336   -2.816  -11.296 1.00 62.22 ? 98  GLU A CD  1 
ATOM   691 O  OE1 . GLU A 1 100 ? 1.615   -1.591  -11.313 1.00 64.46 ? 98  GLU A OE1 1 
ATOM   692 O  OE2 . GLU A 1 100 ? 1.622   -3.597  -12.242 1.00 62.80 ? 98  GLU A OE2 1 
ATOM   693 N  N   . ILE A 1 101 ? 3.355   -3.609  -6.413  1.00 56.26 ? 99  ILE A N   1 
ATOM   694 C  CA  . ILE A 1 101 ? 4.070   -3.272  -5.181  1.00 56.93 ? 99  ILE A CA  1 
ATOM   695 C  C   . ILE A 1 101 ? 5.563   -3.086  -5.463  1.00 57.29 ? 99  ILE A C   1 
ATOM   696 O  O   . ILE A 1 101 ? 6.109   -2.012  -5.219  1.00 57.13 ? 99  ILE A O   1 
ATOM   697 C  CB  . ILE A 1 101 ? 3.819   -4.309  -4.061  1.00 57.08 ? 99  ILE A CB  1 
ATOM   698 C  CG1 . ILE A 1 101 ? 2.417   -4.099  -3.458  1.00 56.57 ? 99  ILE A CG1 1 
ATOM   699 C  CG2 . ILE A 1 101 ? 4.901   -4.217  -2.977  1.00 57.87 ? 99  ILE A CG2 1 
ATOM   700 C  CD1 . ILE A 1 101 ? 1.879   -5.276  -2.668  1.00 56.30 ? 99  ILE A CD1 1 
ATOM   701 N  N   . ILE A 1 102 ? 6.195   -4.117  -6.023  1.00 57.99 ? 100 ILE A N   1 
ATOM   702 C  CA  . ILE A 1 102 ? 7.611   -4.070  -6.385  1.00 58.91 ? 100 ILE A CA  1 
ATOM   703 C  C   . ILE A 1 102 ? 7.959   -2.963  -7.407  1.00 59.26 ? 100 ILE A C   1 
ATOM   704 O  O   . ILE A 1 102 ? 8.988   -2.312  -7.263  1.00 59.91 ? 100 ILE A O   1 
ATOM   705 C  CB  . ILE A 1 102 ? 8.126   -5.473  -6.824  1.00 58.95 ? 100 ILE A CB  1 
ATOM   706 C  CG1 . ILE A 1 102 ? 8.219   -6.391  -5.600  1.00 59.05 ? 100 ILE A CG1 1 
ATOM   707 C  CG2 . ILE A 1 102 ? 9.481   -5.387  -7.504  1.00 59.59 ? 100 ILE A CG2 1 
ATOM   708 C  CD1 . ILE A 1 102 ? 8.302   -7.849  -5.941  1.00 59.03 ? 100 ILE A CD1 1 
ATOM   709 N  N   . ARG A 1 103 ? 7.111   -2.705  -8.398  1.00 59.20 ? 101 ARG A N   1 
ATOM   710 C  CA  . ARG A 1 103 ? 7.411   -1.604  -9.322  1.00 60.24 ? 101 ARG A CA  1 
ATOM   711 C  C   . ARG A 1 103 ? 7.396   -0.206  -8.674  1.00 59.57 ? 101 ARG A C   1 
ATOM   712 O  O   . ARG A 1 103 ? 8.281   0.607   -8.941  1.00 59.14 ? 101 ARG A O   1 
ATOM   713 C  CB  . ARG A 1 103 ? 6.626   -1.692  -10.657 1.00 60.12 ? 101 ARG A CB  1 
ATOM   714 C  CG  . ARG A 1 103 ? 5.333   -0.903  -10.755 1.00 61.03 ? 101 ARG A CG  1 
ATOM   715 C  CD  . ARG A 1 103 ? 4.874   -0.700  -12.235 1.00 62.97 ? 101 ARG A CD  1 
ATOM   716 N  NE  . ARG A 1 103 ? 3.620   0.062   -12.301 1.00 67.71 ? 101 ARG A NE  1 
ATOM   717 C  CZ  . ARG A 1 103 ? 3.534   1.389   -12.165 1.00 71.62 ? 101 ARG A CZ  1 
ATOM   718 N  NH1 . ARG A 1 103 ? 2.348   2.001   -12.208 1.00 71.96 ? 101 ARG A NH1 1 
ATOM   719 N  NH2 . ARG A 1 103 ? 4.634   2.116   -11.974 1.00 72.74 ? 101 ARG A NH2 1 
ATOM   720 N  N   . ILE A 1 104 ? 6.423   0.065   -7.804  1.00 59.99 ? 102 ILE A N   1 
ATOM   721 C  CA  . ILE A 1 104 ? 6.399   1.342   -7.050  1.00 60.12 ? 102 ILE A CA  1 
ATOM   722 C  C   . ILE A 1 104 ? 7.612   1.497   -6.112  1.00 59.74 ? 102 ILE A C   1 
ATOM   723 O  O   . ILE A 1 104 ? 8.298   2.524   -6.150  1.00 59.37 ? 102 ILE A O   1 
ATOM   724 C  CB  . ILE A 1 104 ? 5.063   1.562   -6.284  1.00 60.54 ? 102 ILE A CB  1 
ATOM   725 C  CG1 . ILE A 1 104 ? 3.857   1.519   -7.256  1.00 61.68 ? 102 ILE A CG1 1 
ATOM   726 C  CG2 . ILE A 1 104 ? 5.103   2.851   -5.490  1.00 60.07 ? 102 ILE A CG2 1 
ATOM   727 C  CD1 . ILE A 1 104 ? 3.984   2.405   -8.492  1.00 61.17 ? 102 ILE A CD1 1 
ATOM   728 N  N   . ALA A 1 105 ? 7.880   0.464   -5.308  1.00 59.31 ? 103 ALA A N   1 
ATOM   729 C  CA  . ALA A 1 105 ? 9.070   0.407   -4.457  1.00 59.86 ? 103 ALA A CA  1 
ATOM   730 C  C   . ALA A 1 105 ? 10.388  0.747   -5.187  1.00 60.82 ? 103 ALA A C   1 
ATOM   731 O  O   . ALA A 1 105 ? 11.162  1.592   -4.717  1.00 61.29 ? 103 ALA A O   1 
ATOM   732 C  CB  . ALA A 1 105 ? 9.161   -0.948  -3.752  1.00 59.54 ? 103 ALA A CB  1 
ATOM   733 N  N   . GLU A 1 106 ? 10.621  0.121   -6.337  1.00 60.63 ? 104 GLU A N   1 
ATOM   734 C  CA  . GLU A 1 106 ? 11.780  0.433   -7.159  1.00 62.14 ? 104 GLU A CA  1 
ATOM   735 C  C   . GLU A 1 106 ? 11.768  1.887   -7.636  1.00 62.66 ? 104 GLU A C   1 
ATOM   736 O  O   . GLU A 1 106 ? 12.697  2.651   -7.349  1.00 63.46 ? 104 GLU A O   1 
ATOM   737 C  CB  . GLU A 1 106 ? 11.875  -0.520  -8.359  1.00 61.32 ? 104 GLU A CB  1 
ATOM   738 N  N   . GLN A 1 107 ? 10.718  2.251   -8.367  1.00 62.99 ? 105 GLN A N   1 
ATOM   739 C  CA  . GLN A 1 107 ? 10.510  3.617   -8.850  1.00 63.12 ? 105 GLN A CA  1 
ATOM   740 C  C   . GLN A 1 107 ? 10.722  4.699   -7.783  1.00 61.80 ? 105 GLN A C   1 
ATOM   741 O  O   . GLN A 1 107 ? 11.376  5.704   -8.054  1.00 61.48 ? 105 GLN A O   1 
ATOM   742 C  CB  . GLN A 1 107 ? 9.098   3.747   -9.448  1.00 63.68 ? 105 GLN A CB  1 
ATOM   743 C  CG  . GLN A 1 107 ? 8.569   5.189   -9.520  1.00 65.63 ? 105 GLN A CG  1 
ATOM   744 C  CD  . GLN A 1 107 ? 7.108   5.281   -9.909  1.00 64.73 ? 105 GLN A CD  1 
ATOM   745 O  OE1 . GLN A 1 107 ? 6.723   4.947   -11.039 1.00 66.66 ? 105 GLN A OE1 1 
ATOM   746 N  NE2 . GLN A 1 107 ? 6.293   5.753   -8.985  1.00 64.23 ? 105 GLN A NE2 1 
ATOM   747 N  N   . GLU A 1 108 ? 10.161  4.487   -6.584  1.00 60.69 ? 106 GLU A N   1 
ATOM   748 C  CA  . GLU A 1 108 ? 10.137  5.499   -5.528  1.00 58.91 ? 106 GLU A CA  1 
ATOM   749 C  C   . GLU A 1 108 ? 11.282  5.417   -4.485  1.00 57.77 ? 106 GLU A C   1 
ATOM   750 O  O   . GLU A 1 108 ? 11.239  6.102   -3.438  1.00 57.04 ? 106 GLU A O   1 
ATOM   751 C  CB  . GLU A 1 108 ? 8.765   5.476   -4.833  1.00 60.15 ? 106 GLU A CB  1 
ATOM   752 C  CG  . GLU A 1 108 ? 7.619   5.997   -5.716  1.00 60.91 ? 106 GLU A CG  1 
ATOM   753 C  CD  . GLU A 1 108 ? 7.780   7.478   -6.081  1.00 63.37 ? 106 GLU A CD  1 
ATOM   754 O  OE1 . GLU A 1 108 ? 7.794   8.334   -5.151  1.00 62.57 ? 106 GLU A OE1 1 
ATOM   755 O  OE2 . GLU A 1 108 ? 7.884   7.780   -7.307  1.00 64.63 ? 106 GLU A OE2 1 
ATOM   756 N  N   . ASN A 1 109 ? 12.296  4.596   -4.756  1.00 55.52 ? 107 ASN A N   1 
ATOM   757 C  CA  . ASN A 1 109 ? 13.435  4.440   -3.828  1.00 54.49 ? 107 ASN A CA  1 
ATOM   758 C  C   . ASN A 1 109 ? 13.044  4.058   -2.406  1.00 52.58 ? 107 ASN A C   1 
ATOM   759 O  O   . ASN A 1 109 ? 13.475  4.668   -1.441  1.00 52.69 ? 107 ASN A O   1 
ATOM   760 C  CB  . ASN A 1 109 ? 14.291  5.707   -3.801  1.00 54.70 ? 107 ASN A CB  1 
ATOM   761 C  CG  . ASN A 1 109 ? 14.628  6.186   -5.176  1.00 55.74 ? 107 ASN A CG  1 
ATOM   762 O  OD1 . ASN A 1 109 ? 15.421  5.559   -5.892  1.00 57.85 ? 107 ASN A OD1 1 
ATOM   763 N  ND2 . ASN A 1 109 ? 14.036  7.307   -5.569  1.00 58.59 ? 107 ASN A ND2 1 
ATOM   764 N  N   . VAL A 1 110 ? 12.208  3.041   -2.296  1.00 51.18 ? 108 VAL A N   1 
ATOM   765 C  CA  . VAL A 1 110 ? 11.762  2.502   -1.019  1.00 49.24 ? 108 VAL A CA  1 
ATOM   766 C  C   . VAL A 1 110 ? 12.883  1.587   -0.491  1.00 48.93 ? 108 VAL A C   1 
ATOM   767 O  O   . VAL A 1 110 ? 13.484  0.870   -1.270  1.00 47.80 ? 108 VAL A O   1 
ATOM   768 C  CB  . VAL A 1 110 ? 10.476  1.693   -1.264  1.00 49.02 ? 108 VAL A CB  1 
ATOM   769 C  CG1 . VAL A 1 110 ? 10.095  0.794   -0.052  1.00 47.95 ? 108 VAL A CG1 1 
ATOM   770 C  CG2 . VAL A 1 110 ? 9.322   2.652   -1.681  1.00 48.16 ? 108 VAL A CG2 1 
ATOM   771 N  N   . ASP A 1 111 ? 13.155  1.571   0.811   1.00 47.71 ? 109 ASP A N   1 
ATOM   772 C  CA  . ASP A 1 111 ? 14.072  0.524   1.296   1.00 47.70 ? 109 ASP A CA  1 
ATOM   773 C  C   . ASP A 1 111 ? 13.423  -0.451  2.320   1.00 46.34 ? 109 ASP A C   1 
ATOM   774 O  O   . ASP A 1 111 ? 14.064  -1.350  2.811   1.00 46.95 ? 109 ASP A O   1 
ATOM   775 C  CB  . ASP A 1 111 ? 15.360  1.145   1.847   1.00 48.51 ? 109 ASP A CB  1 
ATOM   776 C  CG  . ASP A 1 111 ? 15.081  2.201   2.926   1.00 49.52 ? 109 ASP A CG  1 
ATOM   777 O  OD1 . ASP A 1 111 ? 13.902  2.431   3.248   1.00 50.09 ? 109 ASP A OD1 1 
ATOM   778 O  OD2 . ASP A 1 111 ? 16.027  2.855   3.420   1.00 53.43 ? 109 ASP A OD2 1 
ATOM   779 N  N   . LEU A 1 112 ? 12.159  -0.263  2.645   1.00 45.01 ? 110 LEU A N   1 
ATOM   780 C  CA  . LEU A 1 112 ? 11.420  -1.253  3.422   1.00 44.51 ? 110 LEU A CA  1 
ATOM   781 C  C   . LEU A 1 112 ? 9.983   -1.282  2.881   1.00 44.95 ? 110 LEU A C   1 
ATOM   782 O  O   . LEU A 1 112 ? 9.306   -0.243  2.847   1.00 45.91 ? 110 LEU A O   1 
ATOM   783 C  CB  . LEU A 1 112 ? 11.415  -0.935  4.940   1.00 42.88 ? 110 LEU A CB  1 
ATOM   784 C  CG  . LEU A 1 112 ? 10.599  -1.901  5.827   1.00 43.42 ? 110 LEU A CG  1 
ATOM   785 C  CD1 . LEU A 1 112 ? 11.121  -3.376  5.731   1.00 39.22 ? 110 LEU A CD1 1 
ATOM   786 C  CD2 . LEU A 1 112 ? 10.503  -1.456  7.290   1.00 42.62 ? 110 LEU A CD2 1 
ATOM   787 N  N   . ILE A 1 113 ? 9.540   -2.463  2.446   1.00 44.91 ? 111 ILE A N   1 
ATOM   788 C  CA  . ILE A 1 113 ? 8.130   -2.689  2.155   1.00 43.78 ? 111 ILE A CA  1 
ATOM   789 C  C   . ILE A 1 113 ? 7.470   -3.351  3.350   1.00 44.20 ? 111 ILE A C   1 
ATOM   790 O  O   . ILE A 1 113 ? 8.017   -4.282  3.942   1.00 42.63 ? 111 ILE A O   1 
ATOM   791 C  CB  . ILE A 1 113 ? 7.924   -3.554  0.888   1.00 43.17 ? 111 ILE A CB  1 
ATOM   792 C  CG1 . ILE A 1 113 ? 8.459   -2.841  -0.335  1.00 42.36 ? 111 ILE A CG1 1 
ATOM   793 C  CG2 . ILE A 1 113 ? 6.426   -3.835  0.663   1.00 46.16 ? 111 ILE A CG2 1 
ATOM   794 C  CD1 . ILE A 1 113 ? 8.615   -3.784  -1.571  1.00 42.16 ? 111 ILE A CD1 1 
ATOM   795 N  N   . VAL A 1 114 ? 6.300   -2.833  3.726   1.00 45.53 ? 112 VAL A N   1 
ATOM   796 C  CA  . VAL A 1 114 ? 5.530   -3.402  4.802   1.00 47.11 ? 112 VAL A CA  1 
ATOM   797 C  C   . VAL A 1 114 ? 4.262   -4.039  4.249   1.00 47.68 ? 112 VAL A C   1 
ATOM   798 O  O   . VAL A 1 114 ? 3.482   -3.417  3.551   1.00 47.35 ? 112 VAL A O   1 
ATOM   799 C  CB  . VAL A 1 114 ? 5.177   -2.354  5.904   1.00 48.25 ? 112 VAL A CB  1 
ATOM   800 C  CG1 . VAL A 1 114 ? 4.339   -3.033  7.066   1.00 47.46 ? 112 VAL A CG1 1 
ATOM   801 C  CG2 . VAL A 1 114 ? 6.440   -1.761  6.460   1.00 47.60 ? 112 VAL A CG2 1 
ATOM   802 N  N   . VAL A 1 115 ? 4.056   -5.292  4.598   1.00 49.02 ? 113 VAL A N   1 
ATOM   803 C  CA  . VAL A 1 115 ? 2.850   -5.960  4.216   1.00 51.66 ? 113 VAL A CA  1 
ATOM   804 C  C   . VAL A 1 115 ? 2.226   -6.755  5.394   1.00 53.44 ? 113 VAL A C   1 
ATOM   805 O  O   . VAL A 1 115 ? 2.943   -7.240  6.301   1.00 52.81 ? 113 VAL A O   1 
ATOM   806 C  CB  . VAL A 1 115 ? 3.124   -6.764  2.936   1.00 51.01 ? 113 VAL A CB  1 
ATOM   807 C  CG1 . VAL A 1 115 ? 4.065   -7.966  3.192   1.00 52.22 ? 113 VAL A CG1 1 
ATOM   808 C  CG2 . VAL A 1 115 ? 1.840   -7.100  2.250   1.00 55.44 ? 113 VAL A CG2 1 
ATOM   809 N  N   . GLY A 1 116 ? 0.891   -6.859  5.408   1.00 54.61 ? 114 GLY A N   1 
ATOM   810 C  CA  . GLY A 1 116 ? 0.202   -7.741  6.355   1.00 56.64 ? 114 GLY A CA  1 
ATOM   811 C  C   . GLY A 1 116 ? 0.103   -9.191  5.861   1.00 58.85 ? 114 GLY A C   1 
ATOM   812 O  O   . GLY A 1 116 ? -0.113  -9.426  4.677   1.00 59.10 ? 114 GLY A O   1 
ATOM   813 N  N   . SER A 1 117 ? 0.292   -10.160 6.758   1.00 60.65 ? 115 SER A N   1 
ATOM   814 C  CA  . SER A 1 117 ? -0.208  -11.540 6.557   1.00 63.74 ? 115 SER A CA  1 
ATOM   815 C  C   . SER A 1 117 ? -1.189  -11.830 7.737   1.00 65.52 ? 115 SER A C   1 
ATOM   816 O  O   . SER A 1 117 ? -0.755  -11.827 8.875   1.00 66.21 ? 115 SER A O   1 
ATOM   817 C  CB  . SER A 1 117 ? 0.970   -12.494 6.573   1.00 63.21 ? 115 SER A CB  1 
ATOM   818 O  OG  . SER A 1 117 ? 1.711   -12.322 7.769   1.00 63.69 ? 115 SER A OG  1 
ATOM   819 N  N   . HIS A 1 118 ? -2.468  -12.173 7.545   1.00 67.58 ? 116 HIS A N   1 
ATOM   820 C  CA  . HIS A 1 118 ? -2.985  -13.326 6.758   1.00 69.00 ? 116 HIS A CA  1 
ATOM   821 C  C   . HIS A 1 118 ? -2.039  -14.442 6.370   1.00 69.18 ? 116 HIS A C   1 
ATOM   822 O  O   . HIS A 1 118 ? -2.107  -15.521 6.974   1.00 69.64 ? 116 HIS A O   1 
ATOM   823 C  CB  . HIS A 1 118 ? -3.893  -12.862 5.601   1.00 69.46 ? 116 HIS A CB  1 
ATOM   824 C  CG  . HIS A 1 118 ? -4.853  -11.789 6.027   1.00 71.90 ? 116 HIS A CG  1 
ATOM   825 N  ND1 . HIS A 1 118 ? -4.992  -10.596 5.341   1.00 74.50 ? 116 HIS A ND1 1 
ATOM   826 C  CD2 . HIS A 1 118 ? -5.706  -11.717 7.084   1.00 73.45 ? 116 HIS A CD2 1 
ATOM   827 C  CE1 . HIS A 1 118 ? -5.905  -9.842  5.943   1.00 75.34 ? 116 HIS A CE1 1 
ATOM   828 N  NE2 . HIS A 1 118 ? -6.348  -10.498 7.008   1.00 75.75 ? 116 HIS A NE2 1 
ATOM   829 N  N   . SER A 1 129 ? 0.904   -14.610 1.056   1.00 73.04 ? 127 SER A N   1 
ATOM   830 C  CA  . SER A 1 129 ? 0.106   -14.640 -0.165  1.00 73.25 ? 127 SER A CA  1 
ATOM   831 C  C   . SER A 1 129 ? 0.710   -13.684 -1.182  1.00 73.13 ? 127 SER A C   1 
ATOM   832 O  O   . SER A 1 129 ? 1.703   -13.997 -1.826  1.00 73.03 ? 127 SER A O   1 
ATOM   833 C  CB  . SER A 1 129 ? -1.349  -14.269 0.140   1.00 73.22 ? 127 SER A CB  1 
ATOM   834 N  N   . THR A 1 130 ? 0.094   -12.522 -1.328  1.00 73.41 ? 128 THR A N   1 
ATOM   835 C  CA  . THR A 1 130 ? 0.738   -11.376 -1.931  1.00 74.18 ? 128 THR A CA  1 
ATOM   836 C  C   . THR A 1 130 ? 2.045   -11.106 -1.176  1.00 74.44 ? 128 THR A C   1 
ATOM   837 O  O   . THR A 1 130 ? 3.099   -10.892 -1.790  1.00 74.53 ? 128 THR A O   1 
ATOM   838 C  CB  . THR A 1 130 ? -0.151  -10.141 -1.760  1.00 74.46 ? 128 THR A CB  1 
ATOM   839 O  OG1 . THR A 1 130 ? -1.231  -10.190 -2.698  1.00 74.29 ? 128 THR A OG1 1 
ATOM   840 C  CG2 . THR A 1 130 ? 0.666   -8.832  -1.923  1.00 74.83 ? 128 THR A CG2 1 
ATOM   841 N  N   . ALA A 1 131 ? 1.948   -11.138 0.156   1.00 74.44 ? 129 ALA A N   1 
ATOM   842 C  CA  . ALA A 1 131 ? 3.087   -11.030 1.057   1.00 74.60 ? 129 ALA A CA  1 
ATOM   843 C  C   . ALA A 1 131 ? 4.250   -11.950 0.643   1.00 74.96 ? 129 ALA A C   1 
ATOM   844 O  O   . ALA A 1 131 ? 5.383   -11.488 0.475   1.00 74.96 ? 129 ALA A O   1 
ATOM   845 C  CB  . ALA A 1 131 ? 2.644   -11.316 2.487   1.00 74.29 ? 129 ALA A CB  1 
ATOM   846 N  N   . ASN A 1 132 ? 3.957   -13.237 0.451   1.00 75.31 ? 130 ASN A N   1 
ATOM   847 C  CA  . ASN A 1 132 ? 4.974   -14.227 0.090   1.00 75.55 ? 130 ASN A CA  1 
ATOM   848 C  C   . ASN A 1 132 ? 5.554   -14.044 -1.317  1.00 75.63 ? 130 ASN A C   1 
ATOM   849 O  O   . ASN A 1 132 ? 6.671   -14.494 -1.590  1.00 75.57 ? 130 ASN A O   1 
ATOM   850 C  CB  . ASN A 1 132 ? 4.436   -15.654 0.272   1.00 75.55 ? 130 ASN A CB  1 
ATOM   851 N  N   . SER A 1 133 ? 4.799   -13.389 -2.202  1.00 75.71 ? 131 SER A N   1 
ATOM   852 C  CA  . SER A 1 133 ? 5.261   -13.146 -3.580  1.00 75.71 ? 131 SER A CA  1 
ATOM   853 C  C   . SER A 1 133 ? 6.122   -11.882 -3.641  1.00 75.28 ? 131 SER A C   1 
ATOM   854 O  O   . SER A 1 133 ? 7.169   -11.868 -4.300  1.00 75.56 ? 131 SER A O   1 
ATOM   855 C  CB  . SER A 1 133 ? 4.094   -13.077 -4.581  1.00 75.81 ? 131 SER A CB  1 
ATOM   856 N  N   . VAL A 1 134 ? 5.684   -10.832 -2.947  1.00 74.51 ? 132 VAL A N   1 
ATOM   857 C  CA  . VAL A 1 134 ? 6.485   -9.603  -2.811  1.00 73.71 ? 132 VAL A CA  1 
ATOM   858 C  C   . VAL A 1 134 ? 7.828   -9.915  -2.147  1.00 73.13 ? 132 VAL A C   1 
ATOM   859 O  O   . VAL A 1 134 ? 8.875   -9.374  -2.522  1.00 73.09 ? 132 VAL A O   1 
ATOM   860 C  CB  . VAL A 1 134 ? 5.762   -8.510  -1.993  1.00 73.21 ? 132 VAL A CB  1 
ATOM   861 C  CG1 . VAL A 1 134 ? 6.695   -7.338  -1.753  1.00 72.23 ? 132 VAL A CG1 1 
ATOM   862 C  CG2 . VAL A 1 134 ? 4.524   -8.050  -2.718  1.00 73.86 ? 132 VAL A CG2 1 
ATOM   863 N  N   . LEU A 1 135 ? 7.765   -10.805 -1.167  1.00 72.43 ? 133 LEU A N   1 
ATOM   864 C  CA  . LEU A 1 135 ? 8.919   -11.261 -0.416  1.00 71.41 ? 133 LEU A CA  1 
ATOM   865 C  C   . LEU A 1 135 ? 9.931   -12.032 -1.248  1.00 70.60 ? 133 LEU A C   1 
ATOM   866 O  O   . LEU A 1 135 ? 11.133  -11.962 -0.983  1.00 71.18 ? 133 LEU A O   1 
ATOM   867 C  CB  . LEU A 1 135 ? 8.426   -12.167 0.686   1.00 71.36 ? 133 LEU A CB  1 
ATOM   868 C  CG  . LEU A 1 135 ? 9.046   -11.927 2.036   1.00 71.91 ? 133 LEU A CG  1 
ATOM   869 C  CD1 . LEU A 1 135 ? 7.895   -11.988 2.990   1.00 71.92 ? 133 LEU A CD1 1 
ATOM   870 C  CD2 . LEU A 1 135 ? 10.130  -12.992 2.308   1.00 73.11 ? 133 LEU A CD2 1 
ATOM   871 N  N   . HIS A 1 136 ? 9.445   -12.791 -2.229  1.00 69.12 ? 134 HIS A N   1 
ATOM   872 C  CA  . HIS A 1 136 ? 10.317  -13.643 -3.035  1.00 67.43 ? 134 HIS A CA  1 
ATOM   873 C  C   . HIS A 1 136 ? 10.939  -12.878 -4.204  1.00 66.40 ? 134 HIS A C   1 
ATOM   874 O  O   . HIS A 1 136 ? 11.881  -13.364 -4.832  1.00 66.44 ? 134 HIS A O   1 
ATOM   875 C  CB  . HIS A 1 136 ? 9.551   -14.868 -3.549  1.00 67.51 ? 134 HIS A CB  1 
ATOM   876 N  N   . TYR A 1 137 ? 10.416  -11.685 -4.495  1.00 64.76 ? 135 TYR A N   1 
ATOM   877 C  CA  . TYR A 1 137 ? 10.889  -10.919 -5.653  1.00 63.11 ? 135 TYR A CA  1 
ATOM   878 C  C   . TYR A 1 137 ? 11.327  -9.476  -5.342  1.00 61.67 ? 135 TYR A C   1 
ATOM   879 O  O   . TYR A 1 137 ? 11.805  -8.775  -6.240  1.00 61.21 ? 135 TYR A O   1 
ATOM   880 C  CB  . TYR A 1 137 ? 9.861   -10.969 -6.808  1.00 63.27 ? 135 TYR A CB  1 
ATOM   881 N  N   . ALA A 1 138 ? 11.182  -9.040  -4.083  1.00 60.17 ? 136 ALA A N   1 
ATOM   882 C  CA  . ALA A 1 138 ? 11.524  -7.654  -3.702  1.00 58.70 ? 136 ALA A CA  1 
ATOM   883 C  C   . ALA A 1 138 ? 13.035  -7.446  -3.671  1.00 57.82 ? 136 ALA A C   1 
ATOM   884 O  O   . ALA A 1 138 ? 13.789  -8.359  -3.312  1.00 57.24 ? 136 ALA A O   1 
ATOM   885 C  CB  . ALA A 1 138 ? 10.914  -7.277  -2.372  1.00 58.42 ? 136 ALA A CB  1 
ATOM   886 N  N   . LYS A 1 139 ? 13.472  -6.248  -4.055  1.00 56.81 ? 137 LYS A N   1 
ATOM   887 C  CA  . LYS A 1 139 ? 14.904  -5.942  -4.071  1.00 56.51 ? 137 LYS A CA  1 
ATOM   888 C  C   . LYS A 1 139 ? 15.310  -5.175  -2.822  1.00 55.35 ? 137 LYS A C   1 
ATOM   889 O  O   . LYS A 1 139 ? 16.419  -4.666  -2.727  1.00 56.55 ? 137 LYS A O   1 
ATOM   890 C  CB  . LYS A 1 139 ? 15.310  -5.195  -5.360  1.00 57.25 ? 137 LYS A CB  1 
ATOM   891 N  N   . CYS A 1 140 ? 14.400  -5.106  -1.859  1.00 53.54 ? 138 CYS A N   1 
ATOM   892 C  CA  . CYS A 1 140 ? 14.634  -4.419  -0.602  1.00 51.26 ? 138 CYS A CA  1 
ATOM   893 C  C   . CYS A 1 140 ? 14.070  -5.284  0.531   1.00 49.63 ? 138 CYS A C   1 
ATOM   894 O  O   . CYS A 1 140 ? 13.410  -6.296  0.295   1.00 49.19 ? 138 CYS A O   1 
ATOM   895 C  CB  . CYS A 1 140 ? 13.962  -3.055  -0.641  1.00 51.16 ? 138 CYS A CB  1 
ATOM   896 S  SG  . CYS A 1 140 ? 12.144  -3.123  -0.603  1.00 53.99 ? 138 CYS A SG  1 
ATOM   897 N  N   . ASP A 1 141 ? 14.329  -4.890  1.764   1.00 48.21 ? 139 ASP A N   1 
ATOM   898 C  CA  . ASP A 1 141 ? 13.813  -5.615  2.911   1.00 46.66 ? 139 ASP A CA  1 
ATOM   899 C  C   . ASP A 1 141 ? 12.299  -5.606  2.943   1.00 45.91 ? 139 ASP A C   1 
ATOM   900 O  O   . ASP A 1 141 ? 11.659  -4.642  2.509   1.00 46.78 ? 139 ASP A O   1 
ATOM   901 C  CB  . ASP A 1 141 ? 14.362  -5.003  4.195   1.00 45.66 ? 139 ASP A CB  1 
ATOM   902 C  CG  . ASP A 1 141 ? 15.881  -5.093  4.270   1.00 45.63 ? 139 ASP A CG  1 
ATOM   903 O  OD1 . ASP A 1 141 ? 16.513  -5.575  3.272   1.00 40.30 ? 139 ASP A OD1 1 
ATOM   904 O  OD2 . ASP A 1 141 ? 16.422  -4.690  5.328   1.00 40.99 ? 139 ASP A OD2 1 
ATOM   905 N  N   . VAL A 1 142 ? 11.722  -6.667  3.490   1.00 44.44 ? 140 VAL A N   1 
ATOM   906 C  CA  . VAL A 1 142 ? 10.276  -6.733  3.617   1.00 43.47 ? 140 VAL A CA  1 
ATOM   907 C  C   . VAL A 1 142 ? 9.909   -7.024  5.056   1.00 43.25 ? 140 VAL A C   1 
ATOM   908 O  O   . VAL A 1 142 ? 10.448  -7.943  5.655   1.00 43.95 ? 140 VAL A O   1 
ATOM   909 C  CB  . VAL A 1 142 ? 9.655   -7.852  2.698   1.00 42.73 ? 140 VAL A CB  1 
ATOM   910 C  CG1 . VAL A 1 142 ? 8.116   -7.841  2.806   1.00 41.68 ? 140 VAL A CG1 1 
ATOM   911 C  CG2 . VAL A 1 142 ? 10.065  -7.631  1.256   1.00 42.61 ? 140 VAL A CG2 1 
ATOM   912 N  N   . LEU A 1 143 ? 8.960   -6.260  5.578   1.00 44.74 ? 141 LEU A N   1 
ATOM   913 C  CA  . LEU A 1 143 ? 8.395   -6.490  6.933   1.00 44.97 ? 141 LEU A CA  1 
ATOM   914 C  C   . LEU A 1 143 ? 6.997   -7.077  6.791   1.00 45.55 ? 141 LEU A C   1 
ATOM   915 O  O   . LEU A 1 143 ? 6.100   -6.429  6.276   1.00 45.26 ? 141 LEU A O   1 
ATOM   916 C  CB  . LEU A 1 143 ? 8.378   -5.200  7.797   1.00 42.44 ? 141 LEU A CB  1 
ATOM   917 C  CG  . LEU A 1 143 ? 7.783   -5.353  9.239   1.00 44.49 ? 141 LEU A CG  1 
ATOM   918 C  CD1 . LEU A 1 143 ? 8.574   -6.245  10.156  1.00 40.37 ? 141 LEU A CD1 1 
ATOM   919 C  CD2 . LEU A 1 143 ? 7.593   -3.988  9.973   1.00 43.94 ? 141 LEU A CD2 1 
ATOM   920 N  N   . ALA A 1 144 ? 6.835   -8.316  7.232   1.00 46.00 ? 142 ALA A N   1 
ATOM   921 C  CA  . ALA A 1 144 ? 5.546   -8.957  7.174   1.00 46.90 ? 142 ALA A CA  1 
ATOM   922 C  C   . ALA A 1 144 ? 4.946   -8.909  8.562   1.00 48.02 ? 142 ALA A C   1 
ATOM   923 O  O   . ALA A 1 144 ? 5.483   -9.493  9.511   1.00 48.52 ? 142 ALA A O   1 
ATOM   924 C  CB  . ALA A 1 144 ? 5.648   -10.440 6.651   1.00 45.37 ? 142 ALA A CB  1 
ATOM   925 N  N   . VAL A 1 145 ? 3.818   -8.219  8.644   1.00 49.94 ? 143 VAL A N   1 
ATOM   926 C  CA  . VAL A 1 145 ? 3.107   -7.965  9.873   1.00 52.05 ? 143 VAL A CA  1 
ATOM   927 C  C   . VAL A 1 145 ? 1.950   -8.961  10.019  1.00 53.45 ? 143 VAL A C   1 
ATOM   928 O  O   . VAL A 1 145 ? 1.056   -8.989  9.187   1.00 53.64 ? 143 VAL A O   1 
ATOM   929 C  CB  . VAL A 1 145 ? 2.573   -6.507  9.893   1.00 51.18 ? 143 VAL A CB  1 
ATOM   930 C  CG1 . VAL A 1 145 ? 1.625   -6.274  11.087  1.00 51.62 ? 143 VAL A CG1 1 
ATOM   931 C  CG2 . VAL A 1 145 ? 3.719   -5.543  9.957   1.00 50.82 ? 143 VAL A CG2 1 
ATOM   932 N  N   . ARG A 1 146 ? 2.003   -9.786  11.065  1.00 55.57 ? 144 ARG A N   1 
ATOM   933 C  CA  . ARG A 1 146 ? 0.938   -10.731 11.396  1.00 57.74 ? 144 ARG A CA  1 
ATOM   934 C  C   . ARG A 1 146 ? -0.360  -9.987  11.802  1.00 59.74 ? 144 ARG A C   1 
ATOM   935 O  O   . ARG A 1 146 ? -0.337  -9.119  12.676  1.00 60.57 ? 144 ARG A O   1 
ATOM   936 C  CB  . ARG A 1 146 ? 1.408   -11.685 12.493  1.00 57.91 ? 144 ARG A CB  1 
ATOM   937 N  N   . LEU A 1 147 ? -1.459  -10.301 11.114  1.00 61.91 ? 145 LEU A N   1 
ATOM   938 C  CA  . LEU A 1 147 ? -2.771  -9.638  11.258  1.00 64.61 ? 145 LEU A CA  1 
ATOM   939 C  C   . LEU A 1 147 ? -3.738  -10.401 12.161  1.00 65.24 ? 145 LEU A C   1 
ATOM   940 O  O   . LEU A 1 147 ? -3.306  -11.015 13.135  1.00 67.30 ? 145 LEU A O   1 
ATOM   941 C  CB  . LEU A 1 147 ? -3.439  -9.484  9.882   1.00 64.83 ? 145 LEU A CB  1 
ATOM   942 C  CG  . LEU A 1 147 ? -2.669  -8.589  8.909   1.00 65.52 ? 145 LEU A CG  1 
ATOM   943 C  CD1 . LEU A 1 147 ? -3.360  -8.516  7.553   1.00 64.54 ? 145 LEU A CD1 1 
ATOM   944 C  CD2 . LEU A 1 147 ? -2.492  -7.237  9.502   1.00 64.16 ? 145 LEU A CD2 1 
HETATM 945 CL CL  . CL  B 2 .   ? -2.231  -4.058  -2.073  1.00 81.55 ? 149 CL  A CL  1 
HETATM 946 CL CL  . CL  C 2 .   ? -18.886 -1.720  -13.546 1.00 85.55 ? 150 CL  A CL  1 
HETATM 947 O  O   . HOH D 3 .   ? -14.224 11.575  -1.830  1.00 50.31 ? 151 HOH A O   1 
HETATM 948 O  O   . HOH D 3 .   ? -9.061  13.860  2.659   1.00 45.99 ? 152 HOH A O   1 
HETATM 949 O  O   . HOH D 3 .   ? 16.314  -2.742  1.994   1.00 55.71 ? 153 HOH A O   1 
HETATM 950 O  O   . HOH D 3 .   ? 5.451   9.012   10.968  1.00 49.50 ? 154 HOH A O   1 
HETATM 951 O  O   . HOH D 3 .   ? 15.367  9.520   6.423   1.00 56.28 ? 155 HOH A O   1 
HETATM 952 O  O   . HOH D 3 .   ? -18.200 9.258   -15.094 1.00 47.27 ? 156 HOH A O   1 
HETATM 953 O  O   . HOH D 3 .   ? -9.357  2.682   5.208   1.00 55.10 ? 157 HOH A O   1 
HETATM 954 O  O   . HOH D 3 .   ? -3.675  -4.288  5.452   1.00 62.25 ? 158 HOH A O   1 
HETATM 955 O  O   . HOH D 3 .   ? -2.185  12.021  -6.993  1.00 75.37 ? 159 HOH A O   1 
HETATM 956 O  O   . HOH D 3 .   ? 3.773   -6.617  17.323  1.00 67.44 ? 160 HOH A O   1 
HETATM 957 O  O   . HOH D 3 .   ? -11.801 12.099  -6.692  1.00 74.93 ? 161 HOH A O   1 
HETATM 958 O  O   . HOH D 3 .   ? -5.534  4.015   12.477  1.00 61.15 ? 162 HOH A O   1 
HETATM 959 O  O   . HOH D 3 .   ? -0.471  9.028   -7.147  1.00 78.07 ? 163 HOH A O   1 
HETATM 960 O  O   . HOH D 3 .   ? 2.852   0.399   17.640  1.00 65.22 ? 164 HOH A O   1 
HETATM 961 O  O   . HOH D 3 .   ? -20.601 -5.594  -24.955 1.00 54.92 ? 165 HOH A O   1 
HETATM 962 O  O   . HOH D 3 .   ? -6.547  4.820   9.519   1.00 62.56 ? 166 HOH A O   1 
HETATM 963 O  O   . HOH D 3 .   ? -6.308  14.545  1.988   1.00 50.88 ? 167 HOH A O   1 
HETATM 964 O  O   . HOH D 3 .   ? 13.439  -9.697  0.179   1.00 66.70 ? 168 HOH A O   1 
HETATM 965 O  O   . HOH D 3 .   ? -0.532  -2.485  16.223  1.00 70.59 ? 169 HOH A O   1 
HETATM 966 O  O   . HOH D 3 .   ? -12.923 2.196   6.734   1.00 53.22 ? 170 HOH A O   1 
HETATM 967 O  O   . HOH D 3 .   ? -5.567  10.822  -1.086  1.00 54.36 ? 171 HOH A O   1 
HETATM 968 O  O   . HOH D 3 .   ? 14.678  4.000   -7.734  1.00 89.64 ? 172 HOH A O   1 
HETATM 969 O  O   . HOH D 3 .   ? -1.254  14.285  -6.459  1.00 80.95 ? 173 HOH A O   1 
HETATM 970 O  O   . HOH D 3 .   ? -6.241  13.141  -1.931  1.00 61.71 ? 174 HOH A O   1 
HETATM 971 O  O   . HOH D 3 .   ? 19.276  9.655   8.883   1.00 80.22 ? 175 HOH A O   1 
HETATM 972 O  O   . HOH D 3 .   ? -18.540 9.133   -9.266  1.00 79.88 ? 176 HOH A O   1 
HETATM 973 O  O   . HOH D 3 .   ? -11.999 -2.937  -0.712  1.00 67.79 ? 177 HOH A O   1 
HETATM 974 O  O   . HOH D 3 .   ? -9.714  12.398  0.361   1.00 53.84 ? 178 HOH A O   1 
HETATM 975 O  O   . HOH D 3 .   ? -3.409  -10.248 -0.720  1.00 90.11 ? 179 HOH A O   1 
HETATM 976 O  O   . HOH D 3 .   ? -11.244 0.734   4.996   1.00 71.65 ? 180 HOH A O   1 
HETATM 977 O  O   . HOH D 3 .   ? -3.293  17.298  -0.239  1.00 72.16 ? 181 HOH A O   1 
HETATM 978 O  O   . HOH D 3 .   ? -3.370  15.556  2.541   1.00 58.57 ? 182 HOH A O   1 
HETATM 979 O  O   . HOH D 3 .   ? 11.967  -3.738  -4.747  1.00 78.37 ? 183 HOH A O   1 
HETATM 980 O  O   . HOH D 3 .   ? 1.460   -8.533  14.582  1.00 54.13 ? 184 HOH A O   1 
HETATM 981 O  O   . HOH D 3 .   ? 0.368   -5.866  -12.827 1.00 61.21 ? 185 HOH A O   1 
HETATM 982 O  O   . HOH D 3 .   ? -7.348  8.787   -2.364  1.00 54.66 ? 186 HOH A O   1 
HETATM 983 O  O   . HOH D 3 .   ? -2.099  10.106  13.083  1.00 63.11 ? 187 HOH A O   1 
HETATM 984 O  O   . HOH D 3 .   ? -29.557 -3.621  -23.283 1.00 76.30 ? 188 HOH A O   1 
HETATM 985 O  O   . HOH D 3 .   ? -2.028  -12.506 3.065   1.00 91.70 ? 189 HOH A O   1 
HETATM 986 O  O   . HOH D 3 .   ? -21.354 2.793   -18.926 1.00 54.54 ? 190 HOH A O   1 
# 
